data_8JPG
#
_entry.id   8JPG
#
_cell.length_a   1.00
_cell.length_b   1.00
_cell.length_c   1.00
_cell.angle_alpha   90.00
_cell.angle_beta   90.00
_cell.angle_gamma   90.00
#
_symmetry.space_group_name_H-M   'P 1'
#
loop_
_entity.id
_entity.type
_entity.pdbx_description
1 polymer 'Protein ERGIC-53'
2 polymer 'Multiple coagulation factor deficiency protein 2'
3 non-polymer 'CALCIUM ION'
4 non-polymer 'ZINC ION'
#
loop_
_entity_poly.entity_id
_entity_poly.type
_entity_poly.pdbx_seq_one_letter_code
_entity_poly.pdbx_strand_id
1 'polypeptide(L)'
;MAGSRQRGLRARVRPLFCALLLSLGRFVRGDGVGGDPAVALPHRRFEYKYSFKGPHLVQSDGTVPFWAHAGNAIPSSDQI
RVAPSLKSQRGSVWTKTKAAFENWEVEVTFRVTGRGRIGADGLAIWYAENQGLEGPVFGSADLWNGVGIFFDSFDNDGKK
NNPAIVIIGNNGQIHYDHQNDGASQALASCQRDFRNKPYPVRAKITYYQNTLTVMINNGFTPDKNDYEFCAKVENMIIPA
QGHFGISAATGGLADDHDVLSFLTFQLTEPGKEPPTPDKEISEKEKEKYQEEFEHFQQELDKKKEEFQKGHPDLQGQPAE
EIFESVGDRELRQVFEGQNRIHLEIKQLNRQLDMILDEQRRYVSSLTEEISKRGAGMPGQHGQITQQELDTVVKTQHEIL
RQVNEMKNSMSETVRLVSGMQHPGSAGGVYETTQHFIDIKEHLHIVKRDIDNLVQRNMPSNEKPKCPELPPFPSCLSTVH
FIIFVVVQTVLFIGYIMYRSQQEAAAKKFFGVAMPGAEDDVV
;
A,B,E,F
2 'polypeptide(L)'
;GSHMEEPAASFSQPGSMGLDKNTVHDQEHIMEHLEGVINKPEAEMSPQELQLHYFKMHDYDGNNLLDGLELSTAITHVHK
EEGSEQAPLMSEDELINIIDGVLRDDDKNNDGYIDYAEFAKSLQ
;
C,G,D,H
#
loop_
_chem_comp.id
_chem_comp.type
_chem_comp.name
_chem_comp.formula
CA non-polymer 'CALCIUM ION' 'Ca 2'
ZN non-polymer 'ZINC ION' 'Zn 2'
#
# COMPACT_ATOMS: atom_id res chain seq x y z
N PRO A 42 59.96 59.77 -10.08
CA PRO A 42 59.54 60.01 -11.45
C PRO A 42 58.30 60.89 -11.52
N HIS A 43 58.40 62.05 -12.15
CA HIS A 43 57.21 62.86 -12.36
C HIS A 43 56.30 62.17 -13.36
N ARG A 44 54.99 62.26 -13.11
CA ARG A 44 53.99 61.65 -13.95
C ARG A 44 53.08 62.72 -14.51
N ARG A 45 52.81 62.67 -15.81
CA ARG A 45 51.88 63.60 -16.43
C ARG A 45 50.78 62.82 -17.14
N PHE A 46 49.54 63.10 -16.81
CA PHE A 46 48.41 62.46 -17.47
C PHE A 46 48.32 62.92 -18.92
N GLU A 47 47.94 62.01 -19.81
CA GLU A 47 47.81 62.30 -21.23
C GLU A 47 46.40 61.96 -21.66
N TYR A 48 45.55 63.00 -21.78
CA TYR A 48 44.20 62.80 -22.28
C TYR A 48 44.19 62.42 -23.76
N LYS A 49 45.29 62.70 -24.47
CA LYS A 49 45.39 62.39 -25.89
C LYS A 49 45.48 60.90 -26.16
N TYR A 50 45.81 60.09 -25.16
CA TYR A 50 45.97 58.66 -25.34
C TYR A 50 45.21 57.87 -24.27
N SER A 51 44.19 58.47 -23.66
CA SER A 51 43.47 57.84 -22.57
C SER A 51 41.97 57.89 -22.84
N PHE A 52 41.24 57.01 -22.17
CA PHE A 52 39.78 57.10 -22.17
C PHE A 52 39.22 56.51 -20.89
N LYS A 53 38.02 56.94 -20.55
CA LYS A 53 37.37 56.59 -19.29
C LYS A 53 35.90 56.94 -19.41
N GLY A 54 35.14 56.61 -18.37
CA GLY A 54 33.77 57.03 -18.27
C GLY A 54 33.66 58.44 -17.72
N PRO A 55 32.44 58.86 -17.37
CA PRO A 55 31.18 58.14 -17.45
C PRO A 55 30.55 58.27 -18.83
N HIS A 56 31.23 59.00 -19.72
CA HIS A 56 30.78 59.17 -21.09
C HIS A 56 32.00 58.86 -21.96
N LEU A 57 32.21 57.57 -22.20
CA LEU A 57 33.39 57.15 -22.94
C LEU A 57 33.22 57.31 -24.44
N VAL A 58 32.01 57.13 -24.94
CA VAL A 58 31.71 57.42 -26.34
C VAL A 58 31.09 58.80 -26.41
N GLN A 59 31.20 59.43 -27.56
CA GLN A 59 30.67 60.77 -27.75
C GLN A 59 29.21 60.67 -28.19
N SER A 60 28.67 61.80 -28.67
CA SER A 60 27.30 61.82 -29.16
C SER A 60 27.13 60.95 -30.39
N ASP A 61 28.17 60.89 -31.24
CA ASP A 61 28.16 59.97 -32.36
C ASP A 61 28.41 58.53 -31.94
N GLY A 62 28.77 58.29 -30.68
CA GLY A 62 29.10 56.97 -30.22
C GLY A 62 30.52 56.54 -30.48
N THR A 63 31.37 57.44 -30.96
CA THR A 63 32.75 57.12 -31.26
C THR A 63 33.64 57.51 -30.09
N VAL A 64 34.83 56.92 -30.05
CA VAL A 64 35.80 57.27 -29.02
C VAL A 64 36.74 58.33 -29.57
N PRO A 65 36.94 59.45 -28.87
CA PRO A 65 37.99 60.39 -29.26
C PRO A 65 39.35 59.74 -29.10
N PHE A 66 40.27 60.13 -30.00
CA PHE A 66 41.68 59.73 -30.01
C PHE A 66 41.89 58.24 -30.22
N TRP A 67 40.82 57.49 -30.45
CA TRP A 67 40.92 56.05 -30.55
C TRP A 67 39.97 55.58 -31.65
N ALA A 68 40.50 54.80 -32.59
CA ALA A 68 39.72 54.20 -33.65
C ALA A 68 39.52 52.72 -33.34
N HIS A 69 38.29 52.25 -33.48
CA HIS A 69 37.93 50.88 -33.19
C HIS A 69 37.57 50.13 -34.45
N ALA A 70 37.87 48.83 -34.45
CA ALA A 70 37.53 47.97 -35.57
C ALA A 70 37.32 46.54 -35.06
N GLY A 71 36.74 45.72 -35.93
CA GLY A 71 36.40 44.37 -35.59
C GLY A 71 35.22 44.29 -34.64
N ASN A 72 35.28 43.38 -33.68
CA ASN A 72 34.19 43.14 -32.74
C ASN A 72 34.26 44.04 -31.52
N ALA A 73 35.03 45.13 -31.59
CA ALA A 73 35.10 46.08 -30.49
C ALA A 73 33.80 46.85 -30.38
N ILE A 74 33.19 46.81 -29.20
CA ILE A 74 31.90 47.46 -28.99
C ILE A 74 32.05 48.55 -27.93
N PRO A 75 32.27 49.81 -28.34
CA PRO A 75 32.48 50.89 -27.37
C PRO A 75 31.16 51.40 -26.81
N SER A 76 31.10 51.55 -25.49
CA SER A 76 29.96 52.12 -24.80
C SER A 76 30.41 53.36 -24.03
N SER A 77 29.45 54.04 -23.41
CA SER A 77 29.75 55.27 -22.68
C SER A 77 30.49 55.00 -21.37
N ASP A 78 30.50 53.75 -20.91
CA ASP A 78 31.24 53.39 -19.71
C ASP A 78 32.48 52.56 -20.00
N GLN A 79 32.43 51.73 -21.04
CA GLN A 79 33.47 50.75 -21.29
C GLN A 79 33.47 50.43 -22.78
N ILE A 80 34.33 49.50 -23.18
CA ILE A 80 34.31 48.96 -24.53
C ILE A 80 34.24 47.46 -24.42
N ARG A 81 33.23 46.85 -25.03
CA ARG A 81 33.21 45.40 -25.18
C ARG A 81 34.08 45.08 -26.38
N VAL A 82 35.37 44.90 -26.12
CA VAL A 82 36.32 44.67 -27.21
C VAL A 82 36.05 43.33 -27.88
N ALA A 83 35.77 42.30 -27.09
CA ALA A 83 35.37 41.01 -27.61
C ALA A 83 34.21 40.49 -26.78
N PRO A 84 33.01 40.39 -27.35
CA PRO A 84 31.88 39.87 -26.59
C PRO A 84 31.97 38.37 -26.40
N SER A 85 31.05 37.86 -25.58
CA SER A 85 30.97 36.43 -25.28
C SER A 85 30.25 35.70 -26.42
N LEU A 86 30.91 35.69 -27.58
CA LEU A 86 30.42 34.99 -28.76
C LEU A 86 31.59 34.31 -29.43
N LYS A 87 31.30 33.29 -30.24
CA LYS A 87 32.37 32.54 -30.86
C LYS A 87 33.03 33.34 -31.98
N SER A 88 34.37 33.32 -31.98
CA SER A 88 35.21 33.96 -32.98
C SER A 88 34.93 35.46 -33.07
N GLN A 89 35.14 36.14 -31.95
CA GLN A 89 35.03 37.58 -31.88
C GLN A 89 36.42 38.18 -31.83
N ARG A 90 36.69 39.15 -32.70
CA ARG A 90 37.98 39.83 -32.75
C ARG A 90 37.71 41.32 -32.79
N GLY A 91 38.11 42.03 -31.73
CA GLY A 91 37.95 43.45 -31.68
C GLY A 91 39.23 44.13 -31.28
N SER A 92 39.34 45.41 -31.63
CA SER A 92 40.55 46.15 -31.28
C SER A 92 40.26 47.64 -31.33
N VAL A 93 40.87 48.37 -30.40
CA VAL A 93 40.76 49.81 -30.33
C VAL A 93 42.18 50.37 -30.21
N TRP A 94 42.56 51.23 -31.15
CA TRP A 94 43.91 51.78 -31.17
C TRP A 94 43.86 53.29 -31.04
N THR A 95 44.97 53.86 -30.57
CA THR A 95 45.11 55.30 -30.52
C THR A 95 45.04 55.88 -31.93
N LYS A 96 44.23 56.93 -32.09
CA LYS A 96 44.26 57.66 -33.36
C LYS A 96 45.59 58.36 -33.57
N THR A 97 46.23 58.79 -32.48
CA THR A 97 47.48 59.54 -32.53
C THR A 97 48.63 58.65 -32.10
N LYS A 98 49.75 58.76 -32.80
CA LYS A 98 50.96 58.06 -32.40
C LYS A 98 51.58 58.74 -31.19
N ALA A 99 51.97 57.94 -30.20
CA ALA A 99 52.55 58.46 -28.97
C ALA A 99 54.06 58.25 -28.99
N ALA A 100 54.81 59.32 -28.75
CA ALA A 100 56.27 59.30 -28.75
C ALA A 100 56.74 59.67 -27.34
N PHE A 101 56.82 58.69 -26.46
CA PHE A 101 57.26 58.89 -25.09
C PHE A 101 58.46 58.00 -24.81
N GLU A 102 59.43 58.55 -24.07
CA GLU A 102 60.61 57.77 -23.70
C GLU A 102 60.26 56.78 -22.58
N ASN A 103 59.87 57.30 -21.42
CA ASN A 103 59.40 56.49 -20.31
C ASN A 103 57.96 56.88 -20.00
N TRP A 104 57.17 55.88 -19.62
CA TRP A 104 55.73 56.11 -19.47
C TRP A 104 55.13 55.04 -18.57
N GLU A 105 53.92 55.32 -18.11
CA GLU A 105 53.14 54.38 -17.34
C GLU A 105 51.72 54.34 -17.88
N VAL A 106 51.14 53.15 -17.91
CA VAL A 106 49.80 52.92 -18.44
C VAL A 106 49.01 52.13 -17.41
N GLU A 107 47.82 52.63 -17.06
CA GLU A 107 46.94 51.96 -16.13
C GLU A 107 45.65 51.58 -16.85
N VAL A 108 45.29 50.30 -16.76
CA VAL A 108 44.16 49.74 -17.47
C VAL A 108 43.21 49.10 -16.46
N THR A 109 41.92 49.39 -16.59
CA THR A 109 40.90 48.76 -15.78
C THR A 109 39.95 48.00 -16.69
N PHE A 110 39.75 46.71 -16.40
CA PHE A 110 39.04 45.86 -17.34
C PHE A 110 38.38 44.71 -16.61
N ARG A 111 37.49 44.03 -17.32
CA ARG A 111 36.84 42.81 -16.84
C ARG A 111 36.75 41.79 -17.95
N VAL A 112 37.20 40.58 -17.67
CA VAL A 112 36.94 39.42 -18.52
C VAL A 112 36.05 38.48 -17.72
N THR A 113 34.86 38.21 -18.26
CA THR A 113 33.85 37.44 -17.55
C THR A 113 33.24 36.41 -18.47
N GLY A 114 33.41 35.14 -18.11
CA GLY A 114 32.80 34.05 -18.87
C GLY A 114 32.17 33.05 -17.93
N ARG A 115 31.05 32.47 -18.39
CA ARG A 115 30.35 31.47 -17.59
C ARG A 115 31.20 30.22 -17.41
N GLY A 116 31.85 29.78 -18.47
CA GLY A 116 32.74 28.64 -18.35
C GLY A 116 34.00 29.00 -17.57
N ARG A 117 34.48 28.05 -16.78
CA ARG A 117 35.72 28.26 -16.05
C ARG A 117 36.91 28.38 -16.99
N ILE A 118 36.85 27.69 -18.12
CA ILE A 118 37.86 27.81 -19.17
C ILE A 118 37.45 28.97 -20.06
N GLY A 119 38.43 29.74 -20.52
CA GLY A 119 38.15 30.90 -21.33
C GLY A 119 38.98 30.91 -22.61
N ALA A 120 38.39 31.50 -23.65
CA ALA A 120 39.05 31.68 -24.93
C ALA A 120 38.50 32.97 -25.54
N ASP A 121 39.37 33.70 -26.24
CA ASP A 121 40.79 33.46 -26.44
C ASP A 121 41.59 34.22 -25.41
N GLY A 122 41.33 35.51 -25.32
CA GLY A 122 42.00 36.34 -24.35
C GLY A 122 42.07 37.78 -24.80
N LEU A 123 43.04 38.48 -24.23
CA LEU A 123 43.21 39.91 -24.42
C LEU A 123 44.68 40.20 -24.73
N ALA A 124 44.93 41.35 -25.35
CA ALA A 124 46.27 41.80 -25.63
C ALA A 124 46.29 43.31 -25.64
N ILE A 125 47.32 43.90 -25.05
CA ILE A 125 47.57 45.33 -25.16
C ILE A 125 48.93 45.52 -25.81
N TRP A 126 49.02 46.41 -26.80
CA TRP A 126 50.30 46.51 -27.55
C TRP A 126 50.82 47.93 -27.72
N TYR A 127 52.10 48.17 -27.42
CA TYR A 127 52.73 49.48 -27.77
C TYR A 127 53.42 49.20 -29.10
N ALA A 128 52.65 49.16 -30.18
CA ALA A 128 53.16 48.73 -31.48
C ALA A 128 53.24 49.93 -32.41
N GLU A 129 54.30 49.98 -33.21
CA GLU A 129 54.54 51.12 -34.09
C GLU A 129 53.42 51.27 -35.11
N ASN A 130 52.80 50.17 -35.51
CA ASN A 130 51.67 50.19 -36.44
C ASN A 130 50.40 49.80 -35.71
N GLN A 131 49.28 50.33 -36.19
CA GLN A 131 47.97 49.99 -35.62
C GLN A 131 47.50 48.69 -36.24
N GLY A 132 47.81 47.58 -35.58
CA GLY A 132 47.33 46.28 -36.02
C GLY A 132 45.92 46.03 -35.55
N LEU A 133 44.95 46.64 -36.22
CA LEU A 133 43.54 46.51 -35.81
C LEU A 133 43.05 45.08 -35.96
N GLU A 134 43.41 44.39 -37.03
CA GLU A 134 42.83 43.08 -37.27
C GLU A 134 43.92 42.07 -37.58
N GLY A 135 43.71 40.85 -37.09
CA GLY A 135 44.60 39.75 -37.35
C GLY A 135 44.32 38.59 -36.42
N PRO A 136 45.17 37.58 -36.45
CA PRO A 136 44.89 36.35 -35.69
C PRO A 136 45.25 36.45 -34.22
N VAL A 137 46.25 37.25 -33.88
CA VAL A 137 46.79 37.28 -32.53
C VAL A 137 45.88 38.17 -31.70
N PHE A 138 44.99 37.54 -30.93
CA PHE A 138 44.04 38.19 -30.02
C PHE A 138 43.15 39.19 -30.74
N GLY A 139 42.89 38.95 -32.03
CA GLY A 139 42.19 39.93 -32.84
C GLY A 139 43.07 40.98 -33.46
N SER A 140 44.38 40.93 -33.25
CA SER A 140 45.31 41.87 -33.85
C SER A 140 46.30 41.13 -34.72
N ALA A 141 46.90 41.87 -35.64
CA ALA A 141 47.85 41.29 -36.58
C ALA A 141 49.12 40.83 -35.87
N ASP A 142 49.70 39.76 -36.39
CA ASP A 142 50.99 39.27 -35.91
C ASP A 142 52.11 40.12 -36.49
N LEU A 143 53.35 39.74 -36.16
CA LEU A 143 54.57 40.28 -36.77
C LEU A 143 54.71 41.78 -36.50
N TRP A 144 54.20 42.22 -35.35
CA TRP A 144 54.19 43.64 -35.03
C TRP A 144 55.57 44.11 -34.61
N ASN A 145 55.82 45.40 -34.83
CA ASN A 145 57.02 46.04 -34.31
C ASN A 145 56.61 46.81 -33.05
N GLY A 146 57.05 46.32 -31.92
CA GLY A 146 56.69 46.86 -30.64
C GLY A 146 56.64 45.75 -29.61
N VAL A 147 55.75 45.91 -28.63
CA VAL A 147 55.61 44.98 -27.53
C VAL A 147 54.13 44.67 -27.35
N GLY A 148 53.84 43.40 -27.03
CA GLY A 148 52.50 42.99 -26.68
C GLY A 148 52.45 42.26 -25.35
N ILE A 149 51.51 42.66 -24.49
CA ILE A 149 51.17 41.93 -23.29
C ILE A 149 49.91 41.13 -23.59
N PHE A 150 49.94 39.85 -23.21
CA PHE A 150 48.92 38.90 -23.62
C PHE A 150 48.32 38.25 -22.38
N PHE A 151 47.03 38.45 -22.20
CA PHE A 151 46.26 37.83 -21.12
C PHE A 151 45.59 36.63 -21.78
N ASP A 152 46.23 35.46 -21.65
CA ASP A 152 45.77 34.26 -22.32
C ASP A 152 45.15 33.31 -21.29
N SER A 153 43.83 33.15 -21.35
CA SER A 153 43.15 32.20 -20.49
C SER A 153 43.22 30.77 -21.01
N PHE A 154 43.46 30.60 -22.31
CA PHE A 154 43.41 29.28 -22.92
C PHE A 154 44.81 28.69 -22.99
N ASP A 155 44.95 27.45 -22.53
CA ASP A 155 46.24 26.77 -22.54
C ASP A 155 46.28 25.80 -23.72
N ASN A 156 46.48 26.37 -24.91
CA ASN A 156 46.60 25.56 -26.12
C ASN A 156 47.83 24.67 -26.10
N ASP A 157 48.88 25.09 -25.39
CA ASP A 157 50.07 24.30 -25.24
C ASP A 157 49.85 23.03 -24.41
N GLY A 158 48.74 22.94 -23.68
CA GLY A 158 48.54 21.81 -22.80
C GLY A 158 49.45 21.78 -21.60
N LYS A 159 50.04 22.92 -21.25
CA LYS A 159 51.07 23.01 -20.23
C LYS A 159 50.54 23.50 -18.89
N LYS A 160 49.23 23.71 -18.77
CA LYS A 160 48.50 24.16 -17.58
C LYS A 160 48.87 25.59 -17.20
N ASN A 161 49.71 26.27 -17.99
CA ASN A 161 50.18 27.60 -17.67
C ASN A 161 49.09 28.66 -17.66
N ASN A 162 48.06 28.48 -18.44
CA ASN A 162 47.08 29.53 -18.61
C ASN A 162 45.93 29.37 -17.61
N PRO A 163 45.29 30.48 -17.18
CA PRO A 163 45.43 31.89 -17.58
C PRO A 163 46.73 32.54 -17.14
N ALA A 164 47.54 32.94 -18.11
CA ALA A 164 48.83 33.55 -17.84
C ALA A 164 48.89 34.90 -18.54
N ILE A 165 49.91 35.68 -18.19
CA ILE A 165 50.10 37.02 -18.72
C ILE A 165 51.53 37.08 -19.26
N VAL A 166 51.67 37.27 -20.57
CA VAL A 166 52.94 37.06 -21.26
C VAL A 166 53.40 38.37 -21.89
N ILE A 167 54.62 38.79 -21.54
CA ILE A 167 55.31 39.86 -22.24
C ILE A 167 56.04 39.24 -23.42
N ILE A 168 55.68 39.65 -24.64
CA ILE A 168 56.43 39.30 -25.84
C ILE A 168 56.66 40.57 -26.64
N GLY A 169 57.92 40.91 -26.86
CA GLY A 169 58.25 42.04 -27.69
C GLY A 169 58.77 41.59 -29.04
N ASN A 170 58.07 41.97 -30.10
CA ASN A 170 58.42 41.54 -31.44
C ASN A 170 59.00 42.73 -32.18
N ASN A 171 60.17 42.53 -32.79
CA ASN A 171 60.74 43.53 -33.67
C ASN A 171 59.98 43.67 -34.98
N GLY A 172 59.09 42.72 -35.29
CA GLY A 172 58.38 42.73 -36.54
C GLY A 172 58.66 41.47 -37.32
N GLN A 173 59.44 40.56 -36.71
CA GLN A 173 59.96 39.40 -37.42
C GLN A 173 59.69 38.10 -36.66
N ILE A 174 58.72 38.09 -35.76
CA ILE A 174 58.39 36.90 -34.98
C ILE A 174 56.94 36.54 -35.23
N HIS A 175 56.71 35.30 -35.65
CA HIS A 175 55.36 34.76 -35.73
C HIS A 175 54.94 34.26 -34.35
N TYR A 176 53.74 34.62 -33.94
CA TYR A 176 53.26 34.21 -32.62
C TYR A 176 52.65 32.82 -32.70
N ASP A 177 53.21 31.90 -31.92
CA ASP A 177 52.73 30.52 -31.88
C ASP A 177 51.66 30.41 -30.81
N HIS A 178 50.40 30.53 -31.21
CA HIS A 178 49.31 30.37 -30.26
C HIS A 178 49.12 28.91 -29.86
N GLN A 179 49.58 27.97 -30.70
CA GLN A 179 49.42 26.56 -30.38
C GLN A 179 50.25 26.18 -29.17
N ASN A 180 51.45 26.74 -29.04
CA ASN A 180 52.21 26.68 -27.80
C ASN A 180 51.97 27.90 -26.93
N ASP A 181 51.01 28.75 -27.30
CA ASP A 181 50.66 29.97 -26.59
C ASP A 181 51.85 30.92 -26.49
N GLY A 182 52.75 30.86 -27.46
CA GLY A 182 53.94 31.70 -27.47
C GLY A 182 54.89 31.40 -26.33
N ALA A 183 55.04 30.13 -25.97
CA ALA A 183 55.93 29.78 -24.86
C ALA A 183 57.39 29.99 -25.24
N SER A 184 57.74 29.71 -26.49
CA SER A 184 59.14 29.82 -26.91
C SER A 184 59.60 31.28 -26.94
N GLN A 185 58.80 32.16 -27.54
CA GLN A 185 59.15 33.57 -27.65
C GLN A 185 58.66 34.39 -26.47
N ALA A 186 58.25 33.74 -25.39
CA ALA A 186 57.80 34.43 -24.19
C ALA A 186 59.00 35.12 -23.57
N LEU A 187 59.09 36.45 -23.73
CA LEU A 187 60.14 37.21 -23.07
C LEU A 187 59.95 37.16 -21.55
N ALA A 188 58.70 37.25 -21.10
CA ALA A 188 58.42 37.01 -19.69
C ALA A 188 56.99 36.51 -19.57
N SER A 189 56.69 35.89 -18.43
CA SER A 189 55.34 35.44 -18.17
C SER A 189 55.09 35.42 -16.66
N CYS A 190 53.86 35.74 -16.28
CA CYS A 190 53.45 35.71 -14.89
C CYS A 190 52.10 35.00 -14.77
N GLN A 191 51.93 34.31 -13.66
CA GLN A 191 50.83 33.37 -13.45
C GLN A 191 49.79 34.00 -12.52
N ARG A 192 48.78 34.63 -13.11
CA ARG A 192 47.62 35.13 -12.39
C ARG A 192 46.37 34.87 -13.21
N ASP A 193 45.29 34.52 -12.51
CA ASP A 193 43.99 34.44 -13.14
C ASP A 193 43.32 35.80 -13.12
N PHE A 194 42.51 36.06 -14.15
CA PHE A 194 41.94 37.38 -14.35
C PHE A 194 40.47 37.32 -14.79
N ARG A 195 39.80 36.19 -14.58
CA ARG A 195 38.41 36.02 -14.99
C ARG A 195 37.47 36.05 -13.81
N ASN A 196 36.29 36.64 -14.03
CA ASN A 196 35.14 36.55 -13.13
C ASN A 196 35.44 37.12 -11.74
N LYS A 197 36.18 38.20 -11.71
CA LYS A 197 36.53 38.82 -10.45
C LYS A 197 35.40 39.70 -9.94
N PRO A 198 35.27 39.86 -8.61
CA PRO A 198 34.22 40.75 -8.08
C PRO A 198 34.40 42.20 -8.50
N TYR A 199 35.64 42.67 -8.56
CA TYR A 199 35.99 44.00 -9.01
C TYR A 199 36.83 43.91 -10.27
N PRO A 200 36.85 44.96 -11.10
CA PRO A 200 37.66 44.91 -12.32
C PRO A 200 39.14 44.81 -12.04
N VAL A 201 39.81 44.01 -12.86
CA VAL A 201 41.26 43.82 -12.77
C VAL A 201 41.94 45.08 -13.29
N ARG A 202 43.00 45.49 -12.61
CA ARG A 202 43.74 46.69 -12.96
C ARG A 202 45.19 46.34 -13.23
N ALA A 203 45.76 46.98 -14.25
CA ALA A 203 47.11 46.67 -14.70
C ALA A 203 47.92 47.96 -14.77
N LYS A 204 49.11 47.93 -14.18
CA LYS A 204 50.07 49.02 -14.22
C LYS A 204 51.26 48.55 -15.05
N ILE A 205 51.54 49.24 -16.14
CA ILE A 205 52.63 48.87 -17.04
C ILE A 205 53.55 50.08 -17.14
N THR A 206 54.79 49.89 -16.69
CA THR A 206 55.74 50.99 -16.56
C THR A 206 56.97 50.70 -17.41
N TYR A 207 57.18 51.51 -18.44
CA TYR A 207 58.44 51.50 -19.16
C TYR A 207 59.29 52.62 -18.59
N TYR A 208 60.45 52.27 -18.05
CA TYR A 208 61.22 53.24 -17.29
C TYR A 208 62.67 52.79 -17.28
N GLN A 209 63.52 53.49 -18.04
CA GLN A 209 64.90 53.07 -18.32
C GLN A 209 64.92 51.64 -18.89
N ASN A 210 64.10 51.42 -19.91
CA ASN A 210 64.08 50.21 -20.72
C ASN A 210 63.68 48.96 -19.95
N THR A 211 63.06 49.07 -18.79
CA THR A 211 62.43 47.91 -18.19
C THR A 211 60.92 48.12 -18.19
N LEU A 212 60.21 47.11 -18.67
CA LEU A 212 58.75 47.12 -18.71
C LEU A 212 58.28 46.28 -17.54
N THR A 213 57.68 46.95 -16.57
CA THR A 213 57.28 46.35 -15.29
C THR A 213 55.77 46.25 -15.24
N VAL A 214 55.26 45.11 -14.81
CA VAL A 214 53.83 44.85 -14.78
C VAL A 214 53.39 44.61 -13.35
N MET A 215 52.43 45.40 -12.91
CA MET A 215 51.80 45.28 -11.60
C MET A 215 50.33 44.94 -11.81
N ILE A 216 49.81 44.01 -11.03
CA ILE A 216 48.42 43.58 -11.18
C ILE A 216 47.66 43.81 -9.89
N ASN A 217 46.49 44.44 -10.00
CA ASN A 217 45.48 44.46 -8.95
C ASN A 217 44.40 43.49 -9.41
N ASN A 218 44.23 42.40 -8.64
CA ASN A 218 43.46 41.25 -9.09
C ASN A 218 41.95 41.48 -9.07
N GLY A 219 41.49 42.60 -8.55
CA GLY A 219 40.06 42.86 -8.53
C GLY A 219 39.30 42.07 -7.48
N PHE A 220 39.96 41.62 -6.43
CA PHE A 220 39.25 41.06 -5.29
C PHE A 220 38.86 42.10 -4.27
N THR A 221 39.40 43.31 -4.40
CA THR A 221 39.21 44.39 -3.44
C THR A 221 38.71 45.64 -4.16
N PRO A 222 37.97 46.51 -3.46
CA PRO A 222 37.63 47.82 -4.04
C PRO A 222 38.82 48.75 -4.18
N ASP A 223 39.97 48.43 -3.56
CA ASP A 223 41.16 49.25 -3.71
C ASP A 223 41.67 49.20 -5.13
N LYS A 224 41.98 50.37 -5.67
CA LYS A 224 42.45 50.47 -7.05
C LYS A 224 43.96 50.33 -7.15
N ASN A 225 44.69 50.76 -6.13
CA ASN A 225 46.14 50.80 -6.15
C ASN A 225 46.77 49.54 -5.59
N ASP A 226 45.98 48.52 -5.30
CA ASP A 226 46.47 47.28 -4.67
C ASP A 226 47.16 46.41 -5.73
N TYR A 227 48.26 46.94 -6.25
CA TYR A 227 48.95 46.34 -7.38
C TYR A 227 50.01 45.35 -6.92
N GLU A 228 50.16 44.28 -7.70
CA GLU A 228 51.14 43.24 -7.41
C GLU A 228 52.01 43.00 -8.63
N PHE A 229 53.32 43.12 -8.45
CA PHE A 229 54.24 42.84 -9.54
C PHE A 229 54.17 41.38 -9.94
N CYS A 230 54.15 41.12 -11.25
CA CYS A 230 54.25 39.75 -11.73
C CYS A 230 55.44 39.55 -12.63
N ALA A 231 55.66 40.43 -13.61
CA ALA A 231 56.72 40.20 -14.59
C ALA A 231 57.26 41.53 -15.11
N LYS A 232 58.55 41.54 -15.43
CA LYS A 232 59.19 42.70 -16.03
C LYS A 232 60.24 42.22 -17.02
N VAL A 233 60.53 43.07 -18.00
CA VAL A 233 61.58 42.81 -18.97
C VAL A 233 62.51 44.02 -18.98
N GLU A 234 63.74 43.83 -18.53
CA GLU A 234 64.74 44.88 -18.56
C GLU A 234 65.39 44.95 -19.93
N ASN A 235 65.98 46.12 -20.22
CA ASN A 235 66.60 46.43 -21.52
C ASN A 235 65.59 46.25 -22.65
N MET A 236 64.33 46.59 -22.37
CA MET A 236 63.27 46.40 -23.35
C MET A 236 63.40 47.42 -24.47
N ILE A 237 63.36 46.91 -25.71
CA ILE A 237 63.45 47.75 -26.89
C ILE A 237 62.04 47.96 -27.44
N ILE A 238 61.70 49.23 -27.66
CA ILE A 238 60.41 49.61 -28.23
C ILE A 238 60.67 50.68 -29.28
N PRO A 239 59.75 50.85 -30.23
CA PRO A 239 59.81 52.05 -31.07
C PRO A 239 59.68 53.31 -30.23
N ALA A 240 60.44 54.35 -30.61
CA ALA A 240 60.40 55.59 -29.87
C ALA A 240 59.03 56.25 -29.95
N GLN A 241 58.42 56.21 -31.12
CA GLN A 241 57.03 56.60 -31.29
C GLN A 241 56.22 55.36 -31.65
N GLY A 242 55.00 55.28 -31.12
CA GLY A 242 54.19 54.11 -31.40
C GLY A 242 52.74 54.39 -31.08
N HIS A 243 51.90 53.45 -31.47
CA HIS A 243 50.48 53.48 -31.19
C HIS A 243 50.17 52.48 -30.09
N PHE A 244 49.38 52.92 -29.11
CA PHE A 244 48.78 51.99 -28.16
C PHE A 244 47.54 51.36 -28.77
N GLY A 245 47.30 50.12 -28.39
CA GLY A 245 46.12 49.43 -28.89
C GLY A 245 45.73 48.31 -27.96
N ILE A 246 44.46 47.97 -27.99
CA ILE A 246 43.93 46.86 -27.21
C ILE A 246 43.13 45.97 -28.15
N SER A 247 43.51 44.71 -28.23
CA SER A 247 42.79 43.74 -29.03
C SER A 247 42.32 42.62 -28.12
N ALA A 248 41.23 41.97 -28.51
CA ALA A 248 40.66 40.90 -27.70
C ALA A 248 39.95 39.93 -28.61
N ALA A 249 40.09 38.64 -28.30
CA ALA A 249 39.53 37.58 -29.11
C ALA A 249 38.78 36.57 -28.24
N THR A 250 37.73 36.00 -28.82
CA THR A 250 36.87 35.03 -28.18
C THR A 250 36.65 33.87 -29.14
N GLY A 251 37.27 32.73 -28.84
CA GLY A 251 37.20 31.60 -29.74
C GLY A 251 36.13 30.59 -29.38
N GLY A 252 36.55 29.34 -29.14
CA GLY A 252 35.59 28.30 -28.80
C GLY A 252 34.92 28.55 -27.46
N LEU A 253 35.71 28.80 -26.42
CA LEU A 253 35.13 29.23 -25.16
C LEU A 253 34.74 30.70 -25.27
N ALA A 254 33.78 31.09 -24.44
CA ALA A 254 33.13 32.39 -24.55
C ALA A 254 33.46 33.23 -23.32
N ASP A 255 34.16 34.34 -23.54
CA ASP A 255 34.44 35.33 -22.50
C ASP A 255 34.05 36.71 -23.01
N ASP A 256 33.50 37.51 -22.11
CA ASP A 256 33.29 38.92 -22.36
C ASP A 256 34.54 39.68 -21.96
N HIS A 257 35.17 40.31 -22.94
CA HIS A 257 36.35 41.14 -22.71
C HIS A 257 35.91 42.59 -22.80
N ASP A 258 35.90 43.28 -21.67
CA ASP A 258 35.44 44.67 -21.58
C ASP A 258 36.54 45.49 -20.91
N VAL A 259 36.73 46.71 -21.40
CA VAL A 259 37.70 47.63 -20.81
C VAL A 259 36.95 48.85 -20.34
N LEU A 260 36.93 49.06 -19.02
CA LEU A 260 36.21 50.20 -18.47
C LEU A 260 37.00 51.49 -18.59
N SER A 261 38.32 51.41 -18.46
CA SER A 261 39.14 52.62 -18.56
C SER A 261 40.54 52.24 -19.04
N PHE A 262 41.18 53.21 -19.68
CA PHE A 262 42.58 53.11 -20.09
C PHE A 262 43.16 54.49 -19.91
N LEU A 263 44.19 54.62 -19.08
CA LEU A 263 44.79 55.91 -18.80
C LEU A 263 46.26 55.87 -19.15
N THR A 264 46.72 56.90 -19.85
CA THR A 264 48.10 57.02 -20.32
C THR A 264 48.82 58.08 -19.51
N PHE A 265 50.03 57.77 -19.08
CA PHE A 265 50.82 58.69 -18.27
C PHE A 265 52.25 58.71 -18.80
N GLN A 266 52.71 59.89 -19.16
CA GLN A 266 54.11 60.07 -19.52
C GLN A 266 54.92 60.16 -18.22
N LEU A 267 55.88 59.25 -18.08
CA LEU A 267 56.77 59.24 -16.93
C LEU A 267 58.05 59.98 -17.29
N THR A 268 58.17 61.21 -16.81
CA THR A 268 59.40 61.96 -16.96
C THR A 268 60.27 61.70 -15.73
N GLU A 269 61.58 61.72 -15.96
CA GLU A 269 62.55 61.40 -14.92
C GLU A 269 62.52 62.49 -13.85
N PRO A 270 62.70 62.16 -12.56
CA PRO A 270 62.68 63.20 -11.54
C PRO A 270 63.88 64.12 -11.60
N GLY A 271 65.07 63.58 -11.91
CA GLY A 271 66.21 64.44 -12.18
C GLY A 271 66.04 65.23 -13.46
N LYS A 272 65.51 64.59 -14.50
CA LYS A 272 65.27 65.24 -15.79
C LYS A 272 63.85 65.78 -15.88
N GLU A 273 63.42 66.47 -14.84
CA GLU A 273 62.17 67.19 -14.71
C GLU A 273 62.31 68.58 -15.34
N PRO A 274 61.20 69.29 -15.58
CA PRO A 274 61.29 70.70 -15.94
C PRO A 274 62.02 71.49 -14.87
N PRO A 275 62.84 72.48 -15.26
CA PRO A 275 63.78 73.08 -14.29
C PRO A 275 63.11 73.81 -13.14
N THR A 276 62.05 74.57 -13.41
CA THR A 276 61.34 75.31 -12.36
C THR A 276 59.90 75.51 -12.81
N PRO A 277 58.93 75.23 -11.94
CA PRO A 277 57.54 75.69 -12.16
C PRO A 277 57.37 77.16 -11.80
N ASP A 278 58.11 78.03 -12.50
CA ASP A 278 58.06 79.46 -12.22
C ASP A 278 56.81 80.12 -12.77
N LYS A 279 56.00 79.37 -13.54
CA LYS A 279 54.71 79.91 -14.03
C LYS A 279 53.81 80.17 -12.81
N GLU A 280 54.24 79.69 -11.63
CA GLU A 280 53.44 79.88 -10.39
C GLU A 280 53.59 81.34 -9.96
N ILE A 281 52.60 82.18 -10.29
CA ILE A 281 52.68 83.64 -9.97
C ILE A 281 52.84 83.81 -8.45
N SER A 282 51.91 83.26 -7.67
CA SER A 282 51.99 83.35 -6.19
C SER A 282 51.11 82.26 -5.56
N GLU A 283 51.64 81.54 -4.57
CA GLU A 283 50.89 80.42 -3.96
C GLU A 283 49.97 80.97 -2.87
N LYS A 284 50.10 82.26 -2.52
CA LYS A 284 49.34 82.79 -1.40
C LYS A 284 47.84 82.80 -1.71
N GLU A 285 47.47 83.40 -2.84
CA GLU A 285 46.07 83.40 -3.23
C GLU A 285 45.58 82.03 -3.65
N LYS A 286 46.48 81.13 -4.06
CA LYS A 286 46.09 79.74 -4.24
C LYS A 286 45.70 79.10 -2.90
N GLU A 287 46.46 79.39 -1.85
CA GLU A 287 46.09 78.90 -0.52
C GLU A 287 44.79 79.54 -0.04
N LYS A 288 44.55 80.81 -0.39
CA LYS A 288 43.28 81.45 -0.02
C LYS A 288 42.12 80.86 -0.79
N TYR A 289 42.34 80.50 -2.06
CA TYR A 289 41.34 79.76 -2.83
C TYR A 289 41.07 78.39 -2.22
N GLN A 290 42.08 77.82 -1.56
CA GLN A 290 41.98 76.46 -1.06
C GLN A 290 40.87 76.29 -0.02
N GLU A 291 40.78 77.19 0.98
CA GLU A 291 39.76 76.95 2.00
C GLU A 291 38.35 77.25 1.48
N GLU A 292 38.24 78.20 0.55
CA GLU A 292 36.97 78.46 -0.13
C GLU A 292 36.50 77.22 -0.87
N PHE A 293 37.41 76.58 -1.61
CA PHE A 293 37.07 75.35 -2.32
C PHE A 293 36.70 74.26 -1.34
N GLU A 294 37.46 74.12 -0.24
CA GLU A 294 37.22 73.07 0.74
C GLU A 294 35.87 73.23 1.42
N HIS A 295 35.52 74.47 1.80
CA HIS A 295 34.20 74.76 2.32
C HIS A 295 33.12 74.46 1.30
N PHE A 296 33.43 74.62 0.01
CA PHE A 296 32.42 74.41 -1.01
C PHE A 296 31.96 72.95 -1.07
N GLN A 297 32.89 71.97 -0.96
CA GLN A 297 32.44 70.58 -1.00
C GLN A 297 31.58 70.25 0.22
N GLN A 298 31.94 70.79 1.38
CA GLN A 298 31.15 70.54 2.58
C GLN A 298 29.73 71.06 2.41
N GLU A 299 29.60 72.32 1.97
CA GLU A 299 28.28 72.89 1.77
C GLU A 299 27.50 72.15 0.69
N LEU A 300 28.18 71.76 -0.39
CA LEU A 300 27.51 71.05 -1.47
C LEU A 300 27.08 69.65 -1.05
N ASP A 301 27.89 68.99 -0.21
CA ASP A 301 27.51 67.68 0.30
C ASP A 301 26.29 67.78 1.21
N LYS A 302 26.23 68.83 2.04
CA LYS A 302 25.02 69.08 2.83
C LYS A 302 23.83 69.30 1.90
N LYS A 303 24.04 70.09 0.84
CA LYS A 303 22.96 70.43 -0.07
C LYS A 303 22.42 69.21 -0.80
N LYS A 304 23.31 68.29 -1.19
CA LYS A 304 22.88 67.00 -1.71
C LYS A 304 22.16 66.18 -0.66
N GLU A 305 22.67 66.22 0.58
CA GLU A 305 22.12 65.38 1.65
C GLU A 305 20.67 65.72 1.94
N GLU A 306 20.37 67.02 2.04
CA GLU A 306 18.99 67.47 2.35
C GLU A 306 18.02 66.97 1.26
N PHE A 307 18.55 66.38 0.18
CA PHE A 307 17.67 65.95 -0.95
C PHE A 307 17.62 64.42 -1.03
N GLN A 308 18.78 63.75 -0.99
CA GLN A 308 18.74 62.30 -0.97
C GLN A 308 17.67 61.79 -0.01
N LYS A 309 17.58 62.41 1.17
CA LYS A 309 16.53 62.08 2.12
C LYS A 309 15.32 62.99 1.98
N GLY A 310 15.47 64.15 1.32
CA GLY A 310 14.33 65.00 1.06
C GLY A 310 13.30 64.32 0.18
N HIS A 311 13.76 63.46 -0.73
CA HIS A 311 12.91 62.54 -1.47
C HIS A 311 13.64 61.20 -1.57
N PRO A 312 13.17 60.17 -0.87
CA PRO A 312 13.91 58.90 -0.80
C PRO A 312 13.71 57.98 -1.99
N ASP A 313 13.17 58.49 -3.10
CA ASP A 313 12.95 57.67 -4.29
C ASP A 313 14.23 57.35 -5.05
N LEU A 314 15.36 57.90 -4.62
CA LEU A 314 16.63 57.66 -5.30
C LEU A 314 17.05 56.20 -5.18
N GLN A 315 16.85 55.62 -3.99
CA GLN A 315 17.13 54.21 -3.60
C GLN A 315 18.52 53.79 -4.09
N GLY A 316 18.69 52.59 -4.62
CA GLY A 316 19.98 52.16 -5.11
C GLY A 316 20.02 50.65 -5.21
N GLN A 317 21.15 50.16 -5.71
CA GLN A 317 21.34 48.71 -5.88
C GLN A 317 22.73 48.29 -5.40
N PRO A 318 22.81 47.29 -4.52
CA PRO A 318 24.12 46.83 -4.05
C PRO A 318 24.86 46.04 -5.11
N ALA A 319 26.19 46.01 -4.97
CA ALA A 319 27.05 45.24 -5.86
C ALA A 319 27.14 43.77 -5.47
N GLU A 320 26.56 43.38 -4.34
CA GLU A 320 26.57 41.97 -3.94
C GLU A 320 25.72 41.12 -4.88
N GLU A 321 24.61 41.67 -5.38
CA GLU A 321 23.79 40.97 -6.36
C GLU A 321 24.56 40.74 -7.65
N ILE A 322 25.45 41.66 -8.00
CA ILE A 322 26.29 41.51 -9.19
C ILE A 322 27.24 40.34 -9.02
N PHE A 323 27.84 40.21 -7.84
CA PHE A 323 28.86 39.20 -7.64
C PHE A 323 28.25 37.80 -7.55
N GLU A 324 28.90 36.86 -8.24
CA GLU A 324 28.51 35.46 -8.22
C GLU A 324 29.72 34.62 -8.60
N SER A 325 29.92 33.52 -7.89
CA SER A 325 30.94 32.55 -8.26
C SER A 325 30.36 31.61 -9.31
N VAL A 326 31.26 30.81 -9.91
CA VAL A 326 30.83 29.87 -10.93
C VAL A 326 29.95 28.78 -10.32
N GLY A 327 30.42 28.18 -9.23
CA GLY A 327 29.75 27.02 -8.68
C GLY A 327 28.49 27.31 -7.90
N ASP A 328 28.42 28.46 -7.24
CA ASP A 328 27.26 28.80 -6.42
C ASP A 328 26.04 29.04 -7.29
N ARG A 329 26.25 29.61 -8.48
CA ARG A 329 25.17 29.77 -9.45
C ARG A 329 24.61 28.42 -9.87
N GLU A 330 25.51 27.46 -10.11
CA GLU A 330 25.11 26.11 -10.47
C GLU A 330 24.33 25.45 -9.34
N LEU A 331 24.82 25.57 -8.11
CA LEU A 331 24.16 24.96 -6.97
C LEU A 331 22.80 25.58 -6.71
N ARG A 332 22.68 26.88 -6.93
CA ARG A 332 21.38 27.54 -6.80
C ARG A 332 20.42 27.05 -7.87
N GLN A 333 20.91 26.86 -9.10
CA GLN A 333 20.07 26.28 -10.15
C GLN A 333 19.62 24.87 -9.77
N VAL A 334 20.50 24.10 -9.15
CA VAL A 334 20.15 22.76 -8.68
C VAL A 334 19.07 22.86 -7.59
N PHE A 335 19.19 23.84 -6.69
CA PHE A 335 18.18 24.00 -5.65
C PHE A 335 16.83 24.40 -6.23
N GLU A 336 16.86 25.24 -7.27
CA GLU A 336 15.63 25.56 -7.99
C GLU A 336 15.04 24.32 -8.66
N GLY A 337 15.90 23.44 -9.18
CA GLY A 337 15.44 22.17 -9.69
C GLY A 337 14.86 21.27 -8.61
N GLN A 338 15.33 21.42 -7.38
CA GLN A 338 14.71 20.72 -6.27
C GLN A 338 13.32 21.28 -5.96
N ASN A 339 13.15 22.59 -6.16
CA ASN A 339 11.91 23.25 -5.77
C ASN A 339 10.71 22.74 -6.58
N ARG A 340 10.89 22.52 -7.88
CA ARG A 340 9.81 21.99 -8.71
C ARG A 340 9.39 20.61 -8.25
N ILE A 341 10.34 19.82 -7.74
CA ILE A 341 10.01 18.48 -7.30
C ILE A 341 9.38 18.52 -5.92
N HIS A 342 9.69 19.55 -5.14
CA HIS A 342 8.95 19.78 -3.90
C HIS A 342 7.48 20.09 -4.19
N LEU A 343 7.22 20.95 -5.18
CA LEU A 343 5.83 21.25 -5.55
C LEU A 343 5.14 20.02 -6.11
N GLU A 344 5.87 19.24 -6.90
CA GLU A 344 5.46 17.90 -7.32
C GLU A 344 5.02 17.03 -6.16
N ILE A 345 5.82 17.01 -5.09
CA ILE A 345 5.51 16.22 -3.91
C ILE A 345 4.22 16.71 -3.26
N LYS A 346 4.05 18.03 -3.19
CA LYS A 346 2.82 18.60 -2.65
C LYS A 346 1.59 18.16 -3.43
N GLN A 347 1.69 18.22 -4.77
CA GLN A 347 0.57 17.83 -5.60
C GLN A 347 0.25 16.35 -5.46
N LEU A 348 1.28 15.50 -5.42
CA LEU A 348 1.06 14.07 -5.25
C LEU A 348 0.41 13.76 -3.91
N ASN A 349 0.86 14.44 -2.86
CA ASN A 349 0.28 14.23 -1.54
C ASN A 349 -1.19 14.65 -1.51
N ARG A 350 -1.51 15.77 -2.15
CA ARG A 350 -2.89 16.22 -2.24
C ARG A 350 -3.76 15.21 -2.98
N GLN A 351 -3.25 14.69 -4.10
CA GLN A 351 -4.00 13.73 -4.89
C GLN A 351 -4.23 12.44 -4.12
N LEU A 352 -3.20 11.93 -3.43
CA LEU A 352 -3.39 10.70 -2.67
C LEU A 352 -4.33 10.92 -1.48
N ASP A 353 -4.30 12.12 -0.88
CA ASP A 353 -5.21 12.41 0.23
C ASP A 353 -6.66 12.43 -0.22
N MET A 354 -6.95 13.04 -1.36
CA MET A 354 -8.34 13.01 -1.82
C MET A 354 -8.74 11.60 -2.27
N ILE A 355 -7.77 10.79 -2.72
CA ILE A 355 -8.05 9.37 -2.96
C ILE A 355 -8.47 8.68 -1.66
N LEU A 356 -7.76 8.94 -0.57
CA LEU A 356 -8.12 8.36 0.72
C LEU A 356 -9.54 8.75 1.12
N ASP A 357 -9.84 10.04 0.96
CA ASP A 357 -11.15 10.57 1.37
C ASP A 357 -12.28 9.95 0.57
N GLU A 358 -12.09 9.77 -0.73
CA GLU A 358 -13.17 9.16 -1.51
C GLU A 358 -13.26 7.65 -1.29
N GLN A 359 -12.13 6.97 -1.10
CA GLN A 359 -12.17 5.51 -1.05
C GLN A 359 -12.73 5.03 0.29
N ARG A 360 -12.37 5.69 1.39
CA ARG A 360 -12.86 5.23 2.68
C ARG A 360 -14.33 5.54 2.91
N ARG A 361 -14.94 6.39 2.08
CA ARG A 361 -16.39 6.55 2.09
C ARG A 361 -17.07 5.72 1.01
N TYR A 362 -16.37 5.34 -0.05
CA TYR A 362 -16.89 4.30 -0.94
C TYR A 362 -16.98 2.97 -0.21
N VAL A 363 -16.11 2.75 0.78
CA VAL A 363 -16.26 1.64 1.72
C VAL A 363 -17.64 1.67 2.38
N SER A 364 -18.02 2.83 2.93
CA SER A 364 -19.30 2.95 3.61
C SER A 364 -20.47 2.80 2.64
N SER A 365 -20.33 3.37 1.43
CA SER A 365 -21.39 3.29 0.44
C SER A 365 -21.63 1.84 0.00
N LEU A 366 -20.55 1.10 -0.29
CA LEU A 366 -20.73 -0.28 -0.72
C LEU A 366 -21.17 -1.18 0.42
N THR A 367 -20.71 -0.91 1.65
CA THR A 367 -21.19 -1.66 2.80
C THR A 367 -22.68 -1.44 3.02
N GLU A 368 -23.14 -0.20 2.88
CA GLU A 368 -24.56 0.11 3.03
C GLU A 368 -25.37 -0.51 1.90
N GLU A 369 -24.83 -0.54 0.68
CA GLU A 369 -25.52 -1.16 -0.44
C GLU A 369 -25.70 -2.66 -0.24
N ILE A 370 -24.66 -3.33 0.28
CA ILE A 370 -24.76 -4.76 0.55
C ILE A 370 -25.71 -5.03 1.71
N SER A 371 -25.62 -4.21 2.77
CA SER A 371 -26.44 -4.44 3.95
C SER A 371 -27.91 -4.18 3.69
N LYS A 372 -28.24 -3.14 2.92
CA LYS A 372 -29.63 -2.71 2.74
C LYS A 372 -30.47 -3.75 2.02
N ARG A 373 -29.87 -4.59 1.18
CA ARG A 373 -30.64 -5.54 0.40
C ARG A 373 -30.89 -6.86 1.14
N GLY A 374 -30.39 -6.99 2.37
CA GLY A 374 -30.66 -8.19 3.15
C GLY A 374 -31.08 -7.91 4.59
N ALA A 375 -30.94 -6.66 5.03
CA ALA A 375 -31.27 -6.33 6.41
C ALA A 375 -32.77 -6.14 6.57
N GLY A 376 -33.19 -6.04 7.83
CA GLY A 376 -34.57 -5.74 8.12
C GLY A 376 -34.95 -4.34 7.66
N MET A 377 -35.69 -4.28 6.57
CA MET A 377 -36.17 -3.04 5.99
C MET A 377 -37.41 -2.55 6.74
N PRO A 378 -37.70 -1.25 6.66
CA PRO A 378 -38.98 -0.76 7.20
C PRO A 378 -40.19 -1.40 6.53
N GLY A 379 -40.08 -1.75 5.25
CA GLY A 379 -41.11 -2.54 4.62
C GLY A 379 -41.15 -3.94 5.21
N GLN A 380 -42.33 -4.34 5.68
CA GLN A 380 -42.46 -5.61 6.38
C GLN A 380 -42.59 -6.79 5.43
N HIS A 381 -43.14 -6.55 4.23
CA HIS A 381 -43.44 -7.63 3.30
C HIS A 381 -42.16 -8.20 2.68
N GLY A 382 -42.20 -9.48 2.36
CA GLY A 382 -41.06 -10.15 1.75
C GLY A 382 -39.99 -10.51 2.77
N GLN A 383 -40.39 -10.70 4.02
CA GLN A 383 -39.45 -10.98 5.10
C GLN A 383 -39.95 -12.13 5.96
N ILE A 384 -40.28 -13.25 5.32
CA ILE A 384 -40.85 -14.45 5.95
C ILE A 384 -40.00 -14.95 7.11
N THR A 385 -40.62 -15.09 8.28
CA THR A 385 -39.95 -15.56 9.47
C THR A 385 -40.12 -17.07 9.62
N GLN A 386 -39.27 -17.66 10.47
CA GLN A 386 -39.38 -19.08 10.78
C GLN A 386 -40.61 -19.38 11.62
N GLN A 387 -41.08 -18.40 12.40
CA GLN A 387 -42.19 -18.63 13.32
C GLN A 387 -43.48 -18.97 12.58
N GLU A 388 -43.71 -18.32 11.44
CA GLU A 388 -44.90 -18.61 10.65
C GLU A 388 -44.86 -20.04 10.09
N LEU A 389 -43.69 -20.47 9.61
CA LEU A 389 -43.56 -21.85 9.14
C LEU A 389 -43.67 -22.86 10.29
N ASP A 390 -43.19 -22.50 11.47
CA ASP A 390 -43.36 -23.38 12.62
C ASP A 390 -44.82 -23.51 13.02
N THR A 391 -45.56 -22.40 12.95
CA THR A 391 -47.00 -22.44 13.13
C THR A 391 -47.67 -23.31 12.08
N VAL A 392 -47.17 -23.23 10.84
CA VAL A 392 -47.65 -24.06 9.73
C VAL A 392 -47.47 -25.54 10.06
N VAL A 393 -46.25 -25.91 10.49
CA VAL A 393 -45.93 -27.31 10.77
C VAL A 393 -46.74 -27.83 11.95
N LYS A 394 -46.86 -27.02 13.01
CA LYS A 394 -47.64 -27.42 14.18
C LYS A 394 -49.12 -27.57 13.85
N THR A 395 -49.67 -26.63 13.07
CA THR A 395 -51.06 -26.71 12.68
C THR A 395 -51.33 -27.94 11.84
N GLN A 396 -50.45 -28.24 10.89
CA GLN A 396 -50.67 -29.40 10.03
C GLN A 396 -50.50 -30.71 10.78
N HIS A 397 -49.57 -30.76 11.74
CA HIS A 397 -49.41 -31.99 12.51
C HIS A 397 -50.57 -32.19 13.48
N GLU A 398 -51.11 -31.09 14.04
CA GLU A 398 -52.33 -31.18 14.82
C GLU A 398 -53.50 -31.68 13.98
N ILE A 399 -53.61 -31.17 12.74
CA ILE A 399 -54.64 -31.63 11.82
C ILE A 399 -54.45 -33.10 11.50
N LEU A 400 -53.20 -33.54 11.30
CA LEU A 400 -52.91 -34.94 11.01
C LEU A 400 -53.30 -35.85 12.18
N ARG A 401 -53.01 -35.41 13.41
CA ARG A 401 -53.42 -36.18 14.58
C ARG A 401 -54.94 -36.29 14.68
N GLN A 402 -55.64 -35.17 14.42
CA GLN A 402 -57.10 -35.19 14.46
C GLN A 402 -57.68 -36.08 13.37
N VAL A 403 -57.09 -36.04 12.17
CA VAL A 403 -57.54 -36.90 11.07
C VAL A 403 -57.28 -38.36 11.38
N ASN A 404 -56.16 -38.67 12.04
CA ASN A 404 -55.89 -40.06 12.43
C ASN A 404 -56.90 -40.56 13.46
N GLU A 405 -57.22 -39.73 14.47
CA GLU A 405 -58.22 -40.13 15.46
C GLU A 405 -59.60 -40.27 14.82
N MET A 406 -59.94 -39.36 13.91
CA MET A 406 -61.20 -39.45 13.19
C MET A 406 -61.24 -40.68 12.31
N LYS A 407 -60.10 -41.10 11.74
CA LYS A 407 -60.08 -42.29 10.91
C LYS A 407 -60.26 -43.55 11.74
N ASN A 408 -59.67 -43.58 12.94
CA ASN A 408 -59.89 -44.70 13.85
C ASN A 408 -61.36 -44.77 14.26
N SER A 409 -61.95 -43.62 14.59
CA SER A 409 -63.36 -43.58 14.94
C SER A 409 -64.25 -43.91 13.74
N MET A 410 -63.80 -43.57 12.53
CA MET A 410 -64.54 -43.89 11.32
C MET A 410 -64.57 -45.39 11.07
N SER A 411 -63.42 -46.05 11.21
CA SER A 411 -63.38 -47.50 11.07
C SER A 411 -64.22 -48.17 12.16
N GLU A 412 -64.19 -47.63 13.38
CA GLU A 412 -65.05 -48.12 14.45
C GLU A 412 -66.52 -47.98 14.08
N THR A 413 -66.90 -46.83 13.52
CA THR A 413 -68.29 -46.60 13.13
C THR A 413 -68.72 -47.54 12.01
N VAL A 414 -67.83 -47.78 11.04
CA VAL A 414 -68.11 -48.71 9.95
C VAL A 414 -68.34 -50.11 10.48
N ARG A 415 -67.47 -50.56 11.40
CA ARG A 415 -67.64 -51.87 12.01
C ARG A 415 -68.94 -51.95 12.81
N LEU A 416 -69.24 -50.92 13.60
CA LEU A 416 -70.42 -50.92 14.46
C LEU A 416 -71.70 -50.96 13.63
N VAL A 417 -71.74 -50.21 12.53
CA VAL A 417 -72.91 -50.23 11.65
C VAL A 417 -73.01 -51.56 10.92
N SER A 418 -71.89 -52.04 10.37
CA SER A 418 -71.90 -53.25 9.56
C SER A 418 -72.24 -54.49 10.39
N GLY A 419 -71.99 -54.45 11.69
CA GLY A 419 -72.47 -55.52 12.55
C GLY A 419 -73.99 -55.61 12.59
N MET A 420 -74.66 -54.46 12.64
CA MET A 420 -76.13 -54.46 12.58
C MET A 420 -76.65 -54.71 11.17
N GLN A 421 -75.90 -54.31 10.15
CA GLN A 421 -76.29 -54.57 8.77
C GLN A 421 -76.15 -56.03 8.39
N HIS A 422 -75.53 -56.84 9.25
CA HIS A 422 -75.50 -58.29 9.12
C HIS A 422 -76.11 -58.83 10.41
N PRO A 423 -77.43 -58.85 10.52
CA PRO A 423 -78.07 -59.23 11.79
C PRO A 423 -77.88 -60.70 12.09
N GLY A 424 -77.95 -61.02 13.38
CA GLY A 424 -77.76 -62.41 13.80
C GLY A 424 -78.84 -63.34 13.29
N SER A 425 -80.11 -62.90 13.36
CA SER A 425 -81.24 -63.70 12.90
C SER A 425 -82.12 -62.85 12.01
N ALA A 426 -81.78 -62.79 10.72
CA ALA A 426 -82.69 -62.21 9.73
C ALA A 426 -83.74 -63.24 9.32
N GLY A 427 -83.29 -64.43 8.93
CA GLY A 427 -84.20 -65.53 8.63
C GLY A 427 -84.97 -66.02 9.82
N GLY A 428 -84.49 -65.74 11.03
CA GLY A 428 -85.29 -65.97 12.23
C GLY A 428 -86.58 -65.18 12.22
N VAL A 429 -86.56 -63.99 11.62
CA VAL A 429 -87.80 -63.26 11.37
C VAL A 429 -88.71 -64.08 10.47
N TYR A 430 -88.13 -64.68 9.42
CA TYR A 430 -88.87 -65.64 8.61
C TYR A 430 -89.30 -66.85 9.41
N GLU A 431 -88.54 -67.20 10.45
CA GLU A 431 -89.00 -68.22 11.40
C GLU A 431 -90.21 -67.72 12.16
N THR A 432 -90.16 -66.44 12.58
CA THR A 432 -91.07 -65.90 13.60
C THR A 432 -92.53 -66.02 13.17
N THR A 433 -92.88 -65.36 12.07
CA THR A 433 -94.23 -65.46 11.51
C THR A 433 -94.59 -66.91 11.20
N GLN A 434 -93.60 -67.69 10.74
CA GLN A 434 -93.83 -69.10 10.45
C GLN A 434 -94.29 -69.83 11.70
N HIS A 435 -93.67 -69.53 12.84
CA HIS A 435 -94.10 -70.09 14.12
C HIS A 435 -95.57 -69.79 14.36
N PHE A 436 -95.96 -68.52 14.13
CA PHE A 436 -97.35 -68.11 14.29
C PHE A 436 -98.26 -68.94 13.40
N ILE A 437 -97.83 -69.18 12.16
CA ILE A 437 -98.63 -69.95 11.21
C ILE A 437 -98.88 -71.34 11.76
N ASP A 438 -97.82 -71.97 12.28
CA ASP A 438 -97.94 -73.30 12.86
C ASP A 438 -98.92 -73.28 14.02
N ILE A 439 -98.79 -72.25 14.87
CA ILE A 439 -99.68 -72.09 16.01
C ILE A 439 -101.12 -71.98 15.53
N LYS A 440 -101.32 -71.15 14.50
CA LYS A 440 -102.66 -70.92 13.97
C LYS A 440 -103.27 -72.23 13.48
N GLU A 441 -102.45 -73.04 12.79
CA GLU A 441 -102.93 -74.30 12.24
C GLU A 441 -103.42 -75.20 13.36
N HIS A 442 -102.64 -75.27 14.46
CA HIS A 442 -103.02 -76.10 15.59
C HIS A 442 -104.35 -75.65 16.16
N LEU A 443 -104.50 -74.33 16.29
CA LEU A 443 -105.73 -73.77 16.85
C LEU A 443 -106.92 -74.10 15.97
N HIS A 444 -106.72 -74.02 14.65
CA HIS A 444 -107.80 -74.34 13.73
C HIS A 444 -108.25 -75.78 13.91
N ILE A 445 -107.26 -76.69 14.00
CA ILE A 445 -107.58 -78.10 14.25
C ILE A 445 -108.32 -78.24 15.57
N VAL A 446 -107.82 -77.53 16.59
CA VAL A 446 -108.46 -77.52 17.90
C VAL A 446 -109.90 -77.07 17.77
N LYS A 447 -110.12 -75.95 17.06
CA LYS A 447 -111.47 -75.44 16.88
C LYS A 447 -112.33 -76.44 16.15
N ARG A 448 -111.77 -77.05 15.10
CA ARG A 448 -112.52 -78.04 14.33
C ARG A 448 -112.88 -79.23 15.21
N ASP A 449 -111.92 -79.67 16.03
CA ASP A 449 -112.17 -80.79 16.92
C ASP A 449 -113.27 -80.43 17.91
N ILE A 450 -113.24 -79.22 18.44
CA ILE A 450 -114.26 -78.80 19.39
C ILE A 450 -115.61 -78.71 18.71
N ASP A 451 -115.61 -78.30 17.43
CA ASP A 451 -116.86 -78.29 16.67
C ASP A 451 -117.42 -79.70 16.54
N ASN A 452 -116.53 -80.67 16.29
CA ASN A 452 -116.98 -82.06 16.16
C ASN A 452 -117.45 -82.61 17.49
N LEU A 453 -117.09 -81.97 18.59
CA LEU A 453 -117.68 -82.33 19.88
C LEU A 453 -118.99 -81.59 20.09
N VAL A 454 -119.05 -80.30 19.72
CA VAL A 454 -120.22 -79.48 19.98
C VAL A 454 -121.41 -79.97 19.17
N GLN A 455 -121.17 -80.36 17.92
CA GLN A 455 -122.22 -80.97 17.11
C GLN A 455 -122.61 -82.34 17.64
N ARG A 456 -121.69 -83.03 18.33
CA ARG A 456 -122.00 -84.36 18.85
C ARG A 456 -122.86 -84.31 20.11
N ASN A 457 -122.65 -83.30 20.95
CA ASN A 457 -123.37 -83.20 22.22
C ASN A 457 -124.75 -82.57 22.07
N MET A 458 -125.20 -82.30 20.84
CA MET A 458 -126.56 -81.84 20.62
C MET A 458 -127.54 -82.96 20.93
N PRO A 459 -128.79 -82.61 21.32
CA PRO A 459 -129.81 -83.65 21.54
C PRO A 459 -130.12 -84.44 20.28
N SER A 460 -129.78 -85.73 20.28
CA SER A 460 -129.94 -86.58 19.12
C SER A 460 -131.31 -87.22 19.10
N ASN A 461 -131.86 -87.40 17.89
CA ASN A 461 -133.15 -88.07 17.76
C ASN A 461 -133.03 -89.56 18.04
N GLU A 462 -131.91 -90.18 17.66
CA GLU A 462 -131.69 -91.61 17.86
C GLU A 462 -131.12 -91.83 19.27
N LYS A 463 -131.99 -91.64 20.27
CA LYS A 463 -131.59 -91.87 21.64
C LYS A 463 -131.50 -93.36 21.92
N PRO A 464 -130.51 -93.79 22.73
CA PRO A 464 -130.47 -95.19 23.16
C PRO A 464 -131.68 -95.54 24.00
N LYS A 465 -132.18 -96.77 23.81
CA LYS A 465 -133.40 -97.23 24.47
C LYS A 465 -133.13 -98.57 25.16
N CYS A 466 -133.54 -98.67 26.42
CA CYS A 466 -133.47 -99.93 27.13
C CYS A 466 -134.47 -100.92 26.53
N PRO A 467 -134.20 -102.22 26.60
CA PRO A 467 -135.16 -103.21 26.09
C PRO A 467 -136.44 -103.19 26.91
N GLU A 468 -137.57 -103.02 26.21
CA GLU A 468 -138.86 -102.93 26.87
C GLU A 468 -139.22 -104.26 27.52
N LEU A 469 -139.76 -104.19 28.74
CA LEU A 469 -140.19 -105.38 29.43
C LEU A 469 -141.38 -106.00 28.69
N PRO A 470 -141.36 -107.30 28.43
CA PRO A 470 -142.45 -107.91 27.67
C PRO A 470 -143.73 -107.92 28.48
N PRO A 471 -144.89 -107.97 27.82
CA PRO A 471 -146.16 -108.10 28.55
C PRO A 471 -146.21 -109.42 29.30
N PHE A 472 -146.54 -109.35 30.57
CA PHE A 472 -146.42 -110.49 31.45
C PHE A 472 -147.56 -111.48 31.21
N PRO A 473 -147.28 -112.77 31.09
CA PRO A 473 -148.37 -113.75 30.92
C PRO A 473 -149.24 -113.80 32.17
N SER A 474 -150.55 -113.94 31.95
CA SER A 474 -151.53 -113.83 33.03
C SER A 474 -151.47 -115.06 33.92
N CYS A 475 -150.79 -114.95 35.05
CA CYS A 475 -150.81 -116.02 36.04
C CYS A 475 -152.18 -116.04 36.73
N LEU A 476 -152.46 -117.16 37.40
CA LEU A 476 -153.73 -117.29 38.11
C LEU A 476 -153.68 -116.42 39.37
N SER A 477 -154.57 -115.42 39.44
CA SER A 477 -154.65 -114.58 40.62
C SER A 477 -155.32 -115.34 41.77
N THR A 478 -155.01 -114.91 42.99
CA THR A 478 -155.55 -115.59 44.17
C THR A 478 -157.03 -115.28 44.35
N VAL A 479 -157.45 -114.05 44.03
CA VAL A 479 -158.85 -113.68 44.18
C VAL A 479 -159.72 -114.50 43.23
N HIS A 480 -159.28 -114.62 41.97
CA HIS A 480 -160.01 -115.42 41.00
C HIS A 480 -160.01 -116.89 41.38
N PHE A 481 -158.88 -117.38 41.91
CA PHE A 481 -158.79 -118.77 42.37
C PHE A 481 -159.79 -119.04 43.49
N ILE A 482 -159.86 -118.14 44.47
CA ILE A 482 -160.78 -118.29 45.59
C ILE A 482 -162.23 -118.24 45.11
N ILE A 483 -162.54 -117.30 44.22
CA ILE A 483 -163.91 -117.15 43.72
C ILE A 483 -164.33 -118.38 42.93
N PHE A 484 -163.43 -118.89 42.08
CA PHE A 484 -163.77 -120.05 41.26
C PHE A 484 -163.89 -121.33 42.08
N VAL A 485 -163.04 -121.52 43.08
CA VAL A 485 -163.17 -122.70 43.95
C VAL A 485 -164.43 -122.61 44.78
N VAL A 486 -164.79 -121.39 45.23
CA VAL A 486 -166.05 -121.20 45.95
C VAL A 486 -167.24 -121.54 45.05
N VAL A 487 -167.20 -121.09 43.79
CA VAL A 487 -168.28 -121.39 42.84
C VAL A 487 -168.37 -122.89 42.58
N GLN A 488 -167.22 -123.55 42.38
CA GLN A 488 -167.22 -124.99 42.12
C GLN A 488 -167.76 -125.78 43.31
N THR A 489 -167.32 -125.44 44.52
CA THR A 489 -167.77 -126.15 45.71
C THR A 489 -169.26 -125.92 45.96
N VAL A 490 -169.74 -124.69 45.78
CA VAL A 490 -171.15 -124.39 45.97
C VAL A 490 -172.01 -125.14 44.94
N LEU A 491 -171.59 -125.15 43.67
CA LEU A 491 -172.35 -125.85 42.64
C LEU A 491 -172.35 -127.36 42.87
N PHE A 492 -171.20 -127.92 43.25
CA PHE A 492 -171.12 -129.36 43.52
C PHE A 492 -171.97 -129.76 44.71
N ILE A 493 -171.93 -128.97 45.79
CA ILE A 493 -172.71 -129.29 46.99
C ILE A 493 -174.20 -129.13 46.71
N GLY A 494 -174.58 -128.10 45.96
CA GLY A 494 -175.98 -127.93 45.60
C GLY A 494 -176.49 -129.04 44.69
N TYR A 495 -175.66 -129.47 43.74
CA TYR A 495 -176.03 -130.58 42.86
C TYR A 495 -176.15 -131.88 43.65
N ILE A 496 -175.25 -132.10 44.61
CA ILE A 496 -175.30 -133.29 45.45
C ILE A 496 -176.55 -133.29 46.32
N MET A 497 -176.87 -132.14 46.93
CA MET A 497 -178.07 -132.05 47.77
C MET A 497 -179.33 -132.20 46.95
N TYR A 498 -179.35 -131.63 45.75
CA TYR A 498 -180.50 -131.77 44.85
C TYR A 498 -180.70 -133.22 44.41
N ARG A 499 -179.59 -133.91 44.11
CA ARG A 499 -179.69 -135.32 43.73
C ARG A 499 -180.11 -136.19 44.92
N SER A 500 -179.65 -135.83 46.13
CA SER A 500 -180.09 -136.55 47.32
C SER A 500 -181.57 -136.34 47.58
N GLN A 501 -182.07 -135.12 47.33
CA GLN A 501 -183.49 -134.85 47.45
C GLN A 501 -184.29 -135.66 46.44
N GLN A 502 -183.81 -135.74 45.19
CA GLN A 502 -184.49 -136.56 44.20
C GLN A 502 -184.45 -138.05 44.56
N GLU A 503 -183.33 -138.53 45.09
CA GLU A 503 -183.25 -139.92 45.53
C GLU A 503 -184.20 -140.21 46.68
N ALA A 504 -184.31 -139.28 47.62
CA ALA A 504 -185.26 -139.43 48.72
C ALA A 504 -186.69 -139.45 48.22
N ALA A 505 -187.03 -138.58 47.27
CA ALA A 505 -188.37 -138.57 46.70
C ALA A 505 -188.67 -139.87 45.94
N ALA A 506 -187.69 -140.37 45.19
CA ALA A 506 -187.87 -141.61 44.44
C ALA A 506 -188.02 -142.80 45.38
N LYS A 507 -187.27 -142.82 46.48
CA LYS A 507 -187.43 -143.90 47.46
C LYS A 507 -188.74 -143.77 48.22
N LYS A 508 -189.24 -142.54 48.38
CA LYS A 508 -190.57 -142.34 48.95
C LYS A 508 -191.68 -142.83 48.02
N PHE A 509 -191.51 -142.69 46.70
CA PHE A 509 -192.52 -143.14 45.76
C PHE A 509 -192.59 -144.65 45.61
N PHE A 510 -191.57 -145.38 46.03
CA PHE A 510 -191.59 -146.84 45.97
C PHE A 510 -192.03 -147.44 47.30
N PRO B 42 -3.72 19.36 -35.81
CA PRO B 42 -3.33 20.47 -36.68
C PRO B 42 -2.00 20.22 -37.37
N HIS B 43 -2.04 20.00 -38.68
CA HIS B 43 -0.82 19.83 -39.45
C HIS B 43 -0.03 21.14 -39.49
N ARG B 44 1.27 21.03 -39.25
CA ARG B 44 2.15 22.18 -39.26
C ARG B 44 2.67 22.40 -40.68
N ARG B 45 3.04 23.64 -40.97
CA ARG B 45 3.79 23.93 -42.18
C ARG B 45 4.92 24.86 -41.81
N PHE B 46 6.15 24.40 -42.00
CA PHE B 46 7.31 25.22 -41.70
C PHE B 46 7.39 26.40 -42.66
N GLU B 47 7.68 27.56 -42.11
CA GLU B 47 7.84 28.79 -42.89
C GLU B 47 9.28 29.26 -42.71
N TYR B 48 10.17 28.83 -43.62
CA TYR B 48 11.49 29.41 -43.69
C TYR B 48 11.43 30.89 -44.01
N LYS B 49 10.35 31.32 -44.65
CA LYS B 49 10.15 32.72 -44.98
C LYS B 49 9.86 33.58 -43.76
N TYR B 50 9.68 32.97 -42.57
CA TYR B 50 9.40 33.67 -41.33
C TYR B 50 10.22 33.10 -40.17
N SER B 51 11.41 32.57 -40.47
CA SER B 51 12.21 31.88 -39.48
C SER B 51 13.68 32.21 -39.68
N PHE B 52 14.48 31.94 -38.65
CA PHE B 52 15.93 31.96 -38.77
C PHE B 52 16.53 31.06 -37.69
N LYS B 53 17.74 30.57 -37.97
CA LYS B 53 18.36 29.54 -37.15
C LYS B 53 19.84 29.47 -37.51
N GLY B 54 20.64 28.94 -36.58
CA GLY B 54 22.01 28.61 -36.85
C GLY B 54 22.12 27.30 -37.59
N PRO B 55 23.33 26.80 -37.79
CA PRO B 55 24.62 27.35 -37.37
C PRO B 55 25.14 28.38 -38.36
N HIS B 56 24.34 28.66 -39.38
CA HIS B 56 24.64 29.72 -40.34
C HIS B 56 23.44 30.65 -40.31
N LEU B 57 23.43 31.55 -39.33
CA LEU B 57 22.31 32.45 -39.18
C LEU B 57 22.52 33.76 -39.93
N VAL B 58 23.76 34.20 -40.06
CA VAL B 58 24.09 35.46 -40.69
C VAL B 58 24.86 35.17 -41.98
N GLN B 59 24.39 35.74 -43.07
CA GLN B 59 25.01 35.55 -44.37
C GLN B 59 26.33 36.31 -44.43
N SER B 60 27.07 36.09 -45.53
CA SER B 60 28.40 36.69 -45.67
C SER B 60 28.35 38.21 -45.76
N ASP B 61 27.22 38.76 -46.22
CA ASP B 61 27.06 40.20 -46.24
C ASP B 61 26.72 40.77 -44.87
N GLY B 62 26.51 39.93 -43.86
CA GLY B 62 26.27 40.40 -42.52
C GLY B 62 24.82 40.55 -42.14
N THR B 63 23.90 39.98 -42.91
CA THR B 63 22.48 40.17 -42.67
C THR B 63 21.81 38.84 -42.40
N VAL B 64 20.70 38.91 -41.68
CA VAL B 64 19.81 37.77 -41.53
C VAL B 64 18.92 37.69 -42.77
N PRO B 65 18.81 36.53 -43.41
CA PRO B 65 17.75 36.37 -44.41
C PRO B 65 16.39 36.55 -43.77
N PHE B 66 15.48 37.09 -44.57
CA PHE B 66 14.04 37.16 -44.32
C PHE B 66 13.71 38.11 -43.17
N TRP B 67 14.73 38.72 -42.57
CA TRP B 67 14.61 39.37 -41.28
C TRP B 67 15.53 40.58 -41.25
N ALA B 68 14.95 41.74 -40.94
CA ALA B 68 15.68 42.99 -40.85
C ALA B 68 15.96 43.27 -39.38
N HIS B 69 17.24 43.30 -39.02
CA HIS B 69 17.65 43.67 -37.67
C HIS B 69 17.95 45.16 -37.60
N ALA B 70 17.69 45.75 -36.44
CA ALA B 70 17.94 47.17 -36.26
C ALA B 70 18.12 47.47 -34.79
N GLY B 71 18.65 48.65 -34.52
CA GLY B 71 18.97 49.07 -33.16
C GLY B 71 20.19 48.33 -32.64
N ASN B 72 20.12 47.92 -31.38
CA ASN B 72 21.22 47.20 -30.74
C ASN B 72 21.15 45.69 -30.98
N ALA B 73 20.37 45.26 -31.96
CA ALA B 73 20.36 43.85 -32.35
C ALA B 73 21.69 43.48 -32.98
N ILE B 74 22.35 42.47 -32.42
CA ILE B 74 23.65 42.04 -32.90
C ILE B 74 23.54 40.61 -33.39
N PRO B 75 23.31 40.39 -34.68
CA PRO B 75 23.14 39.02 -35.20
C PRO B 75 24.47 38.40 -35.54
N SER B 76 24.71 37.19 -35.02
CA SER B 76 25.84 36.37 -35.38
C SER B 76 25.35 35.14 -36.14
N SER B 77 26.28 34.41 -36.74
CA SER B 77 25.93 33.21 -37.50
C SER B 77 25.38 32.10 -36.60
N ASP B 78 25.59 32.19 -35.30
CA ASP B 78 24.97 31.27 -34.36
C ASP B 78 23.66 31.82 -33.79
N GLN B 79 23.72 33.01 -33.20
CA GLN B 79 22.56 33.58 -32.51
C GLN B 79 22.54 35.09 -32.77
N ILE B 80 21.58 35.77 -32.15
CA ILE B 80 21.47 37.22 -32.26
C ILE B 80 21.52 37.81 -30.86
N ARG B 81 22.44 38.73 -30.64
CA ARG B 81 22.42 39.52 -29.42
C ARG B 81 21.50 40.70 -29.68
N VAL B 82 20.22 40.50 -29.39
CA VAL B 82 19.22 41.54 -29.65
C VAL B 82 19.46 42.75 -28.75
N ALA B 83 19.81 42.51 -27.50
CA ALA B 83 20.18 43.62 -26.63
C ALA B 83 21.31 43.18 -25.71
N PRO B 84 22.50 43.74 -25.89
CA PRO B 84 23.66 43.29 -25.12
C PRO B 84 23.63 43.78 -23.68
N SER B 85 24.61 43.29 -22.92
CA SER B 85 24.76 43.61 -21.51
C SER B 85 25.41 44.98 -21.31
N LEU B 86 24.74 46.00 -21.84
CA LEU B 86 25.15 47.39 -21.68
C LEU B 86 23.91 48.22 -21.39
N LYS B 87 24.12 49.44 -20.92
CA LYS B 87 23.00 50.26 -20.48
C LYS B 87 22.19 50.77 -21.67
N SER B 88 20.87 50.62 -21.58
CA SER B 88 19.90 51.15 -22.53
C SER B 88 20.15 50.63 -23.94
N GLN B 89 20.07 49.31 -24.08
CA GLN B 89 20.25 48.66 -25.37
C GLN B 89 18.91 48.28 -25.94
N ARG B 90 18.64 48.72 -27.17
CA ARG B 90 17.36 48.48 -27.83
C ARG B 90 17.62 47.85 -29.18
N GLY B 91 17.16 46.62 -29.36
CA GLY B 91 17.31 45.94 -30.63
C GLY B 91 16.01 45.28 -31.03
N SER B 92 15.87 45.04 -32.34
CA SER B 92 14.64 44.44 -32.85
C SER B 92 14.88 43.89 -34.25
N VAL B 93 14.43 42.66 -34.47
CA VAL B 93 14.56 41.97 -35.74
C VAL B 93 13.16 41.60 -36.21
N TRP B 94 12.79 42.04 -37.40
CA TRP B 94 11.43 41.87 -37.89
C TRP B 94 11.40 41.10 -39.21
N THR B 95 10.28 40.43 -39.45
CA THR B 95 10.02 39.80 -40.73
C THR B 95 10.03 40.85 -41.83
N LYS B 96 10.79 40.57 -42.89
CA LYS B 96 10.76 41.45 -44.05
C LYS B 96 9.42 41.36 -44.77
N THR B 97 8.80 40.19 -44.74
CA THR B 97 7.52 39.96 -45.39
C THR B 97 6.40 39.89 -44.35
N LYS B 98 5.23 40.39 -44.74
CA LYS B 98 4.06 40.29 -43.88
C LYS B 98 3.51 38.87 -43.91
N ALA B 99 3.05 38.41 -42.75
CA ALA B 99 2.57 37.04 -42.57
C ALA B 99 1.05 37.00 -42.56
N ALA B 100 0.48 36.05 -43.30
CA ALA B 100 -0.97 35.84 -43.37
C ALA B 100 -1.26 34.37 -43.08
N PHE B 101 -1.33 34.03 -41.80
CA PHE B 101 -1.69 32.68 -41.36
C PHE B 101 -2.84 32.81 -40.38
N GLU B 102 -3.93 32.08 -40.64
CA GLU B 102 -5.04 32.08 -39.69
C GLU B 102 -4.63 31.46 -38.37
N ASN B 103 -4.08 30.26 -38.40
CA ASN B 103 -3.54 29.62 -37.22
C ASN B 103 -2.08 29.28 -37.48
N TRP B 104 -1.26 29.46 -36.46
CA TRP B 104 0.17 29.28 -36.59
C TRP B 104 0.76 28.95 -35.24
N GLU B 105 2.04 28.61 -35.27
CA GLU B 105 2.79 28.32 -34.05
C GLU B 105 4.24 28.71 -34.28
N VAL B 106 4.83 29.31 -33.26
CA VAL B 106 6.20 29.84 -33.34
C VAL B 106 7.02 29.27 -32.19
N GLU B 107 8.17 28.70 -32.52
CA GLU B 107 9.09 28.16 -31.53
C GLU B 107 10.35 29.01 -31.51
N VAL B 108 10.73 29.47 -30.32
CA VAL B 108 11.85 30.38 -30.16
C VAL B 108 12.80 29.78 -29.13
N THR B 109 14.07 29.66 -29.51
CA THR B 109 15.12 29.22 -28.60
C THR B 109 16.03 30.41 -28.30
N PHE B 110 16.30 30.65 -27.02
CA PHE B 110 16.92 31.91 -26.65
C PHE B 110 17.61 31.76 -25.31
N ARG B 111 18.25 32.84 -24.86
CA ARG B 111 18.94 32.89 -23.59
C ARG B 111 19.08 34.33 -23.13
N VAL B 112 18.64 34.59 -21.90
CA VAL B 112 18.87 35.86 -21.24
C VAL B 112 19.89 35.63 -20.13
N THR B 113 21.00 36.34 -20.20
CA THR B 113 22.07 36.18 -19.24
C THR B 113 22.28 37.48 -18.49
N GLY B 114 22.22 37.39 -17.16
CA GLY B 114 22.47 38.56 -16.33
C GLY B 114 23.45 38.26 -15.22
N ARG B 115 24.53 39.05 -15.14
CA ARG B 115 25.52 38.88 -14.08
C ARG B 115 24.92 39.17 -12.71
N GLY B 116 23.96 40.07 -12.62
CA GLY B 116 23.21 40.29 -11.41
C GLY B 116 21.96 39.44 -11.36
N ARG B 117 21.42 39.29 -10.15
CA ARG B 117 20.21 38.50 -9.97
C ARG B 117 19.00 39.19 -10.59
N ILE B 118 18.93 40.49 -10.48
CA ILE B 118 17.85 41.26 -11.09
C ILE B 118 18.27 41.61 -12.51
N GLY B 119 17.34 41.50 -13.45
CA GLY B 119 17.61 41.77 -14.84
C GLY B 119 16.77 42.91 -15.38
N ALA B 120 17.37 43.68 -16.28
CA ALA B 120 16.68 44.75 -16.97
C ALA B 120 17.20 44.83 -18.39
N ASP B 121 16.32 45.06 -19.36
CA ASP B 121 14.88 45.25 -19.18
C ASP B 121 14.17 43.95 -19.48
N GLY B 122 14.40 43.42 -20.66
CA GLY B 122 13.78 42.16 -21.04
C GLY B 122 13.58 42.06 -22.53
N LEU B 123 12.58 41.26 -22.88
CA LEU B 123 12.38 40.77 -24.24
C LEU B 123 10.92 40.94 -24.63
N ALA B 124 10.65 40.90 -25.93
CA ALA B 124 9.28 41.03 -26.41
C ALA B 124 9.17 40.40 -27.79
N ILE B 125 8.35 39.36 -27.90
CA ILE B 125 7.94 38.79 -29.17
C ILE B 125 6.72 39.57 -29.64
N TRP B 126 6.65 39.85 -30.95
CA TRP B 126 5.52 40.68 -31.46
C TRP B 126 4.88 40.14 -32.72
N TYR B 127 3.54 40.04 -32.77
CA TYR B 127 2.85 39.72 -34.04
C TYR B 127 2.07 40.99 -34.35
N ALA B 128 2.77 42.06 -34.73
CA ALA B 128 2.15 43.36 -34.91
C ALA B 128 2.06 43.64 -36.40
N GLU B 129 0.95 44.29 -36.79
CA GLU B 129 0.64 44.45 -38.21
C GLU B 129 1.73 45.22 -38.95
N ASN B 130 2.21 46.31 -38.35
CA ASN B 130 3.39 47.00 -38.84
C ASN B 130 4.65 46.43 -38.20
N GLN B 131 5.79 46.81 -38.77
CA GLN B 131 7.08 46.44 -38.19
C GLN B 131 7.52 47.52 -37.23
N GLY B 132 7.30 47.30 -35.94
CA GLY B 132 7.73 48.23 -34.92
C GLY B 132 9.19 48.03 -34.56
N LEU B 133 10.10 48.53 -35.41
CA LEU B 133 11.52 48.32 -35.15
C LEU B 133 12.01 49.09 -33.94
N GLU B 134 11.62 50.34 -33.80
CA GLU B 134 12.21 51.16 -32.74
C GLU B 134 11.15 51.87 -31.93
N GLY B 135 11.35 51.87 -30.62
CA GLY B 135 10.51 52.62 -29.70
C GLY B 135 10.84 52.27 -28.27
N PRO B 136 9.98 52.70 -27.33
CA PRO B 136 10.28 52.50 -25.92
C PRO B 136 9.94 51.11 -25.40
N VAL B 137 9.01 50.39 -26.01
CA VAL B 137 8.50 49.15 -25.45
C VAL B 137 9.45 48.06 -25.90
N PHE B 138 10.38 47.70 -25.00
CA PHE B 138 11.40 46.67 -25.21
C PHE B 138 12.24 46.95 -26.46
N GLY B 139 12.48 48.23 -26.73
CA GLY B 139 13.15 48.59 -27.96
C GLY B 139 12.27 48.67 -29.17
N SER B 140 10.97 48.47 -29.02
CA SER B 140 10.03 48.50 -30.12
C SER B 140 8.98 49.56 -29.84
N ALA B 141 8.32 50.00 -30.91
CA ALA B 141 7.39 51.10 -30.82
C ALA B 141 6.13 50.72 -30.04
N ASP B 142 5.56 51.71 -29.36
CA ASP B 142 4.26 51.55 -28.71
C ASP B 142 3.15 51.65 -29.76
N LEU B 143 1.91 51.49 -29.30
CA LEU B 143 0.70 51.62 -30.12
C LEU B 143 0.72 50.66 -31.30
N TRP B 144 1.13 49.42 -31.04
CA TRP B 144 1.17 48.42 -32.09
C TRP B 144 -0.21 47.82 -32.32
N ASN B 145 -0.48 47.48 -33.57
CA ASN B 145 -1.69 46.75 -33.94
C ASN B 145 -1.31 45.28 -34.08
N GLY B 146 -1.59 44.51 -33.05
CA GLY B 146 -1.22 43.12 -32.95
C GLY B 146 -1.16 42.69 -31.50
N VAL B 147 -0.19 41.82 -31.21
CA VAL B 147 -0.01 41.30 -29.86
C VAL B 147 1.48 41.29 -29.54
N GLY B 148 1.78 41.50 -28.26
CA GLY B 148 3.14 41.44 -27.76
C GLY B 148 3.24 40.59 -26.51
N ILE B 149 4.23 39.71 -26.50
CA ILE B 149 4.51 38.82 -25.38
C ILE B 149 5.81 39.31 -24.77
N PHE B 150 5.76 39.65 -23.49
CA PHE B 150 6.78 40.46 -22.85
C PHE B 150 7.42 39.65 -21.73
N PHE B 151 8.74 39.54 -21.78
CA PHE B 151 9.54 38.83 -20.78
C PHE B 151 10.22 39.93 -19.99
N ASP B 152 9.62 40.29 -18.86
CA ASP B 152 10.11 41.38 -18.04
C ASP B 152 10.80 40.77 -16.83
N SER B 153 12.13 40.92 -16.78
CA SER B 153 12.89 40.55 -15.61
C SER B 153 12.86 41.62 -14.53
N PHE B 154 12.64 42.87 -14.90
CA PHE B 154 12.66 43.97 -13.96
C PHE B 154 11.27 44.20 -13.40
N ASP B 155 11.18 44.30 -12.09
CA ASP B 155 9.90 44.51 -11.43
C ASP B 155 9.69 46.00 -11.17
N ASN B 156 9.34 46.72 -12.24
CA ASN B 156 9.04 48.14 -12.11
C ASN B 156 7.80 48.35 -11.27
N ASP B 157 6.86 47.40 -11.31
CA ASP B 157 5.64 47.52 -10.54
C ASP B 157 5.89 47.43 -9.04
N GLY B 158 7.02 46.87 -8.63
CA GLY B 158 7.30 46.69 -7.22
C GLY B 158 6.49 45.60 -6.57
N LYS B 159 5.80 44.78 -7.35
CA LYS B 159 4.88 43.76 -6.84
C LYS B 159 5.49 42.38 -6.87
N LYS B 160 6.81 42.30 -7.04
CA LYS B 160 7.61 41.09 -7.04
C LYS B 160 7.15 40.12 -8.13
N ASN B 161 6.56 40.65 -9.20
CA ASN B 161 6.12 39.80 -10.29
C ASN B 161 7.32 39.25 -11.05
N ASN B 162 8.22 40.14 -11.42
CA ASN B 162 9.23 39.88 -12.42
C ASN B 162 10.44 39.14 -11.86
N PRO B 163 11.07 38.24 -12.63
CA PRO B 163 10.83 37.87 -14.05
C PRO B 163 9.52 37.16 -14.33
N ALA B 164 8.81 37.64 -15.35
CA ALA B 164 7.48 37.13 -15.67
C ALA B 164 7.21 37.36 -17.15
N ILE B 165 6.17 36.69 -17.64
CA ILE B 165 5.80 36.72 -19.05
C ILE B 165 4.37 37.22 -19.13
N VAL B 166 4.15 38.24 -19.97
CA VAL B 166 2.90 38.97 -20.05
C VAL B 166 2.41 38.97 -21.49
N ILE B 167 1.13 38.66 -21.69
CA ILE B 167 0.48 38.76 -22.98
C ILE B 167 -0.31 40.06 -23.00
N ILE B 168 -0.04 40.92 -23.98
CA ILE B 168 -0.81 42.15 -24.15
C ILE B 168 -1.12 42.33 -25.63
N GLY B 169 -2.40 42.33 -25.97
CA GLY B 169 -2.81 42.60 -27.34
C GLY B 169 -3.35 44.01 -27.48
N ASN B 170 -2.78 44.77 -28.40
CA ASN B 170 -3.14 46.16 -28.60
C ASN B 170 -3.62 46.34 -30.04
N ASN B 171 -4.66 47.14 -30.23
CA ASN B 171 -5.12 47.45 -31.56
C ASN B 171 -4.32 48.58 -32.20
N GLY B 172 -3.38 49.16 -31.46
CA GLY B 172 -2.73 50.38 -31.85
C GLY B 172 -3.12 51.58 -31.02
N GLN B 173 -4.02 51.41 -30.04
CA GLN B 173 -4.51 52.50 -29.23
C GLN B 173 -4.12 52.39 -27.76
N ILE B 174 -3.49 51.30 -27.35
CA ILE B 174 -3.18 51.07 -25.95
C ILE B 174 -1.71 51.43 -25.73
N HIS B 175 -1.48 52.45 -24.91
CA HIS B 175 -0.13 52.83 -24.52
C HIS B 175 0.38 51.89 -23.44
N TYR B 176 1.53 51.28 -23.68
CA TYR B 176 2.11 50.38 -22.70
C TYR B 176 2.79 51.18 -21.60
N ASP B 177 2.22 51.15 -20.40
CA ASP B 177 2.86 51.74 -19.23
C ASP B 177 3.86 50.75 -18.66
N HIS B 178 5.14 51.10 -18.72
CA HIS B 178 6.19 50.23 -18.20
C HIS B 178 6.29 50.27 -16.68
N GLN B 179 5.71 51.29 -16.05
CA GLN B 179 5.97 51.52 -14.64
C GLN B 179 5.26 50.49 -13.75
N ASN B 180 4.05 50.09 -14.12
CA ASN B 180 3.37 49.03 -13.41
C ASN B 180 3.68 47.65 -14.00
N ASP B 181 4.76 47.55 -14.77
CA ASP B 181 5.09 46.36 -15.58
C ASP B 181 3.96 46.00 -16.55
N GLY B 182 3.14 46.99 -16.92
CA GLY B 182 2.00 46.75 -17.79
C GLY B 182 0.96 45.81 -17.23
N ALA B 183 0.74 45.86 -15.91
CA ALA B 183 -0.15 44.90 -15.27
C ALA B 183 -1.62 45.16 -15.60
N SER B 184 -1.95 46.41 -15.94
CA SER B 184 -3.35 46.76 -16.18
C SER B 184 -3.86 46.13 -17.47
N GLN B 185 -3.11 46.26 -18.56
CA GLN B 185 -3.49 45.73 -19.85
C GLN B 185 -3.00 44.30 -20.06
N ALA B 186 -2.55 43.64 -19.00
CA ALA B 186 -2.07 42.26 -19.07
C ALA B 186 -3.23 41.32 -19.37
N LEU B 187 -3.25 40.76 -20.58
CA LEU B 187 -4.26 39.77 -20.92
C LEU B 187 -4.07 38.50 -20.10
N ALA B 188 -2.83 38.05 -19.96
CA ALA B 188 -2.49 36.92 -19.12
C ALA B 188 -1.02 37.06 -18.74
N SER B 189 -0.61 36.30 -17.72
CA SER B 189 0.77 36.38 -17.26
C SER B 189 1.13 35.11 -16.50
N CYS B 190 2.38 34.69 -16.65
CA CYS B 190 2.93 33.60 -15.86
C CYS B 190 4.25 34.06 -15.24
N GLN B 191 4.38 33.89 -13.94
CA GLN B 191 5.59 34.30 -13.23
C GLN B 191 6.57 33.15 -13.24
N ARG B 192 7.55 33.22 -14.13
CA ARG B 192 8.58 32.21 -14.25
C ARG B 192 9.91 32.90 -14.48
N ASP B 193 10.97 32.35 -13.89
CA ASP B 193 12.31 32.86 -14.11
C ASP B 193 12.86 32.31 -15.42
N PHE B 194 13.52 33.17 -16.18
CA PHE B 194 14.08 32.78 -17.47
C PHE B 194 15.50 33.26 -17.66
N ARG B 195 16.11 33.91 -16.68
CA ARG B 195 17.47 34.40 -16.80
C ARG B 195 18.46 33.36 -16.33
N ASN B 196 19.64 33.36 -16.96
CA ASN B 196 20.83 32.63 -16.50
C ASN B 196 20.58 31.12 -16.42
N LYS B 197 19.85 30.61 -17.35
CA LYS B 197 19.57 29.18 -17.36
C LYS B 197 20.73 28.40 -17.96
N PRO B 198 20.94 27.15 -17.51
CA PRO B 198 22.03 26.35 -18.09
C PRO B 198 21.82 26.02 -19.56
N TYR B 199 20.65 25.69 -19.92
CA TYR B 199 20.26 25.39 -21.29
C TYR B 199 19.38 26.52 -21.82
N PRO B 200 19.36 26.73 -23.14
CA PRO B 200 18.56 27.82 -23.69
C PRO B 200 17.07 27.61 -23.47
N VAL B 201 16.41 28.67 -23.04
CA VAL B 201 14.98 28.65 -22.78
C VAL B 201 14.26 28.60 -24.11
N ARG B 202 13.21 27.79 -24.19
CA ARG B 202 12.49 27.54 -25.42
C ARG B 202 11.01 27.85 -25.21
N ALA B 203 10.42 28.51 -26.19
CA ALA B 203 9.04 28.98 -26.08
C ALA B 203 8.24 28.53 -27.29
N LYS B 204 7.04 28.03 -27.02
CA LYS B 204 6.08 27.64 -28.05
C LYS B 204 4.88 28.56 -27.92
N ILE B 205 4.55 29.24 -29.01
CA ILE B 205 3.49 30.23 -29.03
C ILE B 205 2.49 29.78 -30.09
N THR B 206 1.29 29.41 -29.65
CA THR B 206 0.35 28.69 -30.49
C THR B 206 -0.94 29.49 -30.64
N TYR B 207 -1.14 30.07 -31.81
CA TYR B 207 -2.43 30.68 -32.14
C TYR B 207 -3.20 29.69 -32.97
N TYR B 208 -4.23 29.10 -32.37
CA TYR B 208 -5.03 28.08 -33.03
C TYR B 208 -6.45 28.22 -32.54
N GLN B 209 -7.40 28.25 -33.48
CA GLN B 209 -8.83 28.39 -33.18
C GLN B 209 -9.09 29.63 -32.33
N ASN B 210 -8.37 30.71 -32.65
CA ASN B 210 -8.44 31.99 -31.94
C ASN B 210 -8.08 31.88 -30.47
N THR B 211 -7.24 30.93 -30.09
CA THR B 211 -6.64 31.00 -28.76
C THR B 211 -5.13 30.95 -28.89
N LEU B 212 -4.47 31.65 -27.98
CA LEU B 212 -3.01 31.77 -27.98
C LEU B 212 -2.50 31.13 -26.70
N THR B 213 -1.78 30.03 -26.86
CA THR B 213 -1.31 29.21 -25.75
C THR B 213 0.21 29.24 -25.71
N VAL B 214 0.78 29.29 -24.52
CA VAL B 214 2.21 29.35 -24.34
C VAL B 214 2.68 28.06 -23.69
N MET B 215 3.59 27.37 -24.36
CA MET B 215 4.36 26.29 -23.77
C MET B 215 5.78 26.78 -23.53
N ILE B 216 6.39 26.34 -22.43
CA ILE B 216 7.74 26.81 -22.13
C ILE B 216 8.60 25.64 -21.65
N ASN B 217 9.77 25.51 -22.24
CA ASN B 217 10.85 24.71 -21.69
C ASN B 217 11.64 25.54 -20.70
N ASN B 218 11.96 24.94 -19.55
CA ASN B 218 12.57 25.68 -18.44
C ASN B 218 13.99 26.14 -18.77
N GLY B 219 14.70 25.45 -19.63
CA GLY B 219 16.11 25.69 -19.80
C GLY B 219 16.96 25.06 -18.71
N PHE B 220 16.36 24.30 -17.81
CA PHE B 220 17.10 23.52 -16.82
C PHE B 220 17.37 22.11 -17.31
N THR B 221 16.86 21.74 -18.48
CA THR B 221 17.08 20.45 -19.10
C THR B 221 17.59 20.64 -20.51
N PRO B 222 18.42 19.72 -21.02
CA PRO B 222 18.79 19.77 -22.44
C PRO B 222 17.70 19.29 -23.37
N ASP B 223 16.57 18.82 -22.84
CA ASP B 223 15.44 18.46 -23.70
C ASP B 223 14.87 19.69 -24.37
N LYS B 224 14.67 19.58 -25.69
CA LYS B 224 14.06 20.66 -26.44
C LYS B 224 12.56 20.72 -26.23
N ASN B 225 11.91 19.58 -26.08
CA ASN B 225 10.45 19.49 -26.09
C ASN B 225 9.86 19.45 -24.69
N ASP B 226 10.63 19.83 -23.67
CA ASP B 226 10.17 19.81 -22.28
C ASP B 226 9.30 21.04 -22.00
N TYR B 227 8.22 21.16 -22.76
CA TYR B 227 7.42 22.36 -22.80
C TYR B 227 6.30 22.29 -21.76
N GLU B 228 6.07 23.42 -21.10
CA GLU B 228 5.13 23.47 -19.98
C GLU B 228 4.18 24.63 -20.17
N PHE B 229 2.93 24.43 -19.76
CA PHE B 229 1.95 25.52 -19.81
C PHE B 229 2.23 26.53 -18.71
N CYS B 230 2.14 27.81 -19.05
CA CYS B 230 2.13 28.84 -18.02
C CYS B 230 0.95 29.78 -18.21
N ALA B 231 0.59 30.08 -19.46
CA ALA B 231 -0.46 31.05 -19.73
C ALA B 231 -1.05 30.83 -21.11
N LYS B 232 -2.26 31.34 -21.28
CA LYS B 232 -2.94 31.36 -22.56
C LYS B 232 -4.07 32.39 -22.51
N VAL B 233 -4.51 32.81 -23.67
CA VAL B 233 -5.69 33.65 -23.83
C VAL B 233 -6.60 33.01 -24.86
N GLU B 234 -7.88 33.31 -24.77
CA GLU B 234 -8.90 32.67 -25.59
C GLU B 234 -9.74 33.73 -26.29
N ASN B 235 -10.39 33.30 -27.38
CA ASN B 235 -11.11 34.18 -28.31
C ASN B 235 -10.20 35.29 -28.81
N MET B 236 -8.94 34.94 -29.04
CA MET B 236 -7.92 35.96 -29.30
C MET B 236 -8.06 36.48 -30.73
N ILE B 237 -8.06 37.80 -30.85
CA ILE B 237 -8.22 38.47 -32.13
C ILE B 237 -6.89 39.11 -32.52
N ILE B 238 -6.44 38.84 -33.74
CA ILE B 238 -5.20 39.38 -34.27
C ILE B 238 -5.48 39.91 -35.67
N PRO B 239 -4.68 40.84 -36.19
CA PRO B 239 -4.72 41.11 -37.63
C PRO B 239 -4.28 39.87 -38.40
N ALA B 240 -5.10 39.47 -39.37
CA ALA B 240 -4.78 38.27 -40.15
C ALA B 240 -3.51 38.46 -40.95
N GLN B 241 -3.29 39.66 -41.48
CA GLN B 241 -2.01 40.04 -42.05
C GLN B 241 -1.24 40.81 -40.99
N GLY B 242 0.00 40.41 -40.77
CA GLY B 242 0.83 41.10 -39.81
C GLY B 242 2.27 40.66 -39.95
N HIS B 243 3.13 41.37 -39.25
CA HIS B 243 4.55 41.08 -39.22
C HIS B 243 4.92 40.47 -37.87
N PHE B 244 5.65 39.37 -37.91
CA PHE B 244 6.31 38.89 -36.71
C PHE B 244 7.60 39.65 -36.49
N GLY B 245 7.97 39.78 -35.23
CA GLY B 245 9.16 40.53 -34.88
C GLY B 245 9.60 40.17 -33.48
N ILE B 246 10.81 40.57 -33.15
CA ILE B 246 11.37 40.37 -31.83
C ILE B 246 12.06 41.66 -31.46
N SER B 247 11.99 42.02 -30.17
CA SER B 247 12.67 43.21 -29.69
C SER B 247 13.16 42.93 -28.28
N ALA B 248 14.16 43.69 -27.85
CA ALA B 248 14.71 43.51 -26.52
C ALA B 248 15.35 44.81 -26.07
N ALA B 249 15.19 45.11 -24.78
CA ALA B 249 15.73 46.31 -24.19
C ALA B 249 16.53 45.96 -22.94
N THR B 250 17.47 46.83 -22.63
CA THR B 250 18.38 46.67 -21.50
C THR B 250 18.52 48.01 -20.81
N GLY B 251 18.02 48.11 -19.58
CA GLY B 251 18.06 49.36 -18.85
C GLY B 251 19.41 49.62 -18.22
N GLY B 252 19.41 50.29 -17.06
CA GLY B 252 20.65 50.48 -16.33
C GLY B 252 21.28 49.16 -15.92
N LEU B 253 20.46 48.23 -15.45
CA LEU B 253 20.93 46.87 -15.25
C LEU B 253 21.13 46.19 -16.59
N ALA B 254 22.13 45.32 -16.66
CA ALA B 254 22.66 44.83 -17.92
C ALA B 254 22.32 43.35 -18.11
N ASP B 255 21.72 43.02 -19.24
CA ASP B 255 21.40 41.66 -19.63
C ASP B 255 21.79 41.44 -21.08
N ASP B 256 22.31 40.26 -21.37
CA ASP B 256 22.49 39.81 -22.74
C ASP B 256 21.25 39.04 -23.15
N HIS B 257 20.45 39.62 -24.02
CA HIS B 257 19.31 38.94 -24.62
C HIS B 257 19.77 38.39 -25.96
N ASP B 258 19.77 37.07 -26.10
CA ASP B 258 20.29 36.42 -27.29
C ASP B 258 19.28 35.39 -27.76
N VAL B 259 19.14 35.26 -29.07
CA VAL B 259 18.19 34.34 -29.68
C VAL B 259 18.95 33.39 -30.58
N LEU B 260 18.98 32.12 -30.20
CA LEU B 260 19.69 31.11 -30.98
C LEU B 260 18.89 30.70 -32.20
N SER B 261 17.57 30.63 -32.10
CA SER B 261 16.75 30.21 -33.22
C SER B 261 15.36 30.82 -33.10
N PHE B 262 14.70 30.95 -34.26
CA PHE B 262 13.33 31.39 -34.34
C PHE B 262 12.68 30.54 -35.41
N LEU B 263 11.65 29.78 -35.04
CA LEU B 263 11.01 28.85 -35.95
C LEU B 263 9.53 29.18 -36.06
N THR B 264 9.00 29.12 -37.28
CA THR B 264 7.62 29.48 -37.56
C THR B 264 6.91 28.33 -38.26
N PHE B 265 5.73 27.98 -37.76
CA PHE B 265 4.90 26.93 -38.34
C PHE B 265 3.46 27.40 -38.41
N GLN B 266 2.95 27.57 -39.61
CA GLN B 266 1.53 27.82 -39.78
C GLN B 266 0.76 26.55 -39.45
N LEU B 267 -0.28 26.70 -38.64
CA LEU B 267 -1.08 25.56 -38.21
C LEU B 267 -2.34 25.50 -39.05
N THR B 268 -2.59 24.35 -39.68
CA THR B 268 -3.87 24.10 -40.31
C THR B 268 -4.58 23.00 -39.53
N GLU B 269 -5.90 23.09 -39.49
CA GLU B 269 -6.67 22.10 -38.77
C GLU B 269 -6.62 20.77 -39.51
N PRO B 270 -6.61 19.64 -38.78
CA PRO B 270 -6.48 18.34 -39.46
C PRO B 270 -7.65 18.02 -40.37
N GLY B 271 -8.86 18.48 -40.04
CA GLY B 271 -9.98 18.34 -40.94
C GLY B 271 -9.98 19.31 -42.10
N LYS B 272 -9.10 20.31 -42.06
CA LYS B 272 -8.96 21.26 -43.16
C LYS B 272 -7.74 21.01 -44.02
N GLU B 273 -6.71 20.35 -43.48
CA GLU B 273 -5.59 19.92 -44.29
C GLU B 273 -6.05 18.80 -45.20
N PRO B 274 -5.96 18.93 -46.53
CA PRO B 274 -6.46 17.89 -47.42
C PRO B 274 -5.43 16.81 -47.70
N PRO B 275 -5.75 15.55 -47.43
CA PRO B 275 -4.81 14.46 -47.78
C PRO B 275 -4.92 14.07 -49.25
N THR B 276 -4.23 14.84 -50.10
CA THR B 276 -4.26 14.57 -51.53
C THR B 276 -3.43 13.33 -51.86
N PRO B 277 -4.03 12.28 -52.41
CA PRO B 277 -3.26 11.06 -52.71
C PRO B 277 -2.55 11.14 -54.06
N ASP B 278 -1.96 10.01 -54.46
CA ASP B 278 -1.43 9.72 -55.79
C ASP B 278 -0.16 10.51 -56.11
N LYS B 279 0.31 11.32 -55.17
CA LYS B 279 1.58 12.01 -55.34
C LYS B 279 2.74 11.30 -54.64
N GLU B 280 2.48 10.15 -54.02
CA GLU B 280 3.51 9.42 -53.27
C GLU B 280 4.35 8.52 -54.16
N ILE B 281 4.04 8.44 -55.47
CA ILE B 281 4.68 7.56 -56.44
C ILE B 281 4.59 6.14 -55.91
N SER B 282 3.38 5.77 -55.44
CA SER B 282 2.99 4.47 -54.92
C SER B 282 3.63 4.13 -53.57
N GLU B 283 4.57 4.96 -53.11
CA GLU B 283 5.22 4.93 -51.80
C GLU B 283 6.15 3.71 -51.65
N LYS B 284 6.14 2.79 -52.62
CA LYS B 284 7.02 1.64 -52.57
C LYS B 284 8.44 2.02 -52.97
N GLU B 285 8.58 2.94 -53.93
CA GLU B 285 9.91 3.45 -54.27
C GLU B 285 10.51 4.24 -53.12
N LYS B 286 9.67 4.86 -52.30
CA LYS B 286 10.17 5.55 -51.11
C LYS B 286 10.76 4.56 -50.11
N GLU B 287 10.08 3.43 -49.88
CA GLU B 287 10.61 2.37 -49.03
C GLU B 287 11.87 1.78 -49.63
N LYS B 288 11.90 1.61 -50.95
CA LYS B 288 13.09 1.11 -51.64
C LYS B 288 14.26 2.09 -51.50
N TYR B 289 13.96 3.38 -51.40
CA TYR B 289 15.06 4.38 -51.35
C TYR B 289 15.59 4.50 -49.92
N GLN B 290 14.72 4.63 -48.93
CA GLN B 290 15.16 4.91 -47.53
C GLN B 290 16.24 3.97 -46.99
N GLU B 291 16.10 2.65 -47.11
CA GLU B 291 17.06 1.78 -46.44
C GLU B 291 18.47 1.90 -47.03
N GLU B 292 18.58 2.35 -48.28
CA GLU B 292 19.90 2.65 -48.83
C GLU B 292 20.58 3.74 -48.03
N PHE B 293 19.84 4.82 -47.74
CA PHE B 293 20.40 5.92 -46.98
C PHE B 293 20.59 5.55 -45.52
N GLU B 294 19.74 4.66 -44.99
CA GLU B 294 19.95 4.19 -43.61
C GLU B 294 21.23 3.36 -43.48
N HIS B 295 21.44 2.41 -44.39
CA HIS B 295 22.70 1.67 -44.39
C HIS B 295 23.87 2.60 -44.64
N PHE B 296 23.67 3.62 -45.48
CA PHE B 296 24.75 4.54 -45.75
C PHE B 296 25.08 5.39 -44.54
N GLN B 297 24.08 5.78 -43.74
CA GLN B 297 24.40 6.56 -42.55
C GLN B 297 25.06 5.70 -41.48
N GLN B 298 24.70 4.41 -41.41
CA GLN B 298 25.41 3.50 -40.52
C GLN B 298 26.88 3.35 -40.92
N GLU B 299 27.12 3.12 -42.22
CA GLU B 299 28.51 3.00 -42.65
C GLU B 299 29.23 4.34 -42.63
N LEU B 300 28.49 5.45 -42.70
CA LEU B 300 29.10 6.77 -42.53
C LEU B 300 29.57 6.96 -41.09
N ASP B 301 28.78 6.49 -40.12
CA ASP B 301 29.25 6.47 -38.73
C ASP B 301 30.52 5.63 -38.62
N LYS B 302 30.53 4.47 -39.28
CA LYS B 302 31.74 3.62 -39.25
C LYS B 302 32.93 4.33 -39.89
N LYS B 303 32.71 5.08 -40.96
CA LYS B 303 33.80 5.80 -41.60
C LYS B 303 34.30 6.95 -40.73
N LYS B 304 33.39 7.66 -40.08
CA LYS B 304 33.77 8.78 -39.23
C LYS B 304 34.45 8.31 -37.96
N GLU B 305 34.28 7.03 -37.59
CA GLU B 305 34.83 6.55 -36.33
C GLU B 305 36.35 6.64 -36.27
N GLU B 306 37.05 6.01 -37.22
CA GLU B 306 38.50 5.90 -37.06
C GLU B 306 39.28 7.08 -37.66
N PHE B 307 38.79 8.30 -37.47
CA PHE B 307 39.59 9.47 -37.82
C PHE B 307 39.51 10.59 -36.79
N GLN B 308 38.46 10.65 -35.98
CA GLN B 308 38.56 11.42 -34.73
C GLN B 308 39.59 10.79 -33.81
N LYS B 309 39.66 9.46 -33.79
CA LYS B 309 40.72 8.74 -33.11
C LYS B 309 41.89 8.42 -34.04
N GLY B 310 41.67 8.38 -35.35
CA GLY B 310 42.76 8.18 -36.27
C GLY B 310 43.74 9.35 -36.26
N HIS B 311 43.22 10.57 -36.23
CA HIS B 311 44.02 11.78 -36.03
C HIS B 311 43.35 12.64 -34.96
N PRO B 312 43.72 12.43 -33.68
CA PRO B 312 43.17 13.16 -32.54
C PRO B 312 43.67 14.60 -32.46
N GLU B 324 35.77 17.73 -23.05
CA GLU B 324 34.78 18.01 -22.01
C GLU B 324 35.44 18.26 -20.67
N SER B 325 35.05 19.37 -20.02
CA SER B 325 35.60 19.69 -18.71
C SER B 325 35.07 18.73 -17.66
N VAL B 326 35.99 18.18 -16.87
CA VAL B 326 35.59 17.43 -15.68
C VAL B 326 34.94 18.40 -14.70
N GLY B 327 33.81 18.01 -14.14
CA GLY B 327 33.00 18.96 -13.42
C GLY B 327 31.85 19.51 -14.23
N ASP B 328 32.13 20.12 -15.38
CA ASP B 328 31.05 20.46 -16.29
C ASP B 328 30.31 19.20 -16.72
N ARG B 329 31.05 18.12 -16.94
CA ARG B 329 30.45 16.80 -17.07
C ARG B 329 29.70 16.43 -15.79
N GLU B 330 30.28 16.70 -14.62
CA GLU B 330 29.64 16.30 -13.37
C GLU B 330 28.41 17.17 -13.07
N LEU B 331 28.50 18.48 -13.30
CA LEU B 331 27.33 19.33 -13.18
C LEU B 331 26.24 18.93 -14.17
N ARG B 332 26.64 18.55 -15.38
CA ARG B 332 25.68 18.05 -16.36
C ARG B 332 25.01 16.77 -15.86
N GLN B 333 25.81 15.90 -15.22
CA GLN B 333 25.27 14.67 -14.67
C GLN B 333 24.27 14.96 -13.56
N VAL B 334 24.56 15.95 -12.71
CA VAL B 334 23.62 16.33 -11.66
C VAL B 334 22.36 16.95 -12.27
N PHE B 335 22.52 17.72 -13.34
CA PHE B 335 21.38 18.36 -13.99
C PHE B 335 20.45 17.32 -14.59
N GLU B 336 21.01 16.38 -15.35
CA GLU B 336 20.17 15.30 -15.85
C GLU B 336 19.68 14.41 -14.73
N GLY B 337 20.40 14.35 -13.60
CA GLY B 337 19.91 13.60 -12.46
C GLY B 337 18.61 14.16 -11.92
N GLN B 338 18.58 15.47 -11.70
CA GLN B 338 17.35 16.16 -11.36
C GLN B 338 16.30 15.95 -12.44
N ASN B 339 16.73 15.93 -13.70
CA ASN B 339 15.79 15.78 -14.81
C ASN B 339 15.06 14.45 -14.75
N ARG B 340 15.79 13.33 -14.66
CA ARG B 340 15.06 12.07 -14.65
C ARG B 340 14.46 11.76 -13.28
N ILE B 341 14.90 12.43 -12.20
CA ILE B 341 14.11 12.39 -10.97
C ILE B 341 12.72 12.97 -11.24
N HIS B 342 12.68 14.12 -11.91
CA HIS B 342 11.41 14.74 -12.26
C HIS B 342 10.63 13.87 -13.24
N LEU B 343 11.32 13.21 -14.16
CA LEU B 343 10.63 12.36 -15.13
C LEU B 343 10.01 11.13 -14.46
N GLU B 344 10.76 10.51 -13.54
CA GLU B 344 10.24 9.37 -12.79
C GLU B 344 9.03 9.77 -11.96
N ILE B 345 9.08 10.94 -11.32
CA ILE B 345 7.96 11.31 -10.48
C ILE B 345 6.78 11.84 -11.30
N LYS B 346 7.01 12.33 -12.51
CA LYS B 346 5.90 12.65 -13.41
C LYS B 346 5.24 11.38 -13.93
N GLN B 347 6.05 10.35 -14.19
CA GLN B 347 5.50 9.04 -14.49
C GLN B 347 4.70 8.52 -13.29
N LEU B 348 5.15 8.84 -12.09
CA LEU B 348 4.40 8.46 -10.89
C LEU B 348 3.08 9.22 -10.80
N ASN B 349 3.06 10.50 -11.22
CA ASN B 349 1.81 11.23 -11.37
C ASN B 349 0.84 10.48 -12.28
N ARG B 350 1.32 10.09 -13.45
CA ARG B 350 0.45 9.43 -14.41
C ARG B 350 -0.02 8.07 -13.91
N GLN B 351 0.87 7.35 -13.23
CA GLN B 351 0.52 6.07 -12.63
C GLN B 351 -0.56 6.23 -11.56
N LEU B 352 -0.38 7.19 -10.67
CA LEU B 352 -1.35 7.40 -9.60
C LEU B 352 -2.67 7.93 -10.15
N ASP B 353 -2.61 8.76 -11.18
CA ASP B 353 -3.82 9.28 -11.81
C ASP B 353 -4.60 8.17 -12.51
N MET B 354 -3.90 7.27 -13.21
CA MET B 354 -4.61 6.18 -13.87
C MET B 354 -5.12 5.16 -12.86
N ILE B 355 -4.43 5.01 -11.73
CA ILE B 355 -4.95 4.18 -10.64
C ILE B 355 -6.24 4.77 -10.10
N LEU B 356 -6.25 6.10 -9.89
CA LEU B 356 -7.46 6.82 -9.50
C LEU B 356 -8.60 6.56 -10.49
N ASP B 357 -8.31 6.73 -11.79
CA ASP B 357 -9.34 6.60 -12.80
C ASP B 357 -9.87 5.18 -12.89
N GLU B 358 -8.98 4.19 -12.81
CA GLU B 358 -9.41 2.79 -12.79
C GLU B 358 -10.25 2.47 -11.58
N GLN B 359 -9.93 3.07 -10.42
CA GLN B 359 -10.76 2.88 -9.24
C GLN B 359 -12.14 3.48 -9.44
N ARG B 360 -12.23 4.67 -10.05
CA ARG B 360 -13.54 5.27 -10.27
C ARG B 360 -14.36 4.56 -11.33
N ARG B 361 -13.83 3.52 -11.97
CA ARG B 361 -14.63 2.68 -12.84
C ARG B 361 -14.92 1.32 -12.24
N TYR B 362 -13.94 0.69 -11.56
CA TYR B 362 -14.25 -0.63 -11.02
C TYR B 362 -15.08 -0.55 -9.73
N VAL B 363 -14.95 0.53 -8.95
CA VAL B 363 -15.84 0.70 -7.80
C VAL B 363 -17.27 0.91 -8.27
N SER B 364 -17.45 1.71 -9.32
CA SER B 364 -18.79 1.91 -9.90
C SER B 364 -19.34 0.61 -10.47
N SER B 365 -18.49 -0.19 -11.12
CA SER B 365 -18.95 -1.46 -11.67
C SER B 365 -19.31 -2.44 -10.56
N LEU B 366 -18.56 -2.46 -9.46
CA LEU B 366 -18.93 -3.31 -8.32
C LEU B 366 -20.23 -2.86 -7.69
N THR B 367 -20.45 -1.54 -7.61
CA THR B 367 -21.73 -1.02 -7.16
C THR B 367 -22.87 -1.49 -8.04
N GLU B 368 -22.66 -1.46 -9.37
CA GLU B 368 -23.67 -1.91 -10.30
C GLU B 368 -23.92 -3.41 -10.18
N GLU B 369 -22.87 -4.21 -10.00
CA GLU B 369 -23.03 -5.65 -9.80
C GLU B 369 -23.81 -5.96 -8.54
N ILE B 370 -23.52 -5.24 -7.45
CA ILE B 370 -24.27 -5.43 -6.21
C ILE B 370 -25.73 -5.06 -6.41
N SER B 371 -25.99 -3.94 -7.09
CA SER B 371 -27.37 -3.51 -7.32
C SER B 371 -28.12 -4.48 -8.23
N LYS B 372 -27.42 -5.14 -9.15
CA LYS B 372 -28.07 -6.08 -10.05
C LYS B 372 -28.31 -7.43 -9.37
N ARG B 373 -27.34 -7.90 -8.58
CA ARG B 373 -27.40 -9.26 -8.06
C ARG B 373 -28.11 -9.35 -6.71
N GLY B 374 -28.22 -8.24 -5.97
CA GLY B 374 -28.96 -8.28 -4.72
C GLY B 374 -30.43 -8.56 -4.93
N ALA B 375 -31.02 -7.95 -5.96
CA ALA B 375 -32.38 -8.24 -6.39
C ALA B 375 -32.39 -8.27 -7.91
N GLY B 376 -32.83 -9.39 -8.48
CA GLY B 376 -32.89 -9.52 -9.92
C GLY B 376 -33.95 -8.61 -10.53
N MET B 377 -33.76 -8.31 -11.81
CA MET B 377 -34.69 -7.46 -12.55
C MET B 377 -35.52 -8.32 -13.49
N PRO B 378 -36.84 -8.38 -13.32
CA PRO B 378 -37.65 -7.69 -12.30
C PRO B 378 -37.75 -8.48 -11.00
N GLY B 379 -37.26 -9.72 -10.98
CA GLY B 379 -37.30 -10.52 -9.76
C GLY B 379 -38.68 -10.98 -9.37
N GLN B 380 -39.63 -11.00 -10.29
CA GLN B 380 -40.98 -11.43 -10.01
C GLN B 380 -41.02 -12.94 -9.82
N HIS B 381 -41.86 -13.38 -8.86
CA HIS B 381 -41.96 -14.77 -8.43
C HIS B 381 -40.60 -15.33 -8.01
N GLY B 382 -39.82 -14.48 -7.36
CA GLY B 382 -38.50 -14.83 -6.87
C GLY B 382 -38.51 -14.95 -5.36
N GLN B 383 -38.10 -13.88 -4.68
CA GLN B 383 -38.29 -13.77 -3.23
C GLN B 383 -39.76 -13.90 -2.89
N ILE B 384 -40.10 -14.87 -2.03
CA ILE B 384 -41.49 -15.17 -1.76
C ILE B 384 -42.08 -14.06 -0.89
N THR B 385 -43.16 -13.46 -1.36
CA THR B 385 -43.81 -12.39 -0.62
C THR B 385 -44.51 -12.93 0.61
N GLN B 386 -44.73 -12.05 1.59
CA GLN B 386 -45.44 -12.43 2.80
C GLN B 386 -46.92 -12.67 2.54
N GLN B 387 -47.46 -12.12 1.45
CA GLN B 387 -48.89 -12.28 1.15
C GLN B 387 -49.25 -13.72 0.86
N GLU B 388 -48.42 -14.41 0.06
CA GLU B 388 -48.68 -15.81 -0.26
C GLU B 388 -48.61 -16.69 0.98
N LEU B 389 -47.62 -16.46 1.83
CA LEU B 389 -47.48 -17.21 3.08
C LEU B 389 -48.65 -16.92 4.02
N ASP B 390 -49.11 -15.67 4.07
CA ASP B 390 -50.24 -15.33 4.91
C ASP B 390 -51.52 -15.98 4.42
N THR B 391 -51.72 -16.03 3.10
CA THR B 391 -52.86 -16.75 2.53
C THR B 391 -52.79 -18.23 2.86
N VAL B 392 -51.59 -18.81 2.79
CA VAL B 392 -51.39 -20.22 3.14
C VAL B 392 -51.74 -20.45 4.61
N VAL B 393 -51.27 -19.58 5.50
CA VAL B 393 -51.51 -19.72 6.94
C VAL B 393 -53.00 -19.58 7.26
N LYS B 394 -53.68 -18.63 6.61
CA LYS B 394 -55.11 -18.45 6.80
C LYS B 394 -55.88 -19.68 6.33
N THR B 395 -55.48 -20.24 5.19
CA THR B 395 -56.10 -21.48 4.71
C THR B 395 -55.89 -22.62 5.70
N GLN B 396 -54.68 -22.72 6.26
CA GLN B 396 -54.39 -23.80 7.20
C GLN B 396 -55.19 -23.68 8.48
N HIS B 397 -55.36 -22.46 8.97
CA HIS B 397 -56.14 -22.28 10.19
C HIS B 397 -57.62 -22.50 9.93
N GLU B 398 -58.09 -22.14 8.73
CA GLU B 398 -59.44 -22.53 8.29
C GLU B 398 -59.61 -24.04 8.28
N ILE B 399 -58.61 -24.75 7.75
CA ILE B 399 -58.64 -26.20 7.69
C ILE B 399 -58.62 -26.80 9.10
N LEU B 400 -57.80 -26.23 9.98
CA LEU B 400 -57.74 -26.71 11.36
C LEU B 400 -59.07 -26.53 12.07
N ARG B 401 -59.73 -25.39 11.85
CA ARG B 401 -61.04 -25.16 12.44
C ARG B 401 -62.06 -26.17 11.93
N GLN B 402 -62.07 -26.41 10.61
CA GLN B 402 -63.04 -27.36 10.06
C GLN B 402 -62.75 -28.80 10.48
N VAL B 403 -61.47 -29.15 10.62
CA VAL B 403 -61.10 -30.48 11.10
C VAL B 403 -61.48 -30.65 12.57
N ASN B 404 -61.35 -29.60 13.37
CA ASN B 404 -61.82 -29.66 14.76
C ASN B 404 -63.33 -29.82 14.83
N GLU B 405 -64.06 -29.10 13.97
CA GLU B 405 -65.51 -29.27 13.88
C GLU B 405 -65.89 -30.69 13.48
N MET B 406 -65.16 -31.25 12.51
CA MET B 406 -65.44 -32.63 12.12
C MET B 406 -65.07 -33.62 13.20
N LYS B 407 -64.05 -33.31 14.00
CA LYS B 407 -63.69 -34.19 15.11
C LYS B 407 -64.80 -34.20 16.16
N ASN B 408 -65.38 -33.03 16.43
CA ASN B 408 -66.53 -32.96 17.34
C ASN B 408 -67.72 -33.74 16.77
N SER B 409 -68.01 -33.56 15.48
CA SER B 409 -69.09 -34.29 14.84
C SER B 409 -68.82 -35.79 14.79
N MET B 410 -67.55 -36.18 14.67
CA MET B 410 -67.17 -37.58 14.64
C MET B 410 -67.37 -38.23 16.01
N SER B 411 -67.00 -37.51 17.08
CA SER B 411 -67.27 -38.00 18.42
C SER B 411 -68.77 -38.13 18.68
N GLU B 412 -69.55 -37.14 18.20
CA GLU B 412 -71.01 -37.22 18.28
C GLU B 412 -71.54 -38.44 17.55
N THR B 413 -71.01 -38.70 16.36
CA THR B 413 -71.43 -39.85 15.56
C THR B 413 -71.10 -41.16 16.26
N VAL B 414 -69.89 -41.27 16.82
CA VAL B 414 -69.50 -42.50 17.51
C VAL B 414 -70.39 -42.73 18.72
N ARG B 415 -70.69 -41.66 19.46
CA ARG B 415 -71.62 -41.76 20.59
C ARG B 415 -73.01 -42.22 20.14
N LEU B 416 -73.51 -41.68 19.03
CA LEU B 416 -74.85 -42.05 18.56
C LEU B 416 -74.89 -43.48 18.04
N VAL B 417 -73.84 -43.90 17.32
CA VAL B 417 -73.80 -45.26 16.77
C VAL B 417 -73.62 -46.29 17.87
N SER B 418 -72.91 -45.94 18.95
CA SER B 418 -72.69 -46.87 20.05
C SER B 418 -73.96 -47.23 20.80
N GLY B 419 -75.06 -46.51 20.58
CA GLY B 419 -76.34 -46.88 21.16
C GLY B 419 -77.18 -47.75 20.24
N MET B 420 -76.57 -48.25 19.16
CA MET B 420 -77.28 -49.10 18.21
C MET B 420 -76.80 -50.54 18.21
N GLN B 421 -75.49 -50.78 18.02
CA GLN B 421 -74.98 -52.15 18.03
C GLN B 421 -75.00 -52.75 19.43
N HIS B 422 -75.02 -51.93 20.47
CA HIS B 422 -75.08 -52.41 21.85
C HIS B 422 -76.27 -51.78 22.54
N PRO B 423 -77.48 -52.30 22.31
CA PRO B 423 -78.67 -51.76 22.98
C PRO B 423 -79.05 -52.47 24.28
N GLY B 424 -78.33 -53.53 24.66
CA GLY B 424 -78.70 -54.28 25.83
C GLY B 424 -79.93 -55.15 25.65
N SER B 425 -80.36 -55.38 24.42
CA SER B 425 -81.56 -56.17 24.14
C SER B 425 -81.32 -57.24 23.09
N ALA B 426 -80.07 -57.68 22.91
CA ALA B 426 -79.79 -58.78 22.00
C ALA B 426 -80.39 -60.08 22.51
N GLY B 427 -80.36 -60.29 23.83
CA GLY B 427 -80.96 -61.48 24.42
C GLY B 427 -82.45 -61.57 24.25
N GLY B 428 -83.12 -60.45 23.97
CA GLY B 428 -84.52 -60.49 23.58
C GLY B 428 -84.74 -61.29 22.32
N VAL B 429 -83.78 -61.26 21.39
CA VAL B 429 -83.82 -62.13 20.23
C VAL B 429 -83.77 -63.59 20.66
N TYR B 430 -82.98 -63.90 21.70
CA TYR B 430 -82.99 -65.24 22.27
C TYR B 430 -84.20 -65.46 23.17
N GLU B 431 -84.93 -64.40 23.53
CA GLU B 431 -86.07 -64.55 24.42
C GLU B 431 -87.32 -64.97 23.63
N THR B 432 -87.73 -64.12 22.68
CA THR B 432 -89.05 -64.22 22.04
C THR B 432 -89.22 -65.55 21.32
N THR B 433 -88.23 -65.97 20.54
CA THR B 433 -88.29 -67.24 19.84
C THR B 433 -88.42 -68.40 20.81
N GLN B 434 -87.67 -68.35 21.92
CA GLN B 434 -87.81 -69.34 22.98
C GLN B 434 -89.24 -69.35 23.50
N HIS B 435 -89.81 -68.15 23.70
CA HIS B 435 -91.19 -68.00 24.12
C HIS B 435 -92.14 -68.72 23.17
N PHE B 436 -91.85 -68.67 21.86
CA PHE B 436 -92.68 -69.33 20.87
C PHE B 436 -92.76 -70.82 21.14
N ILE B 437 -91.61 -71.43 21.45
CA ILE B 437 -91.55 -72.87 21.73
C ILE B 437 -92.46 -73.19 22.91
N ASP B 438 -92.51 -72.29 23.89
CA ASP B 438 -93.37 -72.47 25.06
C ASP B 438 -94.81 -72.68 24.65
N ILE B 439 -95.34 -71.77 23.81
CA ILE B 439 -96.73 -71.92 23.36
C ILE B 439 -96.91 -73.24 22.64
N LYS B 440 -95.94 -73.57 21.77
CA LYS B 440 -95.98 -74.83 21.04
C LYS B 440 -96.10 -75.99 22.00
N GLU B 441 -95.22 -76.01 23.00
CA GLU B 441 -95.25 -77.06 24.02
C GLU B 441 -96.60 -77.08 24.72
N HIS B 442 -97.05 -75.89 25.16
CA HIS B 442 -98.32 -75.78 25.84
C HIS B 442 -99.45 -76.21 24.92
N LEU B 443 -99.40 -75.75 23.66
CA LEU B 443 -100.43 -76.14 22.71
C LEU B 443 -100.42 -77.63 22.50
N HIS B 444 -99.21 -78.21 22.39
CA HIS B 444 -99.08 -79.65 22.23
C HIS B 444 -99.72 -80.37 23.40
N ILE B 445 -99.43 -79.89 24.63
CA ILE B 445 -100.03 -80.47 25.84
C ILE B 445 -101.54 -80.38 25.74
N VAL B 446 -102.04 -79.18 25.43
CA VAL B 446 -103.48 -78.97 25.33
C VAL B 446 -104.04 -79.82 24.20
N LYS B 447 -103.31 -79.89 23.08
CA LYS B 447 -103.76 -80.70 21.95
C LYS B 447 -103.87 -82.15 22.34
N ARG B 448 -102.87 -82.63 23.10
CA ARG B 448 -102.89 -84.01 23.58
C ARG B 448 -104.09 -84.24 24.47
N ASP B 449 -104.38 -83.28 25.35
CA ASP B 449 -105.53 -83.39 26.23
C ASP B 449 -106.82 -83.45 25.43
N ILE B 450 -106.90 -82.65 24.35
CA ILE B 450 -108.08 -82.68 23.49
C ILE B 450 -108.22 -84.04 22.85
N ASP B 451 -107.09 -84.62 22.41
CA ASP B 451 -107.14 -85.99 21.89
C ASP B 451 -107.57 -86.96 22.98
N ASN B 452 -107.06 -86.76 24.20
CA ASN B 452 -107.46 -87.60 25.32
C ASN B 452 -108.92 -87.40 25.69
N LEU B 453 -109.53 -86.31 25.25
CA LEU B 453 -110.97 -86.19 25.36
C LEU B 453 -111.66 -86.86 24.16
N VAL B 454 -111.16 -86.59 22.95
CA VAL B 454 -111.87 -86.97 21.74
C VAL B 454 -111.89 -88.49 21.58
N GLN B 455 -110.73 -89.13 21.80
CA GLN B 455 -110.66 -90.58 21.76
C GLN B 455 -111.47 -91.24 22.87
N ARG B 456 -111.82 -90.49 23.92
CA ARG B 456 -112.69 -91.02 24.96
C ARG B 456 -114.16 -90.69 24.72
N ASN B 457 -114.47 -89.94 23.67
CA ASN B 457 -115.85 -89.65 23.30
C ASN B 457 -116.24 -90.19 21.94
N MET B 458 -115.32 -90.84 21.23
CA MET B 458 -115.65 -91.46 19.96
C MET B 458 -116.57 -92.66 20.19
N PRO B 459 -117.52 -92.91 19.27
CA PRO B 459 -118.29 -94.14 19.35
C PRO B 459 -117.41 -95.36 19.11
N SER B 460 -117.72 -96.45 19.80
CA SER B 460 -116.91 -97.66 19.75
C SER B 460 -117.78 -98.86 19.40
N ASN B 461 -117.13 -99.88 18.83
CA ASN B 461 -117.84 -101.13 18.55
C ASN B 461 -118.25 -101.85 19.83
N GLU B 462 -117.49 -101.64 20.91
CA GLU B 462 -117.90 -102.16 22.21
C GLU B 462 -119.16 -101.46 22.69
N LYS B 463 -120.10 -102.24 23.22
CA LYS B 463 -121.41 -101.74 23.59
C LYS B 463 -121.69 -102.07 25.05
N PRO B 464 -122.47 -101.23 25.75
CA PRO B 464 -122.85 -101.56 27.13
C PRO B 464 -123.86 -102.70 27.18
N LYS B 465 -123.37 -103.93 27.05
CA LYS B 465 -124.22 -105.10 27.03
C LYS B 465 -124.80 -105.39 28.41
N CYS B 466 -126.08 -105.08 28.59
CA CYS B 466 -126.76 -105.48 29.81
C CYS B 466 -126.88 -107.01 29.85
N PRO B 467 -126.86 -107.62 31.04
CA PRO B 467 -126.96 -109.08 31.11
C PRO B 467 -128.28 -109.59 30.55
N GLU B 468 -128.20 -110.71 29.83
CA GLU B 468 -129.38 -111.28 29.18
C GLU B 468 -130.34 -111.84 30.23
N LEU B 469 -131.62 -111.61 30.02
CA LEU B 469 -132.64 -112.18 30.90
C LEU B 469 -132.71 -113.68 30.70
N PRO B 470 -132.78 -114.47 31.77
CA PRO B 470 -132.96 -115.91 31.60
C PRO B 470 -134.32 -116.23 31.03
N PRO B 471 -134.48 -117.37 30.37
CA PRO B 471 -135.82 -117.76 29.88
C PRO B 471 -136.80 -117.91 31.01
N PHE B 472 -138.04 -117.48 30.76
CA PHE B 472 -139.05 -117.43 31.81
C PHE B 472 -139.43 -118.85 32.23
N PRO B 473 -139.38 -119.17 33.51
CA PRO B 473 -139.92 -120.46 33.98
C PRO B 473 -141.43 -120.49 33.78
N SER B 474 -141.91 -121.56 33.16
CA SER B 474 -143.31 -121.65 32.72
C SER B 474 -144.20 -121.89 33.94
N CYS B 475 -144.50 -120.80 34.64
CA CYS B 475 -145.48 -120.86 35.71
C CYS B 475 -146.87 -121.05 35.14
N LEU B 476 -147.77 -121.58 35.97
CA LEU B 476 -149.12 -121.88 35.52
C LEU B 476 -149.90 -120.59 35.26
N SER B 477 -150.47 -120.49 34.07
CA SER B 477 -151.27 -119.34 33.70
C SER B 477 -152.74 -119.57 34.03
N THR B 478 -153.56 -118.55 33.74
CA THR B 478 -154.98 -118.65 34.06
C THR B 478 -155.70 -119.62 33.13
N VAL B 479 -155.36 -119.58 31.83
CA VAL B 479 -156.12 -120.36 30.84
C VAL B 479 -155.85 -121.85 31.01
N HIS B 480 -154.58 -122.24 31.21
CA HIS B 480 -154.24 -123.64 31.45
C HIS B 480 -154.89 -124.15 32.73
N PHE B 481 -154.89 -123.33 33.77
CA PHE B 481 -155.55 -123.68 35.03
C PHE B 481 -157.04 -123.91 34.82
N ILE B 482 -157.69 -123.01 34.09
CA ILE B 482 -159.14 -123.13 33.85
C ILE B 482 -159.44 -124.39 33.04
N ILE B 483 -158.64 -124.66 32.01
CA ILE B 483 -158.88 -125.83 31.15
C ILE B 483 -158.68 -127.12 31.93
N PHE B 484 -157.62 -127.20 32.74
CA PHE B 484 -157.37 -128.43 33.49
C PHE B 484 -158.39 -128.64 34.61
N VAL B 485 -158.85 -127.55 35.27
CA VAL B 485 -159.91 -127.71 36.26
C VAL B 485 -161.22 -128.11 35.59
N VAL B 486 -161.49 -127.62 34.38
CA VAL B 486 -162.67 -128.05 33.63
C VAL B 486 -162.60 -129.53 33.32
N VAL B 487 -161.44 -130.01 32.86
CA VAL B 487 -161.26 -131.42 32.55
C VAL B 487 -161.42 -132.27 33.81
N GLN B 488 -160.81 -131.83 34.92
CA GLN B 488 -160.91 -132.54 36.19
C GLN B 488 -162.36 -132.61 36.68
N THR B 489 -163.09 -131.49 36.59
CA THR B 489 -164.46 -131.46 37.08
C THR B 489 -165.38 -132.29 36.20
N VAL B 490 -165.16 -132.26 34.88
CA VAL B 490 -165.94 -133.11 33.98
C VAL B 490 -165.70 -134.58 34.28
N LEU B 491 -164.43 -134.96 34.48
CA LEU B 491 -164.12 -136.35 34.82
C LEU B 491 -164.70 -136.75 36.17
N PHE B 492 -164.66 -135.83 37.15
CA PHE B 492 -165.17 -136.10 38.49
C PHE B 492 -166.69 -136.28 38.47
N ILE B 493 -167.40 -135.39 37.79
CA ILE B 493 -168.86 -135.49 37.70
C ILE B 493 -169.26 -136.72 36.92
N GLY B 494 -168.54 -137.04 35.83
CA GLY B 494 -168.83 -138.26 35.09
C GLY B 494 -168.59 -139.52 35.90
N TYR B 495 -167.51 -139.54 36.69
CA TYR B 495 -167.23 -140.68 37.55
C TYR B 495 -168.30 -140.84 38.62
N ILE B 496 -168.74 -139.73 39.23
CA ILE B 496 -169.78 -139.81 40.27
C ILE B 496 -171.09 -140.31 39.67
N MET B 497 -171.48 -139.78 38.51
CA MET B 497 -172.71 -140.21 37.84
C MET B 497 -172.64 -141.68 37.45
N TYR B 498 -171.52 -142.11 36.88
CA TYR B 498 -171.38 -143.49 36.44
C TYR B 498 -171.32 -144.46 37.62
N ARG B 499 -170.68 -144.05 38.72
CA ARG B 499 -170.64 -144.87 39.92
C ARG B 499 -172.01 -144.99 40.56
N SER B 500 -172.79 -143.90 40.59
CA SER B 500 -174.13 -143.98 41.14
C SER B 500 -175.05 -144.78 40.22
N GLN B 501 -174.81 -144.74 38.91
CA GLN B 501 -175.55 -145.60 37.99
C GLN B 501 -175.24 -147.07 38.24
N GLN B 502 -173.97 -147.40 38.50
CA GLN B 502 -173.60 -148.76 38.88
C GLN B 502 -174.25 -149.16 40.19
N GLU B 503 -174.27 -148.26 41.17
CA GLU B 503 -174.92 -148.56 42.46
C GLU B 503 -176.41 -148.82 42.29
N ALA B 504 -177.08 -148.00 41.46
CA ALA B 504 -178.50 -148.20 41.19
C ALA B 504 -178.74 -149.52 40.45
N ALA B 505 -177.88 -149.84 39.48
CA ALA B 505 -178.03 -151.09 38.74
C ALA B 505 -177.79 -152.30 39.65
N ALA B 506 -176.84 -152.20 40.57
CA ALA B 506 -176.59 -153.28 41.52
C ALA B 506 -177.75 -153.44 42.50
N LYS B 507 -178.32 -152.32 42.96
CA LYS B 507 -179.43 -152.39 43.90
C LYS B 507 -180.71 -152.87 43.21
N LYS B 508 -180.83 -152.67 41.89
CA LYS B 508 -181.98 -153.19 41.16
C LYS B 508 -181.99 -154.71 41.07
N PHE B 509 -180.82 -155.35 41.16
CA PHE B 509 -180.73 -156.80 41.09
C PHE B 509 -180.93 -157.48 42.44
N PHE B 510 -180.99 -156.73 43.53
CA PHE B 510 -181.21 -157.31 44.84
C PHE B 510 -182.64 -157.05 45.32
N PRO C 42 77.18 28.51 -11.84
CA PRO C 42 77.57 28.16 -10.47
C PRO C 42 77.60 26.66 -10.27
N HIS C 43 78.71 26.13 -9.75
CA HIS C 43 78.76 24.72 -9.43
C HIS C 43 77.86 24.43 -8.24
N ARG C 44 77.17 23.29 -8.30
CA ARG C 44 76.28 22.84 -7.26
C ARG C 44 76.72 21.46 -6.79
N ARG C 45 76.77 21.26 -5.48
CA ARG C 45 77.10 19.96 -4.93
C ARG C 45 75.96 19.48 -4.05
N PHE C 46 75.52 18.25 -4.25
CA PHE C 46 74.51 17.66 -3.39
C PHE C 46 75.08 17.38 -2.01
N GLU C 47 74.26 17.62 -0.99
CA GLU C 47 74.64 17.42 0.40
C GLU C 47 73.71 16.39 1.03
N TYR C 48 74.18 15.15 1.12
CA TYR C 48 73.37 14.07 1.70
C TYR C 48 73.12 14.30 3.18
N LYS C 49 74.06 14.97 3.87
CA LYS C 49 74.03 15.08 5.31
C LYS C 49 73.02 16.11 5.78
N TYR C 50 72.41 16.84 4.87
CA TYR C 50 71.30 17.72 5.18
C TYR C 50 70.09 17.41 4.31
N SER C 51 70.02 16.20 3.75
CA SER C 51 68.97 15.83 2.82
C SER C 51 68.30 14.55 3.26
N PHE C 52 67.04 14.40 2.89
CA PHE C 52 66.31 13.16 3.15
C PHE C 52 65.25 12.96 2.08
N LYS C 53 64.87 11.70 1.91
CA LYS C 53 63.96 11.28 0.85
C LYS C 53 63.52 9.86 1.15
N GLY C 54 62.56 9.38 0.37
CA GLY C 54 62.17 7.99 0.42
C GLY C 54 63.09 7.13 -0.42
N PRO C 55 62.67 5.90 -0.73
CA PRO C 55 61.41 5.25 -0.35
C PRO C 55 61.52 4.59 1.01
N HIS C 56 62.68 4.70 1.64
CA HIS C 56 62.89 4.25 3.01
C HIS C 56 63.51 5.43 3.73
N LEU C 57 62.66 6.35 4.17
CA LEU C 57 63.14 7.56 4.83
C LEU C 57 63.40 7.32 6.30
N VAL C 58 62.67 6.40 6.90
CA VAL C 58 62.93 5.96 8.26
C VAL C 58 63.82 4.73 8.18
N GLN C 59 64.59 4.50 9.24
CA GLN C 59 65.46 3.34 9.31
C GLN C 59 64.70 2.20 9.97
N SER C 60 65.42 1.14 10.35
CA SER C 60 64.79 0.01 11.02
C SER C 60 64.23 0.40 12.37
N ASP C 61 64.90 1.32 13.07
CA ASP C 61 64.33 1.88 14.29
C ASP C 61 63.22 2.89 14.00
N GLY C 62 63.07 3.28 12.74
CA GLY C 62 62.04 4.24 12.37
C GLY C 62 62.46 5.69 12.50
N THR C 63 63.76 5.98 12.52
CA THR C 63 64.25 7.32 12.79
C THR C 63 64.90 7.91 11.54
N VAL C 64 65.10 9.22 11.56
CA VAL C 64 65.67 9.93 10.41
C VAL C 64 67.10 10.32 10.73
N PRO C 65 68.08 9.91 9.92
CA PRO C 65 69.44 10.41 10.09
C PRO C 65 69.53 11.90 9.82
N PHE C 66 70.48 12.55 10.52
CA PHE C 66 70.84 13.96 10.42
C PHE C 66 69.73 14.91 10.88
N TRP C 67 68.57 14.38 11.25
CA TRP C 67 67.41 15.22 11.43
C TRP C 67 66.73 14.88 12.75
N ALA C 68 66.45 15.92 13.54
CA ALA C 68 65.80 15.77 14.83
C ALA C 68 64.32 16.07 14.67
N HIS C 69 63.49 15.04 14.76
CA HIS C 69 62.05 15.18 14.65
C HIS C 69 61.43 15.33 16.03
N ALA C 70 60.31 16.06 16.08
CA ALA C 70 59.58 16.24 17.32
C ALA C 70 58.16 16.66 17.01
N GLY C 71 57.35 16.77 18.05
CA GLY C 71 55.97 17.19 17.93
C GLY C 71 55.11 16.20 17.19
N ASN C 72 54.16 16.69 16.41
CA ASN C 72 53.26 15.86 15.62
C ASN C 72 53.86 15.46 14.28
N ALA C 73 55.18 15.51 14.14
CA ALA C 73 55.84 15.04 12.94
C ALA C 73 55.79 13.51 12.90
N ILE C 74 55.29 12.98 11.80
CA ILE C 74 55.08 11.54 11.69
C ILE C 74 55.94 11.00 10.55
N PRO C 75 57.13 10.47 10.85
CA PRO C 75 58.03 10.00 9.79
C PRO C 75 57.70 8.57 9.38
N SER C 76 57.68 8.34 8.08
CA SER C 76 57.50 7.01 7.50
C SER C 76 58.61 6.74 6.49
N SER C 77 58.58 5.55 5.91
CA SER C 77 59.61 5.18 4.94
C SER C 77 59.49 6.01 3.67
N ASP C 78 58.28 6.26 3.20
CA ASP C 78 58.12 7.07 2.00
C ASP C 78 58.34 8.55 2.28
N GLN C 79 57.81 9.06 3.39
CA GLN C 79 57.69 10.49 3.59
C GLN C 79 57.54 10.76 5.08
N ILE C 80 57.32 12.02 5.43
CA ILE C 80 57.03 12.43 6.80
C ILE C 80 55.75 13.22 6.81
N ARG C 81 54.78 12.79 7.62
CA ARG C 81 53.63 13.62 7.92
C ARG C 81 54.05 14.59 9.01
N VAL C 82 54.45 15.79 8.61
CA VAL C 82 54.90 16.79 9.57
C VAL C 82 53.73 17.24 10.44
N ALA C 83 52.61 17.55 9.83
CA ALA C 83 51.44 17.93 10.61
C ALA C 83 50.20 17.27 10.02
N PRO C 84 49.59 16.34 10.75
CA PRO C 84 48.42 15.64 10.23
C PRO C 84 47.18 16.53 10.20
N SER C 85 46.16 16.04 9.50
CA SER C 85 44.93 16.79 9.26
C SER C 85 43.99 16.70 10.47
N LEU C 86 44.47 17.24 11.59
CA LEU C 86 43.71 17.24 12.83
C LEU C 86 43.93 18.56 13.54
N LYS C 87 43.06 18.88 14.50
CA LYS C 87 43.10 20.17 15.15
C LYS C 87 44.32 20.32 16.03
N SER C 88 44.97 21.48 15.94
CA SER C 88 46.08 21.89 16.82
C SER C 88 47.24 20.90 16.77
N GLN C 89 47.55 20.46 15.56
CA GLN C 89 48.66 19.53 15.34
C GLN C 89 49.90 20.33 15.01
N ARG C 90 50.98 20.08 15.74
CA ARG C 90 52.23 20.80 15.59
C ARG C 90 53.38 19.82 15.52
N GLY C 91 54.01 19.71 14.36
CA GLY C 91 55.17 18.87 14.19
C GLY C 91 56.28 19.61 13.48
N SER C 92 57.51 19.17 13.73
CA SER C 92 58.65 19.83 13.14
C SER C 92 59.84 18.89 13.17
N VAL C 93 60.65 18.97 12.12
CA VAL C 93 61.86 18.17 12.01
C VAL C 93 63.00 19.13 11.72
N TRP C 94 64.07 19.03 12.48
CA TRP C 94 65.21 19.94 12.34
C TRP C 94 66.50 19.17 12.15
N THR C 95 67.41 19.81 11.40
CA THR C 95 68.75 19.25 11.23
C THR C 95 69.43 19.07 12.56
N LYS C 96 69.98 17.87 12.79
CA LYS C 96 70.81 17.67 13.97
C LYS C 96 72.12 18.44 13.87
N THR C 97 72.57 18.73 12.65
CA THR C 97 73.84 19.39 12.42
C THR C 97 73.61 20.80 11.90
N LYS C 98 74.35 21.75 12.47
CA LYS C 98 74.31 23.12 11.97
C LYS C 98 75.04 23.22 10.64
N ALA C 99 74.42 23.87 9.67
CA ALA C 99 74.95 23.98 8.32
C ALA C 99 75.47 25.39 8.07
N ALA C 100 76.67 25.48 7.52
CA ALA C 100 77.33 26.75 7.25
C ALA C 100 77.68 26.83 5.77
N PHE C 101 76.73 27.29 4.95
CA PHE C 101 76.95 27.50 3.52
C PHE C 101 76.79 28.97 3.20
N GLU C 102 77.76 29.52 2.48
CA GLU C 102 77.65 30.91 2.03
C GLU C 102 76.50 31.09 1.07
N ASN C 103 76.45 30.27 0.03
CA ASN C 103 75.36 30.25 -0.93
C ASN C 103 74.92 28.80 -1.10
N TRP C 104 73.62 28.60 -1.24
CA TRP C 104 73.10 27.24 -1.21
C TRP C 104 71.74 27.22 -1.89
N GLU C 105 71.32 26.02 -2.27
CA GLU C 105 70.01 25.80 -2.83
C GLU C 105 69.38 24.58 -2.17
N VAL C 106 68.08 24.65 -1.94
CA VAL C 106 67.35 23.56 -1.31
C VAL C 106 66.14 23.21 -2.18
N GLU C 107 65.99 21.93 -2.50
CA GLU C 107 64.87 21.45 -3.29
C GLU C 107 64.05 20.47 -2.46
N VAL C 108 62.75 20.71 -2.38
CA VAL C 108 61.84 19.97 -1.50
C VAL C 108 60.70 19.44 -2.34
N THR C 109 60.27 18.21 -2.05
CA THR C 109 59.07 17.64 -2.63
C THR C 109 58.10 17.31 -1.51
N PHE C 110 56.87 17.81 -1.61
CA PHE C 110 55.94 17.75 -0.50
C PHE C 110 54.51 17.80 -1.01
N ARG C 111 53.57 17.55 -0.10
CA ARG C 111 52.15 17.66 -0.39
C ARG C 111 51.39 18.22 0.80
N VAL C 112 50.43 19.09 0.52
CA VAL C 112 49.46 19.56 1.50
C VAL C 112 48.08 19.21 0.97
N THR C 113 47.25 18.59 1.81
CA THR C 113 45.93 18.15 1.39
C THR C 113 44.97 18.28 2.56
N GLY C 114 43.80 18.88 2.30
CA GLY C 114 42.75 18.95 3.28
C GLY C 114 41.39 18.77 2.65
N ARG C 115 40.43 18.36 3.47
CA ARG C 115 39.07 18.15 2.98
C ARG C 115 38.43 19.45 2.54
N GLY C 116 38.49 20.47 3.39
CA GLY C 116 37.94 21.77 3.03
C GLY C 116 38.84 22.49 2.04
N ARG C 117 38.21 23.32 1.21
CA ARG C 117 38.96 24.14 0.27
C ARG C 117 39.73 25.25 0.97
N ILE C 118 39.40 25.53 2.22
CA ILE C 118 40.20 26.39 3.08
C ILE C 118 40.87 25.49 4.11
N GLY C 119 42.17 25.69 4.31
CA GLY C 119 42.91 24.87 5.23
C GLY C 119 43.72 25.70 6.20
N ALA C 120 44.03 25.07 7.34
CA ALA C 120 44.78 25.71 8.41
C ALA C 120 45.62 24.65 9.08
N ASP C 121 46.81 25.04 9.57
CA ASP C 121 47.41 26.36 9.55
C ASP C 121 48.31 26.53 8.33
N GLY C 122 49.15 25.53 8.10
CA GLY C 122 50.00 25.52 6.94
C GLY C 122 51.36 24.92 7.26
N LEU C 123 52.34 25.36 6.48
CA LEU C 123 53.68 24.80 6.50
C LEU C 123 54.71 25.92 6.56
N ALA C 124 55.87 25.60 7.13
CA ALA C 124 56.98 26.55 7.21
C ALA C 124 58.30 25.80 7.15
N ILE C 125 59.23 26.34 6.37
CA ILE C 125 60.59 25.83 6.30
C ILE C 125 61.51 26.92 6.80
N TRP C 126 62.51 26.58 7.63
CA TRP C 126 63.31 27.68 8.24
C TRP C 126 64.83 27.46 8.17
N TYR C 127 65.59 28.54 7.90
CA TYR C 127 67.07 28.46 8.00
C TYR C 127 67.41 29.30 9.24
N ALA C 128 66.98 28.86 10.41
CA ALA C 128 67.15 29.61 11.63
C ALA C 128 68.47 29.21 12.27
N GLU C 129 69.02 30.11 13.09
CA GLU C 129 70.25 29.81 13.80
C GLU C 129 70.05 28.68 14.81
N ASN C 130 68.87 28.65 15.44
CA ASN C 130 68.58 27.65 16.45
C ASN C 130 67.49 26.70 15.97
N GLN C 131 67.46 25.53 16.59
CA GLN C 131 66.44 24.53 16.25
C GLN C 131 65.16 24.84 17.02
N GLY C 132 64.30 25.64 16.41
CA GLY C 132 63.00 25.93 17.00
C GLY C 132 62.02 24.81 16.72
N LEU C 133 62.13 23.70 17.46
CA LEU C 133 61.26 22.55 17.20
C LEU C 133 59.82 22.86 17.54
N GLU C 134 59.54 23.41 18.72
CA GLU C 134 58.16 23.56 19.14
C GLU C 134 57.87 25.02 19.48
N GLY C 135 56.69 25.48 19.07
CA GLY C 135 56.19 26.78 19.42
C GLY C 135 54.95 27.12 18.64
N PRO C 136 54.57 28.39 18.62
CA PRO C 136 53.29 28.77 18.02
C PRO C 136 53.35 28.93 16.50
N VAL C 137 54.48 29.37 15.97
CA VAL C 137 54.58 29.77 14.57
C VAL C 137 54.77 28.50 13.74
N PHE C 138 53.67 28.03 13.15
CA PHE C 138 53.62 26.81 12.34
C PHE C 138 54.13 25.60 13.09
N GLY C 139 53.89 25.55 14.40
CA GLY C 139 54.45 24.51 15.21
C GLY C 139 55.87 24.75 15.66
N SER C 140 56.48 25.85 15.24
CA SER C 140 57.85 26.18 15.62
C SER C 140 57.85 27.42 16.50
N ALA C 141 58.92 27.54 17.28
CA ALA C 141 59.08 28.68 18.18
C ALA C 141 59.21 29.97 17.40
N ASP C 142 58.65 31.04 17.97
CA ASP C 142 58.75 32.37 17.40
C ASP C 142 60.14 32.95 17.67
N LEU C 143 60.36 34.17 17.17
CA LEU C 143 61.52 35.00 17.49
C LEU C 143 62.82 34.36 17.05
N TRP C 144 62.80 33.66 15.91
CA TRP C 144 63.99 32.97 15.44
C TRP C 144 64.96 33.97 14.84
N ASN C 145 66.24 33.61 14.87
CA ASN C 145 67.27 34.35 14.16
C ASN C 145 67.55 33.62 12.86
N GLY C 146 67.12 34.20 11.76
CA GLY C 146 67.35 33.58 10.48
C GLY C 146 66.30 34.01 9.49
N VAL C 147 65.80 33.03 8.73
CA VAL C 147 64.77 33.27 7.74
C VAL C 147 63.84 32.07 7.69
N GLY C 148 62.55 32.34 7.57
CA GLY C 148 61.59 31.28 7.40
C GLY C 148 60.66 31.54 6.22
N ILE C 149 60.59 30.58 5.31
CA ILE C 149 59.62 30.62 4.22
C ILE C 149 58.36 29.92 4.71
N PHE C 150 57.22 30.57 4.55
CA PHE C 150 55.99 30.17 5.21
C PHE C 150 54.92 29.89 4.16
N PHE C 151 54.04 28.95 4.48
CA PHE C 151 52.99 28.53 3.57
C PHE C 151 51.68 28.57 4.35
N ASP C 152 51.08 29.75 4.43
CA ASP C 152 49.84 29.93 5.17
C ASP C 152 48.65 29.71 4.23
N SER C 153 47.94 28.61 4.44
CA SER C 153 46.75 28.28 3.65
C SER C 153 45.53 29.10 4.06
N PHE C 154 45.58 29.76 5.22
CA PHE C 154 44.43 30.44 5.78
C PHE C 154 44.72 31.93 5.92
N ASP C 155 43.77 32.75 5.50
CA ASP C 155 43.94 34.21 5.51
C ASP C 155 43.27 34.80 6.75
N ASN C 156 44.05 34.80 7.84
CA ASN C 156 43.63 35.47 9.07
C ASN C 156 43.44 36.96 8.89
N ASP C 157 44.29 37.59 8.08
CA ASP C 157 44.22 39.03 7.85
C ASP C 157 42.98 39.46 7.09
N GLY C 158 42.28 38.54 6.42
CA GLY C 158 41.15 38.94 5.61
C GLY C 158 41.52 39.68 4.35
N LYS C 159 42.78 39.63 3.95
CA LYS C 159 43.30 40.41 2.84
C LYS C 159 43.25 39.64 1.53
N LYS C 160 42.72 38.42 1.54
CA LYS C 160 42.62 37.48 0.43
C LYS C 160 43.99 37.02 -0.05
N ASN C 161 45.07 37.41 0.63
CA ASN C 161 46.41 37.05 0.20
C ASN C 161 46.69 35.57 0.38
N ASN C 162 46.15 34.94 1.41
CA ASN C 162 46.43 33.52 1.52
C ASN C 162 45.47 32.73 0.62
N PRO C 163 45.90 31.55 0.11
CA PRO C 163 47.18 30.82 0.30
C PRO C 163 48.38 31.51 -0.34
N ALA C 164 49.28 31.98 0.50
CA ALA C 164 50.45 32.72 0.04
C ALA C 164 51.70 32.03 0.55
N ILE C 165 52.80 32.30 -0.12
CA ILE C 165 54.11 31.76 0.25
C ILE C 165 54.99 32.96 0.58
N VAL C 166 55.27 33.14 1.87
CA VAL C 166 55.78 34.40 2.39
C VAL C 166 57.21 34.21 2.87
N ILE C 167 58.11 35.04 2.37
CA ILE C 167 59.48 35.12 2.87
C ILE C 167 59.52 36.14 3.98
N ILE C 168 59.78 35.69 5.21
CA ILE C 168 60.02 36.59 6.33
C ILE C 168 61.28 36.11 7.04
N GLY C 169 62.27 36.98 7.13
CA GLY C 169 63.47 36.66 7.87
C GLY C 169 63.56 37.46 9.15
N ASN C 170 63.57 36.76 10.28
CA ASN C 170 63.64 37.41 11.58
C ASN C 170 65.08 37.27 12.10
N ASN C 171 65.58 38.37 12.65
CA ASN C 171 66.87 38.39 13.33
C ASN C 171 66.81 37.85 14.76
N GLY C 172 65.62 37.51 15.23
CA GLY C 172 65.42 37.13 16.61
C GLY C 172 64.62 38.11 17.42
N GLN C 173 64.16 39.20 16.80
CA GLN C 173 63.46 40.27 17.53
C GLN C 173 62.15 40.65 16.87
N ILE C 174 61.57 39.78 16.06
CA ILE C 174 60.28 40.06 15.43
C ILE C 174 59.28 39.02 15.89
N HIS C 175 58.17 39.49 16.43
CA HIS C 175 57.04 38.61 16.72
C HIS C 175 56.21 38.44 15.45
N TYR C 176 55.82 37.21 15.16
CA TYR C 176 55.09 36.93 13.93
C TYR C 176 53.59 37.13 14.18
N ASP C 177 52.99 38.06 13.45
CA ASP C 177 51.58 38.37 13.59
C ASP C 177 50.80 37.41 12.71
N HIS C 178 50.42 36.28 13.30
CA HIS C 178 49.59 35.32 12.57
C HIS C 178 48.20 35.88 12.32
N GLN C 179 47.71 36.76 13.19
CA GLN C 179 46.39 37.34 13.05
C GLN C 179 46.28 38.18 11.78
N ASN C 180 47.34 38.91 11.44
CA ASN C 180 47.41 39.55 10.14
C ASN C 180 48.25 38.76 9.16
N ASP C 181 48.51 37.49 9.47
CA ASP C 181 49.25 36.55 8.60
C ASP C 181 50.68 37.04 8.35
N GLY C 182 51.18 37.89 9.24
CA GLY C 182 52.47 38.52 9.03
C GLY C 182 52.53 39.42 7.82
N ALA C 183 51.41 40.05 7.45
CA ALA C 183 51.41 40.97 6.31
C ALA C 183 52.22 42.22 6.62
N SER C 184 52.31 42.60 7.90
CA SER C 184 53.10 43.76 8.28
C SER C 184 54.58 43.54 8.04
N GLN C 185 55.12 42.42 8.51
CA GLN C 185 56.55 42.13 8.41
C GLN C 185 56.88 41.25 7.21
N ALA C 186 55.98 41.16 6.24
CA ALA C 186 56.21 40.36 5.04
C ALA C 186 57.27 41.04 4.20
N LEU C 187 58.46 40.43 4.14
CA LEU C 187 59.50 40.94 3.25
C LEU C 187 59.10 40.77 1.79
N ALA C 188 58.68 39.56 1.42
CA ALA C 188 58.14 39.30 0.11
C ALA C 188 57.17 38.13 0.21
N SER C 189 56.26 38.04 -0.75
CA SER C 189 55.27 36.99 -0.76
C SER C 189 54.87 36.70 -2.20
N CYS C 190 54.28 35.52 -2.41
CA CYS C 190 53.80 35.14 -3.72
C CYS C 190 52.50 34.34 -3.58
N GLN C 191 51.61 34.56 -4.53
CA GLN C 191 50.23 34.08 -4.47
C GLN C 191 50.11 32.81 -5.31
N ARG C 192 50.30 31.67 -4.67
CA ARG C 192 50.08 30.38 -5.31
C ARG C 192 49.36 29.45 -4.34
N ASP C 193 48.51 28.61 -4.89
CA ASP C 193 47.89 27.52 -4.14
C ASP C 193 48.82 26.33 -4.13
N PHE C 194 48.80 25.59 -3.02
CA PHE C 194 49.66 24.43 -2.84
C PHE C 194 48.91 23.26 -2.21
N ARG C 195 47.60 23.26 -2.25
CA ARG C 195 46.79 22.19 -1.66
C ARG C 195 46.13 21.35 -2.74
N ASN C 196 46.04 20.05 -2.46
CA ASN C 196 45.21 19.10 -3.22
C ASN C 196 45.67 18.98 -4.67
N LYS C 197 46.97 19.04 -4.88
CA LYS C 197 47.50 18.95 -6.23
C LYS C 197 47.62 17.50 -6.67
N PRO C 198 47.47 17.24 -7.98
CA PRO C 198 47.64 15.86 -8.47
C PRO C 198 49.02 15.30 -8.23
N TYR C 199 50.04 16.12 -8.35
CA TYR C 199 51.41 15.74 -8.12
C TYR C 199 51.97 16.57 -6.96
N PRO C 200 53.00 16.07 -6.28
CA PRO C 200 53.58 16.83 -5.17
C PRO C 200 54.18 18.16 -5.60
N VAL C 201 53.97 19.16 -4.78
CA VAL C 201 54.51 20.49 -5.02
C VAL C 201 56.00 20.46 -4.77
N ARG C 202 56.76 21.11 -5.65
CA ARG C 202 58.20 21.14 -5.57
C ARG C 202 58.69 22.58 -5.51
N ALA C 203 59.67 22.85 -4.66
CA ALA C 203 60.16 24.19 -4.43
C ALA C 203 61.67 24.24 -4.60
N LYS C 204 62.15 25.30 -5.23
CA LYS C 204 63.56 25.66 -5.24
C LYS C 204 63.73 26.95 -4.47
N ILE C 205 64.60 26.93 -3.47
CA ILE C 205 64.95 28.13 -2.72
C ILE C 205 66.44 28.34 -2.90
N THR C 206 66.81 29.52 -3.39
CA THR C 206 68.17 29.77 -3.84
C THR C 206 68.73 30.99 -3.13
N TYR C 207 69.65 30.77 -2.21
CA TYR C 207 70.42 31.85 -1.61
C TYR C 207 71.73 31.97 -2.38
N TYR C 208 71.96 33.13 -2.99
CA TYR C 208 73.09 33.25 -3.90
C TYR C 208 73.45 34.74 -4.04
N GLN C 209 74.51 35.13 -3.33
CA GLN C 209 74.82 36.53 -3.00
C GLN C 209 73.62 37.26 -2.41
N ASN C 210 73.10 36.71 -1.32
CA ASN C 210 72.13 37.36 -0.43
C ASN C 210 70.80 37.66 -1.12
N THR C 211 70.48 37.00 -2.21
CA THR C 211 69.11 37.02 -2.73
C THR C 211 68.53 35.63 -2.51
N LEU C 212 67.30 35.59 -2.02
CA LEU C 212 66.65 34.32 -1.66
C LEU C 212 65.59 34.04 -2.72
N THR C 213 66.01 33.44 -3.83
CA THR C 213 65.17 33.24 -4.99
C THR C 213 64.35 31.96 -4.82
N VAL C 214 63.04 32.08 -5.00
CA VAL C 214 62.11 30.99 -4.77
C VAL C 214 61.46 30.60 -6.08
N MET C 215 61.59 29.31 -6.43
CA MET C 215 60.95 28.75 -7.62
C MET C 215 59.99 27.65 -7.19
N ILE C 216 58.77 27.68 -7.76
CA ILE C 216 57.73 26.74 -7.36
C ILE C 216 57.35 25.87 -8.56
N ASN C 217 57.24 24.56 -8.31
CA ASN C 217 56.62 23.62 -9.23
C ASN C 217 55.30 23.19 -8.60
N ASN C 218 54.19 23.59 -9.22
CA ASN C 218 52.87 23.53 -8.61
C ASN C 218 52.32 22.11 -8.47
N GLY C 219 52.96 21.11 -9.07
CA GLY C 219 52.45 19.76 -8.96
C GLY C 219 51.21 19.48 -9.76
N PHE C 220 50.99 20.22 -10.85
CA PHE C 220 49.95 19.85 -11.80
C PHE C 220 50.49 18.98 -12.92
N THR C 221 51.80 18.80 -12.99
CA THR C 221 52.48 18.04 -14.01
C THR C 221 53.43 17.03 -13.36
N PRO C 222 53.73 15.92 -14.04
CA PRO C 222 54.81 15.04 -13.56
C PRO C 222 56.19 15.62 -13.72
N ASP C 223 56.33 16.77 -14.39
CA ASP C 223 57.64 17.39 -14.56
C ASP C 223 58.16 17.90 -13.22
N LYS C 224 59.35 17.42 -12.85
CA LYS C 224 59.96 17.84 -11.59
C LYS C 224 60.53 19.25 -11.67
N ASN C 225 61.10 19.61 -12.81
CA ASN C 225 61.84 20.86 -12.96
C ASN C 225 60.98 22.00 -13.45
N ASP C 226 59.66 21.82 -13.50
CA ASP C 226 58.74 22.85 -14.01
C ASP C 226 58.55 23.92 -12.93
N TYR C 227 59.62 24.69 -12.72
CA TYR C 227 59.68 25.62 -11.61
C TYR C 227 59.28 27.03 -12.05
N GLU C 228 58.59 27.73 -11.16
CA GLU C 228 58.11 29.07 -11.43
C GLU C 228 58.59 30.00 -10.32
N PHE C 229 59.28 31.07 -10.70
CA PHE C 229 59.64 32.07 -9.70
C PHE C 229 58.40 32.78 -9.21
N CYS C 230 58.29 32.96 -7.90
CA CYS C 230 57.17 33.71 -7.35
C CYS C 230 57.62 34.93 -6.56
N ALA C 231 58.60 34.78 -5.66
CA ALA C 231 59.06 35.90 -4.85
C ALA C 231 60.51 35.69 -4.45
N LYS C 232 61.19 36.79 -4.14
CA LYS C 232 62.55 36.73 -3.62
C LYS C 232 62.82 37.96 -2.78
N VAL C 233 63.83 37.86 -1.91
CA VAL C 233 64.30 38.97 -1.10
C VAL C 233 65.80 39.09 -1.35
N GLU C 234 66.22 40.20 -1.96
CA GLU C 234 67.63 40.44 -2.17
C GLU C 234 68.24 41.11 -0.95
N ASN C 235 69.58 41.10 -0.91
CA ASN C 235 70.38 41.60 0.22
C ASN C 235 69.98 40.90 1.52
N MET C 236 69.65 39.61 1.40
CA MET C 236 69.14 38.86 2.54
C MET C 236 70.27 38.54 3.51
N ILE C 237 70.06 38.87 4.78
CA ILE C 237 71.01 38.58 5.84
C ILE C 237 70.55 37.31 6.55
N ILE C 238 71.47 36.37 6.69
CA ILE C 238 71.20 35.12 7.40
C ILE C 238 72.37 34.85 8.32
N PRO C 239 72.16 34.01 9.34
CA PRO C 239 73.31 33.47 10.07
C PRO C 239 74.22 32.70 9.13
N ALA C 240 75.53 32.87 9.32
CA ALA C 240 76.49 32.18 8.47
C ALA C 240 76.40 30.68 8.65
N GLN C 241 76.24 30.23 9.90
CA GLN C 241 75.89 28.85 10.20
C GLN C 241 74.51 28.83 10.85
N GLY C 242 73.71 27.84 10.49
CA GLY C 242 72.38 27.73 11.07
C GLY C 242 71.86 26.32 10.89
N HIS C 243 70.70 26.08 11.48
CA HIS C 243 70.03 24.79 11.38
C HIS C 243 68.88 24.91 10.40
N PHE C 244 68.77 23.93 9.52
CA PHE C 244 67.58 23.83 8.68
C PHE C 244 66.50 23.02 9.39
N GLY C 245 65.28 23.50 9.27
CA GLY C 245 64.15 22.82 9.88
C GLY C 245 62.87 23.18 9.20
N ILE C 246 61.93 22.24 9.22
CA ILE C 246 60.62 22.41 8.60
C ILE C 246 59.58 22.19 9.68
N SER C 247 58.64 23.12 9.79
CA SER C 247 57.59 23.02 10.79
C SER C 247 56.25 23.32 10.14
N ALA C 248 55.23 22.59 10.57
CA ALA C 248 53.90 22.77 10.01
C ALA C 248 52.88 22.66 11.14
N ALA C 249 51.84 23.46 11.05
CA ALA C 249 50.77 23.44 12.04
C ALA C 249 49.43 23.21 11.36
N THR C 250 48.49 22.68 12.14
CA THR C 250 47.17 22.34 11.64
C THR C 250 46.16 22.78 12.70
N GLY C 251 45.63 23.99 12.55
CA GLY C 251 44.81 24.58 13.58
C GLY C 251 43.34 24.23 13.48
N GLY C 252 42.49 25.25 13.35
CA GLY C 252 41.06 25.02 13.30
C GLY C 252 40.63 24.19 12.11
N LEU C 253 41.12 24.56 10.92
CA LEU C 253 40.92 23.68 9.78
C LEU C 253 41.98 22.58 9.79
N ALA C 254 41.80 21.62 8.89
CA ALA C 254 42.56 20.38 8.94
C ALA C 254 43.19 20.08 7.58
N ASP C 255 44.52 20.19 7.52
CA ASP C 255 45.31 19.84 6.35
C ASP C 255 46.38 18.83 6.75
N ASP C 256 46.61 17.84 5.90
CA ASP C 256 47.74 16.94 6.07
C ASP C 256 48.99 17.60 5.48
N HIS C 257 50.05 17.68 6.26
CA HIS C 257 51.30 18.27 5.84
C HIS C 257 52.33 17.17 5.70
N ASP C 258 52.60 16.76 4.46
CA ASP C 258 53.47 15.64 4.16
C ASP C 258 54.60 16.09 3.24
N VAL C 259 55.82 15.69 3.59
CA VAL C 259 57.00 16.00 2.80
C VAL C 259 57.61 14.69 2.34
N LEU C 260 57.71 14.50 1.02
CA LEU C 260 58.22 13.25 0.49
C LEU C 260 59.73 13.23 0.43
N SER C 261 60.35 14.32 -0.01
CA SER C 261 61.79 14.37 -0.13
C SER C 261 62.27 15.76 0.20
N PHE C 262 63.57 15.86 0.49
CA PHE C 262 64.19 17.11 0.84
C PHE C 262 65.64 17.02 0.42
N LEU C 263 66.06 17.88 -0.50
CA LEU C 263 67.41 17.80 -1.04
C LEU C 263 68.13 19.13 -0.81
N THR C 264 69.34 19.03 -0.25
CA THR C 264 70.14 20.19 0.10
C THR C 264 71.33 20.28 -0.84
N PHE C 265 71.63 21.49 -1.30
CA PHE C 265 72.71 21.72 -2.24
C PHE C 265 73.47 22.97 -1.82
N GLN C 266 74.79 22.86 -1.78
CA GLN C 266 75.61 24.04 -1.57
C GLN C 266 75.93 24.68 -2.92
N LEU C 267 75.63 25.96 -3.05
CA LEU C 267 75.92 26.72 -4.26
C LEU C 267 77.29 27.35 -4.12
N THR C 268 78.25 26.84 -4.87
CA THR C 268 79.56 27.46 -4.98
C THR C 268 79.57 28.32 -6.24
N GLU C 269 80.28 29.45 -6.16
CA GLU C 269 80.30 30.39 -7.27
C GLU C 269 81.07 29.79 -8.45
N PRO C 270 80.67 30.10 -9.69
CA PRO C 270 81.37 29.52 -10.84
C PRO C 270 82.82 29.97 -10.96
N GLY C 271 83.14 31.18 -10.52
CA GLY C 271 84.50 31.63 -10.39
C GLY C 271 85.19 31.17 -9.12
N LYS C 272 84.43 30.75 -8.11
CA LYS C 272 84.99 30.17 -6.90
C LYS C 272 84.90 28.64 -6.91
N GLU C 273 84.87 28.06 -8.10
CA GLU C 273 84.88 26.61 -8.23
C GLU C 273 86.26 26.08 -7.84
N PRO C 274 86.38 24.79 -7.52
CA PRO C 274 87.72 24.20 -7.24
C PRO C 274 88.65 24.39 -8.42
N PRO C 275 89.92 24.70 -8.15
CA PRO C 275 90.81 25.17 -9.22
C PRO C 275 91.03 24.17 -10.36
N THR C 276 91.11 22.88 -10.03
CA THR C 276 91.24 21.84 -11.04
C THR C 276 90.73 20.54 -10.45
N PRO C 277 89.88 19.81 -11.18
CA PRO C 277 89.56 18.43 -10.81
C PRO C 277 90.67 17.46 -11.23
N ASP C 278 91.87 17.69 -10.68
CA ASP C 278 93.03 16.88 -11.05
C ASP C 278 93.05 15.53 -10.33
N LYS C 279 92.16 15.32 -9.35
CA LYS C 279 92.02 14.00 -8.73
C LYS C 279 91.57 12.97 -9.76
N GLU C 280 90.84 13.42 -10.76
CA GLU C 280 90.57 12.67 -11.97
C GLU C 280 91.84 12.08 -12.58
N ILE C 281 91.70 10.87 -13.15
CA ILE C 281 92.89 10.20 -13.77
C ILE C 281 92.66 9.87 -15.25
N SER C 282 93.24 10.67 -16.17
CA SER C 282 93.21 10.36 -17.64
C SER C 282 91.82 10.35 -18.29
N GLU C 283 90.78 9.88 -17.60
CA GLU C 283 89.45 9.75 -18.19
C GLU C 283 89.37 8.65 -19.28
N LYS C 284 90.47 7.99 -19.60
CA LYS C 284 90.43 6.96 -20.64
C LYS C 284 89.68 5.73 -20.15
N GLU C 285 90.08 5.19 -19.00
CA GLU C 285 89.31 4.11 -18.39
C GLU C 285 87.92 4.58 -17.97
N LYS C 286 87.75 5.87 -17.67
CA LYS C 286 86.42 6.40 -17.42
C LYS C 286 85.57 6.39 -18.69
N GLU C 287 86.21 6.57 -19.85
CA GLU C 287 85.52 6.24 -21.09
C GLU C 287 85.31 4.73 -21.22
N LYS C 288 86.35 3.93 -20.94
CA LYS C 288 86.24 2.49 -21.10
C LYS C 288 85.23 1.87 -20.14
N TYR C 289 85.07 2.46 -18.97
CA TYR C 289 84.05 1.96 -18.05
C TYR C 289 82.69 2.60 -18.31
N GLN C 290 82.64 3.63 -19.16
CA GLN C 290 81.36 4.26 -19.47
C GLN C 290 80.46 3.32 -20.24
N GLU C 291 80.96 2.71 -21.32
CA GLU C 291 80.16 1.69 -22.00
C GLU C 291 79.99 0.45 -21.13
N GLU C 292 80.96 0.15 -20.28
CA GLU C 292 80.81 -0.95 -19.33
C GLU C 292 79.68 -0.66 -18.36
N PHE C 293 79.55 0.60 -17.95
CA PHE C 293 78.36 1.04 -17.23
C PHE C 293 77.12 0.93 -18.12
N GLU C 294 77.20 1.49 -19.33
CA GLU C 294 76.01 1.65 -20.16
C GLU C 294 75.47 0.33 -20.70
N HIS C 295 76.37 -0.60 -21.04
CA HIS C 295 75.94 -1.88 -21.61
C HIS C 295 75.12 -2.70 -20.64
N PHE C 296 75.39 -2.56 -19.35
CA PHE C 296 74.78 -3.46 -18.36
C PHE C 296 73.27 -3.27 -18.29
N GLN C 297 72.81 -2.01 -18.25
CA GLN C 297 71.39 -1.76 -18.00
C GLN C 297 70.52 -2.22 -19.17
N GLN C 298 71.04 -2.12 -20.39
CA GLN C 298 70.28 -2.53 -21.56
C GLN C 298 69.95 -4.02 -21.49
N GLU C 299 70.97 -4.85 -21.27
CA GLU C 299 70.73 -6.27 -21.01
C GLU C 299 69.89 -6.46 -19.76
N LEU C 300 70.15 -5.65 -18.73
CA LEU C 300 69.34 -5.69 -17.52
C LEU C 300 67.88 -5.36 -17.80
N ASP C 301 67.64 -4.33 -18.62
CA ASP C 301 66.27 -3.96 -18.97
C ASP C 301 65.57 -5.09 -19.72
N LYS C 302 66.28 -5.74 -20.64
CA LYS C 302 65.74 -6.95 -21.27
C LYS C 302 65.50 -8.04 -20.22
N LYS C 303 66.45 -8.20 -19.30
CA LYS C 303 66.29 -9.19 -18.24
C LYS C 303 65.13 -8.82 -17.32
N LYS C 304 65.00 -7.53 -16.99
CA LYS C 304 63.86 -7.08 -16.20
C LYS C 304 62.55 -7.31 -16.94
N GLU C 305 62.55 -7.11 -18.26
CA GLU C 305 61.33 -7.25 -19.04
C GLU C 305 60.79 -8.68 -19.01
N GLU C 306 61.66 -9.67 -19.14
CA GLU C 306 61.19 -11.05 -19.15
C GLU C 306 60.97 -11.63 -17.76
N PHE C 307 60.39 -10.84 -16.86
CA PHE C 307 59.75 -11.38 -15.67
C PHE C 307 58.42 -10.72 -15.36
N GLN C 308 58.22 -9.46 -15.73
CA GLN C 308 56.91 -8.84 -15.57
C GLN C 308 55.88 -9.51 -16.47
N LYS C 309 56.29 -9.83 -17.70
CA LYS C 309 55.51 -10.73 -18.54
C LYS C 309 55.91 -12.18 -18.36
N GLY C 310 57.11 -12.44 -17.86
CA GLY C 310 57.50 -13.81 -17.56
C GLY C 310 56.63 -14.43 -16.48
N HIS C 311 56.35 -13.67 -15.43
CA HIS C 311 55.30 -14.00 -14.47
C HIS C 311 54.33 -12.83 -14.40
N PRO C 312 53.16 -12.93 -15.03
CA PRO C 312 52.19 -11.82 -15.03
C PRO C 312 51.33 -11.73 -13.78
N ASP C 313 51.74 -12.38 -12.68
CA ASP C 313 51.01 -12.32 -11.42
C ASP C 313 51.05 -10.95 -10.76
N LEU C 314 51.89 -10.03 -11.24
CA LEU C 314 51.91 -8.67 -10.72
C LEU C 314 50.60 -7.96 -11.06
N GLN C 315 50.13 -7.13 -10.13
CA GLN C 315 48.81 -6.51 -10.26
C GLN C 315 48.87 -5.07 -10.77
N GLY C 316 49.71 -4.24 -10.18
CA GLY C 316 49.84 -2.85 -10.58
C GLY C 316 48.67 -1.98 -10.13
N GLN C 317 48.98 -0.71 -9.86
CA GLN C 317 47.97 0.26 -9.46
C GLN C 317 48.19 1.61 -10.13
N PRO C 318 47.24 2.09 -10.92
CA PRO C 318 47.39 3.41 -11.54
C PRO C 318 47.19 4.54 -10.53
N ALA C 319 47.76 5.69 -10.86
CA ALA C 319 47.68 6.87 -10.00
C ALA C 319 46.48 7.75 -10.30
N GLU C 320 45.69 7.43 -11.33
CA GLU C 320 44.50 8.22 -11.64
C GLU C 320 43.44 8.06 -10.55
N GLU C 321 43.41 6.90 -9.90
CA GLU C 321 42.42 6.63 -8.85
C GLU C 321 42.58 7.59 -7.67
N ILE C 322 43.82 8.02 -7.39
CA ILE C 322 44.08 8.86 -6.23
C ILE C 322 43.52 10.27 -6.43
N PHE C 323 43.71 10.84 -7.62
CA PHE C 323 43.39 12.24 -7.85
C PHE C 323 41.89 12.47 -7.87
N GLU C 324 41.47 13.60 -7.30
CA GLU C 324 40.07 13.97 -7.23
C GLU C 324 39.94 15.48 -7.16
N SER C 325 38.76 15.97 -7.54
CA SER C 325 38.36 17.34 -7.26
C SER C 325 37.23 17.28 -6.23
N VAL C 326 37.32 18.11 -5.20
CA VAL C 326 36.41 18.00 -4.07
C VAL C 326 34.98 18.31 -4.48
N GLY C 327 34.79 19.33 -5.33
CA GLY C 327 33.48 19.74 -5.79
C GLY C 327 32.76 18.65 -6.55
N ASP C 328 33.52 17.92 -7.35
CA ASP C 328 32.97 16.78 -8.07
C ASP C 328 32.64 15.64 -7.13
N ARG C 329 33.51 15.40 -6.14
CA ARG C 329 33.26 14.34 -5.18
C ARG C 329 32.05 14.67 -4.31
N GLU C 330 31.83 15.97 -4.05
CA GLU C 330 30.61 16.37 -3.34
C GLU C 330 29.37 16.07 -4.16
N LEU C 331 29.38 16.41 -5.44
CA LEU C 331 28.22 16.12 -6.29
C LEU C 331 28.09 14.65 -6.58
N ARG C 332 29.20 13.92 -6.52
CA ARG C 332 29.13 12.46 -6.58
C ARG C 332 28.33 11.91 -5.41
N GLN C 333 28.54 12.49 -4.21
CA GLN C 333 27.71 12.14 -3.07
C GLN C 333 26.26 12.54 -3.28
N VAL C 334 26.03 13.69 -3.92
CA VAL C 334 24.67 14.09 -4.28
C VAL C 334 24.08 13.09 -5.26
N PHE C 335 24.86 12.69 -6.26
CA PHE C 335 24.43 11.67 -7.21
C PHE C 335 24.15 10.35 -6.50
N GLU C 336 24.99 9.99 -5.54
CA GLU C 336 24.72 8.82 -4.71
C GLU C 336 23.47 9.02 -3.87
N GLY C 337 23.21 10.25 -3.42
CA GLY C 337 21.98 10.52 -2.71
C GLY C 337 20.74 10.34 -3.56
N GLN C 338 20.85 10.62 -4.86
CA GLN C 338 19.73 10.42 -5.76
C GLN C 338 19.42 8.94 -5.96
N ASN C 339 20.41 8.07 -5.78
CA ASN C 339 20.20 6.64 -5.97
C ASN C 339 19.28 6.06 -4.92
N ARG C 340 19.23 6.68 -3.73
CA ARG C 340 18.30 6.25 -2.70
C ARG C 340 16.86 6.41 -3.15
N ILE C 341 16.59 7.53 -3.82
CA ILE C 341 15.25 7.82 -4.31
C ILE C 341 14.84 6.84 -5.40
N HIS C 342 15.82 6.39 -6.20
CA HIS C 342 15.55 5.42 -7.25
C HIS C 342 15.01 4.12 -6.68
N LEU C 343 15.72 3.55 -5.70
CA LEU C 343 15.26 2.33 -5.06
C LEU C 343 13.96 2.56 -4.31
N GLU C 344 13.77 3.78 -3.80
CA GLU C 344 12.51 4.16 -3.20
C GLU C 344 11.38 4.15 -4.23
N ILE C 345 11.64 4.70 -5.42
CA ILE C 345 10.64 4.67 -6.49
C ILE C 345 10.39 3.23 -6.94
N LYS C 346 11.47 2.45 -7.07
CA LYS C 346 11.35 1.06 -7.52
C LYS C 346 10.53 0.23 -6.54
N GLN C 347 10.76 0.43 -5.24
CA GLN C 347 9.92 -0.22 -4.24
C GLN C 347 8.48 0.25 -4.33
N LEU C 348 8.28 1.55 -4.55
CA LEU C 348 6.94 2.10 -4.64
C LEU C 348 6.19 1.55 -5.85
N ASN C 349 6.90 1.36 -6.97
CA ASN C 349 6.26 0.83 -8.16
C ASN C 349 5.80 -0.60 -7.93
N ARG C 350 6.69 -1.45 -7.43
CA ARG C 350 6.36 -2.84 -7.18
C ARG C 350 5.30 -2.98 -6.11
N GLN C 351 5.31 -2.08 -5.12
CA GLN C 351 4.27 -2.06 -4.11
C GLN C 351 2.93 -1.67 -4.71
N LEU C 352 2.95 -0.72 -5.67
CA LEU C 352 1.74 -0.37 -6.39
C LEU C 352 1.31 -1.50 -7.33
N ASP C 353 2.28 -2.19 -7.93
CA ASP C 353 1.95 -3.27 -8.86
C ASP C 353 1.25 -4.42 -8.14
N MET C 354 1.75 -4.80 -6.96
CA MET C 354 1.14 -5.90 -6.24
C MET C 354 -0.22 -5.51 -5.68
N ILE C 355 -0.41 -4.24 -5.32
CA ILE C 355 -1.70 -3.77 -4.84
C ILE C 355 -2.75 -3.87 -5.93
N LEU C 356 -2.39 -3.45 -7.14
CA LEU C 356 -3.32 -3.49 -8.27
C LEU C 356 -3.73 -4.91 -8.61
N ASP C 357 -2.76 -5.84 -8.58
CA ASP C 357 -3.05 -7.22 -9.00
C ASP C 357 -3.92 -7.95 -7.97
N GLU C 358 -3.66 -7.73 -6.68
CA GLU C 358 -4.40 -8.49 -5.66
C GLU C 358 -5.85 -8.05 -5.57
N GLN C 359 -6.13 -6.76 -5.75
CA GLN C 359 -7.52 -6.33 -5.71
C GLN C 359 -8.24 -6.72 -6.99
N ARG C 360 -7.50 -6.84 -8.10
CA ARG C 360 -8.07 -7.37 -9.34
C ARG C 360 -8.56 -8.80 -9.15
N ARG C 361 -7.80 -9.60 -8.42
CA ARG C 361 -8.29 -10.91 -8.01
C ARG C 361 -9.40 -10.78 -6.97
N TYR C 362 -9.30 -9.77 -6.12
CA TYR C 362 -10.30 -9.60 -5.05
C TYR C 362 -11.62 -9.09 -5.60
N VAL C 363 -11.58 -8.22 -6.61
CA VAL C 363 -12.81 -7.76 -7.25
C VAL C 363 -13.49 -8.93 -7.96
N SER C 364 -12.71 -9.74 -8.67
CA SER C 364 -13.25 -10.90 -9.37
C SER C 364 -13.77 -11.94 -8.39
N SER C 365 -13.06 -12.15 -7.28
CA SER C 365 -13.51 -13.12 -6.27
C SER C 365 -14.78 -12.64 -5.58
N LEU C 366 -14.88 -11.33 -5.34
CA LEU C 366 -16.11 -10.78 -4.78
C LEU C 366 -17.27 -10.93 -5.74
N THR C 367 -17.02 -10.74 -7.03
CA THR C 367 -18.06 -10.92 -8.04
C THR C 367 -18.52 -12.37 -8.12
N GLU C 368 -17.58 -13.31 -7.99
CA GLU C 368 -17.92 -14.73 -8.01
C GLU C 368 -18.77 -15.13 -6.81
N GLU C 369 -18.46 -14.57 -5.63
CA GLU C 369 -19.19 -14.92 -4.42
C GLU C 369 -20.63 -14.44 -4.48
N ILE C 370 -20.86 -13.24 -4.99
CA ILE C 370 -22.22 -12.73 -5.12
C ILE C 370 -22.99 -13.51 -6.18
N SER C 371 -22.29 -13.91 -7.25
CA SER C 371 -22.93 -14.68 -8.31
C SER C 371 -23.39 -16.04 -7.82
N LYS C 372 -22.57 -16.71 -7.01
CA LYS C 372 -22.96 -18.02 -6.48
C LYS C 372 -24.05 -17.90 -5.42
N ARG C 373 -24.01 -16.86 -4.60
CA ARG C 373 -24.95 -16.71 -3.49
C ARG C 373 -26.18 -15.87 -3.86
N GLY C 374 -26.25 -15.34 -5.07
CA GLY C 374 -27.40 -14.59 -5.49
C GLY C 374 -28.45 -15.43 -6.18
N ALA C 375 -28.06 -16.61 -6.64
CA ALA C 375 -28.94 -17.52 -7.37
C ALA C 375 -29.22 -18.81 -6.59
N GLY C 376 -29.41 -18.69 -5.27
CA GLY C 376 -29.58 -19.87 -4.45
C GLY C 376 -28.42 -20.05 -3.50
N MET C 377 -28.63 -19.71 -2.23
CA MET C 377 -27.54 -19.69 -1.28
C MET C 377 -27.15 -21.11 -0.87
N PRO C 378 -25.84 -21.41 -0.79
CA PRO C 378 -25.39 -22.80 -0.62
C PRO C 378 -25.55 -23.35 0.79
N GLY C 379 -26.73 -23.89 1.12
CA GLY C 379 -26.93 -24.50 2.43
C GLY C 379 -26.96 -26.01 2.43
N GLN C 380 -26.90 -26.63 1.25
CA GLN C 380 -27.08 -28.08 1.08
C GLN C 380 -28.40 -28.55 1.68
N HIS C 381 -29.44 -27.71 1.59
CA HIS C 381 -30.73 -28.02 2.19
C HIS C 381 -31.90 -27.74 1.26
N GLY C 382 -31.69 -27.04 0.17
CA GLY C 382 -32.74 -26.73 -0.78
C GLY C 382 -33.26 -25.31 -0.62
N GLN C 383 -33.68 -24.73 -1.74
CA GLN C 383 -34.25 -23.40 -1.77
C GLN C 383 -35.74 -23.52 -2.04
N ILE C 384 -36.53 -22.68 -1.37
CA ILE C 384 -37.98 -22.79 -1.45
C ILE C 384 -38.47 -22.21 -2.77
N THR C 385 -39.29 -22.97 -3.48
CA THR C 385 -39.87 -22.56 -4.74
C THR C 385 -41.36 -22.32 -4.55
N GLN C 386 -41.92 -21.43 -5.36
CA GLN C 386 -43.34 -21.11 -5.26
C GLN C 386 -44.21 -22.26 -5.76
N GLN C 387 -43.67 -23.11 -6.63
CA GLN C 387 -44.43 -24.26 -7.12
C GLN C 387 -44.77 -25.22 -6.00
N GLU C 388 -43.82 -25.46 -5.08
CA GLU C 388 -44.09 -26.30 -3.92
C GLU C 388 -45.13 -25.67 -3.01
N LEU C 389 -45.07 -24.34 -2.81
CA LEU C 389 -46.06 -23.65 -2.00
C LEU C 389 -47.43 -23.66 -2.66
N ASP C 390 -47.47 -23.66 -3.99
CA ASP C 390 -48.75 -23.81 -4.68
C ASP C 390 -49.31 -25.22 -4.49
N THR C 391 -48.44 -26.23 -4.48
CA THR C 391 -48.88 -27.59 -4.18
C THR C 391 -49.36 -27.69 -2.73
N VAL C 392 -48.75 -26.92 -1.84
CA VAL C 392 -49.24 -26.79 -0.47
C VAL C 392 -50.66 -26.22 -0.47
N VAL C 393 -50.89 -25.21 -1.32
CA VAL C 393 -52.23 -24.63 -1.46
C VAL C 393 -53.18 -25.66 -2.05
N LYS C 394 -52.76 -26.38 -3.09
CA LYS C 394 -53.66 -27.23 -3.86
C LYS C 394 -54.07 -28.47 -3.09
N THR C 395 -53.11 -29.14 -2.44
CA THR C 395 -53.43 -30.36 -1.69
C THR C 395 -54.32 -30.04 -0.49
N GLN C 396 -54.04 -28.94 0.19
CA GLN C 396 -54.79 -28.60 1.40
C GLN C 396 -56.21 -28.13 1.08
N HIS C 397 -56.39 -27.42 -0.03
CA HIS C 397 -57.74 -27.08 -0.46
C HIS C 397 -58.50 -28.33 -0.88
N GLU C 398 -57.80 -29.30 -1.47
CA GLU C 398 -58.40 -30.60 -1.76
C GLU C 398 -58.74 -31.34 -0.47
N ILE C 399 -57.89 -31.21 0.56
CA ILE C 399 -58.23 -31.72 1.88
C ILE C 399 -59.47 -31.03 2.41
N LEU C 400 -59.47 -29.69 2.36
CA LEU C 400 -60.59 -28.91 2.89
C LEU C 400 -61.87 -29.16 2.11
N ARG C 401 -61.75 -29.39 0.80
CA ARG C 401 -62.90 -29.78 0.01
C ARG C 401 -63.45 -31.13 0.48
N GLN C 402 -62.57 -32.08 0.72
CA GLN C 402 -63.01 -33.38 1.24
C GLN C 402 -63.38 -33.30 2.71
N VAL C 403 -62.81 -32.33 3.44
CA VAL C 403 -63.24 -32.07 4.82
C VAL C 403 -64.69 -31.63 4.85
N ASN C 404 -65.05 -30.70 3.95
CA ASN C 404 -66.43 -30.22 3.90
C ASN C 404 -67.39 -31.29 3.41
N GLU C 405 -66.95 -32.11 2.44
CA GLU C 405 -67.81 -33.16 1.91
C GLU C 405 -68.13 -34.22 2.96
N MET C 406 -67.12 -34.64 3.73
CA MET C 406 -67.36 -35.62 4.78
C MET C 406 -68.25 -35.07 5.88
N LYS C 407 -68.02 -33.82 6.28
CA LYS C 407 -68.82 -33.21 7.35
C LYS C 407 -70.29 -33.09 6.94
N ASN C 408 -70.54 -32.88 5.65
CA ASN C 408 -71.92 -32.95 5.15
C ASN C 408 -72.45 -34.37 5.26
N SER C 409 -71.65 -35.36 4.84
CA SER C 409 -72.05 -36.75 4.98
C SER C 409 -71.95 -37.22 6.43
N MET C 410 -71.22 -36.49 7.28
CA MET C 410 -71.19 -36.82 8.69
C MET C 410 -72.53 -36.54 9.35
N SER C 411 -73.09 -35.35 9.11
CA SER C 411 -74.39 -35.00 9.67
C SER C 411 -75.49 -35.90 9.11
N GLU C 412 -75.30 -36.39 7.88
CA GLU C 412 -76.19 -37.41 7.34
C GLU C 412 -76.07 -38.70 8.15
N THR C 413 -74.84 -39.09 8.50
CA THR C 413 -74.64 -40.24 9.37
C THR C 413 -75.18 -39.98 10.77
N VAL C 414 -75.05 -38.73 11.24
CA VAL C 414 -75.67 -38.33 12.50
C VAL C 414 -77.18 -38.48 12.43
N ARG C 415 -77.79 -37.99 11.35
CA ARG C 415 -79.25 -37.99 11.24
C ARG C 415 -79.82 -39.39 11.04
N LEU C 416 -79.16 -40.20 10.22
CA LEU C 416 -79.65 -41.54 9.92
C LEU C 416 -79.60 -42.43 11.16
N VAL C 417 -78.52 -42.33 11.93
CA VAL C 417 -78.39 -43.10 13.17
C VAL C 417 -79.37 -42.56 14.22
N SER C 418 -79.56 -41.24 14.26
CA SER C 418 -80.52 -40.66 15.19
C SER C 418 -81.95 -41.01 14.84
N GLY C 419 -82.20 -41.43 13.59
CA GLY C 419 -83.55 -41.83 13.19
C GLY C 419 -84.06 -43.02 13.97
N MET C 420 -83.19 -44.01 14.22
CA MET C 420 -83.55 -45.11 15.10
C MET C 420 -83.34 -44.75 16.57
N GLN C 421 -82.62 -43.66 16.83
CA GLN C 421 -82.35 -43.23 18.20
C GLN C 421 -83.43 -42.28 18.72
N HIS C 422 -84.13 -41.58 17.84
CA HIS C 422 -85.16 -40.64 18.26
C HIS C 422 -86.33 -41.38 18.92
N PRO C 423 -86.97 -40.79 19.94
CA PRO C 423 -88.07 -41.48 20.61
C PRO C 423 -89.30 -41.59 19.72
N GLY C 424 -90.08 -42.63 19.98
CA GLY C 424 -91.30 -42.87 19.24
C GLY C 424 -92.20 -43.83 20.00
N SER C 425 -93.07 -44.50 19.27
CA SER C 425 -93.91 -45.53 19.86
C SER C 425 -93.04 -46.72 20.26
N ALA C 426 -93.22 -47.17 21.50
CA ALA C 426 -92.38 -48.20 22.09
C ALA C 426 -93.20 -49.45 22.39
N GLY C 427 -92.55 -50.60 22.25
CA GLY C 427 -93.18 -51.88 22.55
C GLY C 427 -93.41 -52.73 21.34
N GLY C 428 -92.49 -53.66 21.10
CA GLY C 428 -92.64 -54.66 20.07
C GLY C 428 -92.10 -55.98 20.57
N VAL C 429 -91.41 -55.94 21.71
CA VAL C 429 -90.91 -57.13 22.38
C VAL C 429 -91.60 -57.22 23.73
N TYR C 430 -91.93 -56.06 24.31
CA TYR C 430 -92.58 -56.03 25.61
C TYR C 430 -94.05 -56.41 25.55
N GLU C 431 -94.78 -55.89 24.55
CA GLU C 431 -96.13 -56.37 24.30
C GLU C 431 -96.13 -57.82 23.84
N THR C 432 -95.10 -58.20 23.09
CA THR C 432 -94.97 -59.56 22.58
C THR C 432 -94.88 -60.57 23.73
N THR C 433 -94.02 -60.29 24.71
CA THR C 433 -93.83 -61.22 25.83
C THR C 433 -95.08 -61.30 26.71
N GLN C 434 -95.82 -60.19 26.84
CA GLN C 434 -97.06 -60.21 27.58
C GLN C 434 -98.11 -61.09 26.90
N HIS C 435 -98.09 -61.11 25.56
CA HIS C 435 -98.98 -62.01 24.83
C HIS C 435 -98.61 -63.46 25.08
N PHE C 436 -97.32 -63.75 25.23
CA PHE C 436 -96.86 -65.11 25.47
C PHE C 436 -97.36 -65.65 26.80
N ILE C 437 -97.38 -64.79 27.83
CA ILE C 437 -97.86 -65.20 29.15
C ILE C 437 -99.37 -65.41 29.13
N ASP C 438 -100.10 -64.55 28.42
CA ASP C 438 -101.56 -64.63 28.38
C ASP C 438 -102.04 -65.91 27.70
N ILE C 439 -101.35 -66.31 26.63
CA ILE C 439 -101.70 -67.54 25.93
C ILE C 439 -101.36 -68.76 26.79
N LYS C 440 -100.22 -68.71 27.48
CA LYS C 440 -99.83 -69.79 28.38
C LYS C 440 -100.82 -69.93 29.53
N GLU C 441 -101.33 -68.80 30.04
CA GLU C 441 -102.36 -68.85 31.08
C GLU C 441 -103.67 -69.39 30.53
N HIS C 442 -104.06 -68.97 29.33
CA HIS C 442 -105.31 -69.46 28.73
C HIS C 442 -105.23 -70.95 28.42
N LEU C 443 -104.08 -71.41 27.91
CA LEU C 443 -103.89 -72.83 27.64
C LEU C 443 -103.88 -73.63 28.94
N HIS C 444 -103.40 -73.03 30.03
CA HIS C 444 -103.44 -73.70 31.32
C HIS C 444 -104.85 -73.84 31.85
N ILE C 445 -105.69 -72.81 31.64
CA ILE C 445 -107.08 -72.87 32.06
C ILE C 445 -107.84 -73.92 31.24
N VAL C 446 -107.55 -73.97 29.93
CA VAL C 446 -108.15 -74.99 29.08
C VAL C 446 -107.69 -76.38 29.50
N LYS C 447 -106.39 -76.51 29.85
CA LYS C 447 -105.86 -77.78 30.34
C LYS C 447 -106.54 -78.22 31.63
N ARG C 448 -106.76 -77.28 32.55
CA ARG C 448 -107.41 -77.61 33.82
C ARG C 448 -108.87 -78.00 33.61
N ASP C 449 -109.57 -77.29 32.72
CA ASP C 449 -110.98 -77.58 32.49
C ASP C 449 -111.16 -78.92 31.78
N ILE C 450 -110.22 -79.28 30.90
CA ILE C 450 -110.25 -80.61 30.30
C ILE C 450 -109.98 -81.68 31.35
N ASP C 451 -109.04 -81.42 32.25
CA ASP C 451 -108.71 -82.39 33.30
C ASP C 451 -109.88 -82.57 34.27
N ASN C 452 -110.61 -81.50 34.56
CA ASN C 452 -111.79 -81.63 35.42
C ASN C 452 -112.89 -82.42 34.74
N LEU C 453 -113.08 -82.21 33.43
CA LEU C 453 -114.07 -82.97 32.69
C LEU C 453 -113.68 -84.45 32.58
N VAL C 454 -112.40 -84.72 32.39
CA VAL C 454 -111.92 -86.10 32.32
C VAL C 454 -112.08 -86.79 33.68
N GLN C 455 -111.75 -86.09 34.77
CA GLN C 455 -111.87 -86.66 36.10
C GLN C 455 -113.32 -86.87 36.50
N ARG C 456 -114.24 -86.12 35.89
CA ARG C 456 -115.66 -86.32 36.12
C ARG C 456 -116.25 -87.44 35.26
N ASN C 457 -115.46 -87.99 34.33
CA ASN C 457 -115.89 -89.05 33.44
C ASN C 457 -115.07 -90.33 33.67
N MET C 458 -114.90 -90.70 34.93
CA MET C 458 -114.02 -91.80 35.30
C MET C 458 -114.61 -93.15 34.89
N PRO C 459 -113.92 -93.93 34.05
CA PRO C 459 -114.35 -95.30 33.76
C PRO C 459 -113.72 -96.31 34.72
N SER C 460 -113.99 -96.14 36.02
CA SER C 460 -113.38 -96.96 37.04
C SER C 460 -114.00 -98.36 37.05
N ASN C 461 -113.57 -99.18 38.01
CA ASN C 461 -114.09 -100.54 38.14
C ASN C 461 -115.44 -100.53 38.86
N GLU C 462 -116.40 -99.79 38.33
CA GLU C 462 -117.73 -99.60 38.89
C GLU C 462 -118.78 -99.74 37.80
N LYS C 463 -118.71 -100.86 37.07
CA LYS C 463 -119.62 -101.22 35.98
C LYS C 463 -121.06 -101.22 36.48
N PRO C 464 -122.05 -100.83 35.63
CA PRO C 464 -123.43 -100.59 36.10
C PRO C 464 -124.06 -101.76 36.85
N LYS C 465 -124.29 -101.56 38.14
CA LYS C 465 -124.81 -102.59 39.03
C LYS C 465 -126.31 -102.73 38.79
N CYS C 466 -126.65 -103.58 37.84
CA CYS C 466 -128.03 -103.98 37.67
C CYS C 466 -128.47 -104.75 38.91
N PRO C 467 -129.62 -104.43 39.50
CA PRO C 467 -130.05 -105.10 40.74
C PRO C 467 -130.33 -106.57 40.50
N GLU C 468 -129.75 -107.42 41.36
CA GLU C 468 -129.93 -108.86 41.23
C GLU C 468 -131.39 -109.23 41.49
N LEU C 469 -131.90 -110.15 40.67
CA LEU C 469 -133.27 -110.59 40.81
C LEU C 469 -133.46 -111.36 42.11
N PRO C 470 -134.53 -111.10 42.86
CA PRO C 470 -134.84 -111.95 44.01
C PRO C 470 -135.21 -113.34 43.54
N PRO C 471 -135.03 -114.36 44.38
CA PRO C 471 -135.44 -115.72 44.00
C PRO C 471 -136.93 -115.79 43.73
N PHE C 472 -137.29 -116.58 42.72
CA PHE C 472 -138.65 -116.62 42.22
C PHE C 472 -139.60 -117.18 43.28
N PRO C 473 -140.77 -116.58 43.47
CA PRO C 473 -141.78 -117.20 44.33
C PRO C 473 -142.24 -118.53 43.74
N SER C 474 -142.35 -119.54 44.61
CA SER C 474 -142.64 -120.89 44.15
C SER C 474 -144.07 -121.00 43.66
N CYS C 475 -144.28 -120.86 42.36
CA CYS C 475 -145.58 -120.99 41.75
C CYS C 475 -145.93 -122.47 41.62
N LEU C 476 -147.22 -122.78 41.77
CA LEU C 476 -147.68 -124.15 41.62
C LEU C 476 -147.54 -124.59 40.17
N SER C 477 -146.66 -125.56 39.91
CA SER C 477 -146.42 -126.02 38.55
C SER C 477 -147.62 -126.80 38.02
N THR C 478 -147.66 -126.92 36.69
CA THR C 478 -148.71 -127.71 36.06
C THR C 478 -148.61 -129.17 36.45
N VAL C 479 -147.39 -129.69 36.55
CA VAL C 479 -147.19 -131.06 37.01
C VAL C 479 -147.56 -131.19 38.49
N HIS C 480 -147.26 -130.16 39.29
CA HIS C 480 -147.57 -130.19 40.71
C HIS C 480 -149.07 -130.17 40.96
N PHE C 481 -149.81 -129.40 40.14
CA PHE C 481 -151.26 -129.32 40.31
C PHE C 481 -151.94 -130.63 39.90
N ILE C 482 -151.47 -131.23 38.80
CA ILE C 482 -152.11 -132.43 38.25
C ILE C 482 -151.93 -133.62 39.19
N ILE C 483 -150.74 -133.75 39.79
CA ILE C 483 -150.44 -134.87 40.69
C ILE C 483 -151.34 -134.83 41.93
N PHE C 484 -151.52 -133.64 42.51
CA PHE C 484 -152.36 -133.53 43.70
C PHE C 484 -153.83 -133.71 43.38
N VAL C 485 -154.23 -133.39 42.14
CA VAL C 485 -155.59 -133.70 41.68
C VAL C 485 -155.79 -135.21 41.61
N VAL C 486 -154.81 -135.92 41.03
CA VAL C 486 -154.92 -137.37 40.87
C VAL C 486 -154.84 -138.07 42.22
N VAL C 487 -153.97 -137.59 43.11
CA VAL C 487 -153.84 -138.16 44.45
C VAL C 487 -155.14 -137.96 45.23
N GLN C 488 -155.74 -136.78 45.13
CA GLN C 488 -157.01 -136.53 45.80
C GLN C 488 -158.13 -137.37 45.20
N THR C 489 -158.12 -137.56 43.87
CA THR C 489 -159.19 -138.30 43.21
C THR C 489 -159.09 -139.81 43.44
N VAL C 490 -157.88 -140.37 43.35
CA VAL C 490 -157.72 -141.82 43.51
C VAL C 490 -157.97 -142.23 44.95
N LEU C 491 -157.50 -141.40 45.91
CA LEU C 491 -157.88 -141.61 47.30
C LEU C 491 -159.38 -141.45 47.50
N PHE C 492 -160.02 -140.55 46.74
CA PHE C 492 -161.47 -140.46 46.74
C PHE C 492 -162.11 -141.71 46.15
N ILE C 493 -161.52 -142.24 45.07
CA ILE C 493 -162.00 -143.46 44.45
C ILE C 493 -161.90 -144.63 45.43
N GLY C 494 -160.79 -144.70 46.15
CA GLY C 494 -160.63 -145.75 47.14
C GLY C 494 -161.57 -145.61 48.33
N TYR C 495 -161.73 -144.39 48.84
CA TYR C 495 -162.39 -144.21 50.14
C TYR C 495 -163.90 -144.44 50.06
N ILE C 496 -164.56 -143.86 49.04
CA ILE C 496 -166.01 -144.01 48.94
C ILE C 496 -166.39 -145.43 48.57
N MET C 497 -165.58 -146.07 47.71
CA MET C 497 -165.79 -147.48 47.40
C MET C 497 -165.57 -148.35 48.63
N TYR C 498 -164.64 -147.97 49.50
CA TYR C 498 -164.42 -148.69 50.75
C TYR C 498 -165.59 -148.49 51.70
N ARG C 499 -166.28 -147.35 51.59
CA ARG C 499 -167.44 -147.09 52.43
C ARG C 499 -168.66 -147.91 52.00
N SER C 500 -168.89 -148.00 50.68
CA SER C 500 -170.07 -148.72 50.20
C SER C 500 -169.93 -150.23 50.41
N GLN C 501 -168.70 -150.75 50.36
CA GLN C 501 -168.50 -152.18 50.61
C GLN C 501 -168.73 -152.51 52.08
N GLN C 502 -168.44 -151.57 52.99
CA GLN C 502 -168.86 -151.73 54.38
C GLN C 502 -170.37 -151.74 54.50
N GLU C 503 -171.05 -150.83 53.79
CA GLU C 503 -172.51 -150.79 53.80
C GLU C 503 -173.10 -152.03 53.16
N ALA C 504 -172.46 -152.53 52.09
CA ALA C 504 -172.91 -153.78 51.48
C ALA C 504 -172.69 -154.96 52.41
N ALA C 505 -171.56 -154.98 53.12
CA ALA C 505 -171.30 -156.06 54.07
C ALA C 505 -172.22 -155.97 55.28
N ALA C 506 -172.54 -154.74 55.71
CA ALA C 506 -173.46 -154.56 56.83
C ALA C 506 -174.87 -154.99 56.47
N LYS C 507 -175.29 -154.72 55.23
CA LYS C 507 -176.62 -155.12 54.79
C LYS C 507 -176.74 -156.62 54.62
N LYS C 508 -175.61 -157.30 54.35
CA LYS C 508 -175.63 -158.75 54.17
C LYS C 508 -175.82 -159.50 55.48
N PHE C 509 -175.47 -158.89 56.61
CA PHE C 509 -175.60 -159.54 57.91
C PHE C 509 -176.94 -159.29 58.58
N PHE C 510 -177.69 -158.29 58.13
CA PHE C 510 -179.02 -158.01 58.70
C PHE C 510 -180.10 -158.68 57.87
N PRO D 42 13.43 -2.87 25.11
CA PRO D 42 14.45 -2.97 26.15
C PRO D 42 14.80 -1.64 26.80
N HIS D 43 14.98 -1.65 28.12
CA HIS D 43 15.34 -0.42 28.81
C HIS D 43 16.81 -0.09 28.59
N ARG D 44 17.08 1.17 28.27
CA ARG D 44 18.43 1.64 28.00
C ARG D 44 19.12 1.93 29.33
N ARG D 45 20.37 1.50 29.42
CA ARG D 45 21.25 1.94 30.51
C ARG D 45 22.58 2.36 29.90
N PHE D 46 22.81 3.68 29.88
CA PHE D 46 24.05 4.23 29.37
C PHE D 46 25.23 3.83 30.24
N GLU D 47 26.33 3.44 29.59
CA GLU D 47 27.55 3.03 30.28
C GLU D 47 28.66 3.99 29.87
N TYR D 48 29.01 4.91 30.78
CA TYR D 48 30.06 5.87 30.48
C TYR D 48 31.43 5.20 30.49
N LYS D 49 31.59 4.13 31.26
CA LYS D 49 32.88 3.44 31.38
C LYS D 49 33.23 2.61 30.15
N TYR D 50 32.31 2.47 29.21
CA TYR D 50 32.60 1.85 27.92
C TYR D 50 32.26 2.79 26.77
N SER D 51 32.21 4.09 27.05
CA SER D 51 31.86 5.10 26.06
C SER D 51 32.89 6.22 26.07
N PHE D 52 33.00 6.91 24.93
CA PHE D 52 33.78 8.14 24.86
C PHE D 52 33.17 9.07 23.83
N LYS D 53 33.41 10.36 24.01
CA LYS D 53 32.71 11.38 23.24
C LYS D 53 33.46 12.70 23.40
N GLY D 54 33.25 13.59 22.44
CA GLY D 54 33.71 14.95 22.56
C GLY D 54 32.75 15.78 23.40
N PRO D 55 32.94 17.11 23.43
CA PRO D 55 33.95 17.89 22.72
C PRO D 55 35.27 17.92 23.46
N HIS D 56 35.35 17.22 24.60
CA HIS D 56 36.59 17.03 25.34
C HIS D 56 36.75 15.52 25.46
N LEU D 57 37.30 14.90 24.43
CA LEU D 57 37.45 13.45 24.41
C LEU D 57 38.77 13.01 24.99
N VAL D 58 39.79 13.88 24.96
CA VAL D 58 41.11 13.58 25.46
C VAL D 58 41.38 14.45 26.68
N GLN D 59 41.81 13.83 27.77
CA GLN D 59 42.08 14.52 29.01
C GLN D 59 43.33 15.38 28.87
N SER D 60 43.61 16.16 29.93
CA SER D 60 44.75 17.07 29.92
C SER D 60 46.07 16.33 29.85
N ASP D 61 46.15 15.13 30.41
CA ASP D 61 47.36 14.33 30.31
C ASP D 61 47.57 13.73 28.92
N GLY D 62 46.59 13.84 28.04
CA GLY D 62 46.72 13.33 26.70
C GLY D 62 46.12 11.96 26.47
N THR D 63 45.34 11.44 27.41
CA THR D 63 44.78 10.11 27.31
C THR D 63 43.27 10.16 27.33
N VAL D 64 42.67 9.09 26.80
CA VAL D 64 41.22 8.91 26.87
C VAL D 64 40.89 8.08 28.11
N PRO D 65 39.96 8.52 28.95
CA PRO D 65 39.53 7.67 30.06
C PRO D 65 38.81 6.42 29.57
N PHE D 66 38.93 5.35 30.36
CA PHE D 66 38.28 4.05 30.15
C PHE D 66 38.71 3.35 28.87
N TRP D 67 39.65 3.92 28.13
CA TRP D 67 39.99 3.42 26.81
C TRP D 67 41.48 3.55 26.59
N ALA D 68 42.09 2.48 26.07
CA ALA D 68 43.52 2.43 25.82
C ALA D 68 43.76 2.41 24.33
N HIS D 69 44.48 3.42 23.82
CA HIS D 69 44.81 3.52 22.41
C HIS D 69 46.19 2.94 22.16
N ALA D 70 46.40 2.46 20.94
CA ALA D 70 47.71 1.96 20.53
C ALA D 70 47.81 2.06 19.01
N GLY D 71 49.05 1.94 18.53
CA GLY D 71 49.31 2.00 17.11
C GLY D 71 49.10 3.39 16.54
N ASN D 72 48.57 3.46 15.33
CA ASN D 72 48.31 4.71 14.64
C ASN D 72 47.02 5.39 15.09
N ALA D 73 46.45 4.96 16.22
CA ALA D 73 45.28 5.62 16.77
C ALA D 73 45.70 6.98 17.32
N ILE D 74 45.09 8.04 16.80
CA ILE D 74 45.45 9.40 17.16
C ILE D 74 44.24 10.06 17.81
N PRO D 75 44.18 10.07 19.15
CA PRO D 75 43.01 10.62 19.83
C PRO D 75 43.14 12.13 20.03
N SER D 76 42.14 12.87 19.57
CA SER D 76 42.01 14.29 19.83
C SER D 76 40.87 14.51 20.80
N SER D 77 40.78 15.73 21.33
CA SER D 77 39.70 16.06 22.25
C SER D 77 38.34 16.05 21.57
N ASP D 78 38.30 16.05 20.25
CA ASP D 78 37.06 15.88 19.51
C ASP D 78 36.83 14.44 19.10
N GLN D 79 37.84 13.81 18.51
CA GLN D 79 37.67 12.50 17.89
C GLN D 79 38.98 11.72 18.00
N ILE D 80 39.00 10.54 17.40
CA ILE D 80 40.20 9.72 17.35
C ILE D 80 40.48 9.37 15.91
N ARG D 81 41.59 9.83 15.38
CA ARG D 81 42.07 9.35 14.08
C ARG D 81 42.68 7.98 14.33
N VAL D 82 41.87 6.94 14.11
CA VAL D 82 42.31 5.57 14.38
C VAL D 82 43.40 5.16 13.41
N ALA D 83 43.25 5.52 12.14
CA ALA D 83 44.31 5.23 11.18
C ALA D 83 44.38 6.36 10.16
N PRO D 84 45.47 7.11 10.14
CA PRO D 84 45.54 8.32 9.32
C PRO D 84 45.77 7.99 7.85
N SER D 85 45.77 9.05 7.04
CA SER D 85 45.92 8.94 5.59
C SER D 85 47.40 8.82 5.20
N LEU D 86 48.04 7.78 5.71
CA LEU D 86 49.41 7.45 5.34
C LEU D 86 49.47 5.97 4.97
N LYS D 87 50.64 5.55 4.51
CA LYS D 87 50.80 4.17 4.09
C LYS D 87 51.11 3.27 5.28
N SER D 88 50.43 2.12 5.33
CA SER D 88 50.60 1.08 6.36
C SER D 88 50.35 1.65 7.76
N GLN D 89 49.14 2.18 7.92
CA GLN D 89 48.70 2.71 9.20
C GLN D 89 47.81 1.69 9.90
N ARG D 90 48.07 1.45 11.17
CA ARG D 90 47.28 0.55 12.00
C ARG D 90 47.14 1.14 13.40
N GLY D 91 45.91 1.41 13.80
CA GLY D 91 45.65 1.90 15.14
C GLY D 91 44.44 1.19 15.74
N SER D 92 44.38 1.24 17.07
CA SER D 92 43.29 0.58 17.78
C SER D 92 43.13 1.19 19.16
N VAL D 93 41.88 1.34 19.58
CA VAL D 93 41.53 1.80 20.92
C VAL D 93 40.60 0.76 21.54
N TRP D 94 40.92 0.32 22.74
CA TRP D 94 40.16 -0.72 23.42
C TRP D 94 39.73 -0.24 24.80
N THR D 95 38.61 -0.78 25.26
CA THR D 95 38.14 -0.52 26.62
C THR D 95 39.19 -0.95 27.64
N LYS D 96 39.44 -0.09 28.62
CA LYS D 96 40.37 -0.44 29.69
C LYS D 96 39.81 -1.56 30.55
N THR D 97 38.49 -1.63 30.69
CA THR D 97 37.84 -2.65 31.49
C THR D 97 37.11 -3.65 30.61
N LYS D 98 37.02 -4.88 31.09
CA LYS D 98 36.24 -5.90 30.40
C LYS D 98 34.76 -5.70 30.68
N ALA D 99 33.93 -5.95 29.67
CA ALA D 99 32.51 -5.69 29.74
C ALA D 99 31.76 -6.98 30.05
N ALA D 100 30.98 -6.95 31.13
CA ALA D 100 30.15 -8.08 31.56
C ALA D 100 28.71 -7.74 31.24
N PHE D 101 28.31 -7.98 30.00
CA PHE D 101 26.98 -7.61 29.54
C PHE D 101 26.43 -8.74 28.68
N GLU D 102 25.14 -9.05 28.85
CA GLU D 102 24.53 -10.03 27.97
C GLU D 102 23.92 -9.37 26.74
N ASN D 103 23.00 -8.43 26.93
CA ASN D 103 22.41 -7.68 25.83
C ASN D 103 22.81 -6.21 25.98
N TRP D 104 23.11 -5.58 24.85
CA TRP D 104 23.62 -4.22 24.86
C TRP D 104 23.41 -3.61 23.49
N GLU D 105 23.49 -2.29 23.44
CA GLU D 105 23.39 -1.55 22.19
C GLU D 105 24.42 -0.43 22.20
N VAL D 106 25.13 -0.28 21.08
CA VAL D 106 26.22 0.67 20.96
C VAL D 106 25.96 1.58 19.77
N GLU D 107 26.06 2.89 19.97
CA GLU D 107 25.96 3.87 18.90
C GLU D 107 27.29 4.60 18.75
N VAL D 108 27.79 4.65 17.51
CA VAL D 108 29.11 5.19 17.22
C VAL D 108 28.97 6.24 16.13
N THR D 109 29.60 7.39 16.32
CA THR D 109 29.67 8.44 15.31
C THR D 109 31.10 8.53 14.80
N PHE D 110 31.25 8.48 13.47
CA PHE D 110 32.58 8.44 12.88
C PHE D 110 32.51 8.97 11.46
N ARG D 111 33.69 9.11 10.85
CA ARG D 111 33.81 9.49 9.45
C ARG D 111 35.12 8.95 8.89
N VAL D 112 35.06 8.33 7.72
CA VAL D 112 36.22 7.81 7.02
C VAL D 112 36.29 8.48 5.66
N THR D 113 37.46 9.01 5.32
CA THR D 113 37.62 9.73 4.06
C THR D 113 39.06 9.62 3.59
N GLY D 114 39.23 9.29 2.31
CA GLY D 114 40.51 9.37 1.65
C GLY D 114 40.47 10.36 0.49
N ARG D 115 41.62 10.47 -0.17
CA ARG D 115 41.72 11.33 -1.35
C ARG D 115 41.24 10.64 -2.61
N GLY D 116 41.54 9.36 -2.76
CA GLY D 116 41.02 8.61 -3.89
C GLY D 116 39.59 8.14 -3.68
N ARG D 117 38.93 7.80 -4.78
CA ARG D 117 37.58 7.27 -4.71
C ARG D 117 37.55 5.93 -3.99
N ILE D 118 38.55 5.12 -4.21
CA ILE D 118 38.68 3.84 -3.52
C ILE D 118 39.40 4.08 -2.20
N GLY D 119 38.96 3.41 -1.14
CA GLY D 119 39.54 3.56 0.17
C GLY D 119 40.20 2.29 0.65
N ALA D 120 41.23 2.46 1.47
CA ALA D 120 41.96 1.34 2.06
C ALA D 120 42.47 1.77 3.43
N ASP D 121 42.44 0.84 4.38
CA ASP D 121 41.93 -0.52 4.27
C ASP D 121 40.49 -0.55 4.73
N GLY D 122 40.22 0.08 5.87
CA GLY D 122 38.87 0.17 6.36
C GLY D 122 38.86 0.29 7.87
N LEU D 123 37.73 -0.13 8.43
CA LEU D 123 37.43 0.03 9.85
C LEU D 123 36.87 -1.28 10.40
N ALA D 124 37.01 -1.47 11.71
CA ALA D 124 36.48 -2.66 12.35
C ALA D 124 36.07 -2.36 13.78
N ILE D 125 34.81 -2.65 14.12
CA ILE D 125 34.34 -2.60 15.49
C ILE D 125 34.51 -3.98 16.10
N TRP D 126 35.10 -4.05 17.30
CA TRP D 126 35.41 -5.38 17.88
C TRP D 126 34.81 -5.57 19.28
N TYR D 127 34.15 -6.71 19.51
CA TYR D 127 33.71 -7.04 20.89
C TYR D 127 34.36 -8.39 21.20
N ALA D 128 35.68 -8.41 21.33
CA ALA D 128 36.39 -9.66 21.53
C ALA D 128 36.57 -9.86 23.02
N GLU D 129 36.96 -11.08 23.40
CA GLU D 129 37.17 -11.39 24.80
C GLU D 129 38.34 -10.59 25.37
N ASN D 130 39.45 -10.54 24.64
CA ASN D 130 40.64 -9.81 25.05
C ASN D 130 40.69 -8.46 24.34
N GLN D 131 41.85 -7.80 24.45
CA GLN D 131 42.12 -6.59 23.68
C GLN D 131 43.23 -6.88 22.67
N GLY D 132 42.83 -7.09 21.41
CA GLY D 132 43.79 -7.23 20.33
C GLY D 132 44.26 -5.89 19.83
N LEU D 133 45.19 -5.26 20.55
CA LEU D 133 45.62 -3.90 20.22
C LEU D 133 46.28 -3.85 18.85
N GLU D 134 47.09 -4.84 18.51
CA GLU D 134 47.81 -4.81 17.24
C GLU D 134 47.73 -6.17 16.58
N GLY D 135 47.69 -6.17 15.25
CA GLY D 135 47.67 -7.37 14.47
C GLY D 135 47.30 -7.09 13.04
N PRO D 136 47.12 -8.15 12.25
CA PRO D 136 46.91 -7.97 10.81
C PRO D 136 45.50 -7.59 10.41
N VAL D 137 44.51 -7.79 11.27
CA VAL D 137 43.11 -7.64 10.87
C VAL D 137 42.67 -6.25 11.31
N PHE D 138 42.64 -5.33 10.33
CA PHE D 138 42.19 -3.94 10.51
C PHE D 138 42.97 -3.22 11.62
N GLY D 139 44.26 -3.53 11.72
CA GLY D 139 45.05 -2.98 12.79
C GLY D 139 44.85 -3.62 14.13
N SER D 140 44.15 -4.76 14.18
CA SER D 140 43.92 -5.48 15.42
C SER D 140 44.29 -6.95 15.22
N ALA D 141 44.48 -7.62 16.35
CA ALA D 141 45.00 -8.99 16.34
C ALA D 141 44.03 -9.95 15.68
N ASP D 142 44.59 -10.98 15.04
CA ASP D 142 43.81 -12.06 14.47
C ASP D 142 43.39 -13.03 15.58
N LEU D 143 42.54 -13.99 15.21
CA LEU D 143 42.12 -15.11 16.07
C LEU D 143 41.45 -14.62 17.35
N TRP D 144 40.53 -13.66 17.22
CA TRP D 144 39.82 -13.16 18.38
C TRP D 144 38.72 -14.13 18.78
N ASN D 145 38.40 -14.14 20.07
CA ASN D 145 37.24 -14.84 20.59
C ASN D 145 36.14 -13.81 20.80
N GLY D 146 35.21 -13.76 19.85
CA GLY D 146 34.18 -12.74 19.90
C GLY D 146 33.59 -12.53 18.52
N VAL D 147 33.32 -11.26 18.22
CA VAL D 147 32.76 -10.86 16.93
C VAL D 147 33.45 -9.59 16.47
N GLY D 148 33.58 -9.45 15.15
CA GLY D 148 34.14 -8.25 14.56
C GLY D 148 33.28 -7.71 13.45
N ILE D 149 33.02 -6.40 13.47
CA ILE D 149 32.18 -5.74 12.48
C ILE D 149 33.08 -4.97 11.55
N PHE D 150 33.37 -5.54 10.38
CA PHE D 150 34.45 -5.07 9.52
C PHE D 150 33.90 -4.17 8.42
N PHE D 151 34.37 -2.92 8.40
CA PHE D 151 34.01 -1.94 7.40
C PHE D 151 35.11 -1.90 6.35
N ASP D 152 35.20 -2.95 5.53
CA ASP D 152 36.23 -3.03 4.51
C ASP D 152 35.80 -2.20 3.30
N SER D 153 36.52 -1.10 3.07
CA SER D 153 36.34 -0.29 1.87
C SER D 153 36.94 -0.92 0.62
N PHE D 154 37.95 -1.75 0.78
CA PHE D 154 38.76 -2.22 -0.33
C PHE D 154 38.26 -3.58 -0.79
N ASP D 155 37.96 -3.70 -2.07
CA ASP D 155 37.46 -4.96 -2.63
C ASP D 155 38.61 -5.78 -3.20
N ASN D 156 39.32 -6.44 -2.27
CA ASN D 156 40.37 -7.37 -2.65
C ASN D 156 39.81 -8.60 -3.35
N ASP D 157 38.57 -8.97 -3.02
CA ASP D 157 37.95 -10.15 -3.62
C ASP D 157 37.73 -9.97 -5.12
N GLY D 158 37.62 -8.72 -5.59
CA GLY D 158 37.24 -8.49 -6.96
C GLY D 158 35.77 -8.67 -7.23
N LYS D 159 34.95 -8.84 -6.20
CA LYS D 159 33.54 -9.15 -6.34
C LYS D 159 32.66 -7.93 -6.19
N LYS D 160 33.25 -6.74 -6.09
CA LYS D 160 32.56 -5.44 -5.96
C LYS D 160 31.68 -5.36 -4.73
N ASN D 161 31.93 -6.21 -3.73
CA ASN D 161 31.19 -6.11 -2.48
C ASN D 161 31.52 -4.83 -1.73
N ASN D 162 32.76 -4.43 -1.74
CA ASN D 162 33.23 -3.33 -0.94
C ASN D 162 32.95 -2.00 -1.65
N PRO D 163 32.62 -0.93 -0.90
CA PRO D 163 32.52 -0.81 0.56
C PRO D 163 31.32 -1.55 1.14
N ALA D 164 31.59 -2.30 2.20
CA ALA D 164 30.57 -3.13 2.82
C ALA D 164 30.94 -3.31 4.29
N ILE D 165 29.92 -3.68 5.06
CA ILE D 165 30.07 -3.88 6.50
C ILE D 165 29.91 -5.37 6.77
N VAL D 166 30.97 -5.99 7.29
CA VAL D 166 31.05 -7.44 7.40
C VAL D 166 30.95 -7.83 8.86
N ILE D 167 29.99 -8.70 9.18
CA ILE D 167 29.86 -9.27 10.51
C ILE D 167 30.52 -10.64 10.49
N ILE D 168 31.59 -10.79 11.25
CA ILE D 168 32.28 -12.06 11.38
C ILE D 168 32.51 -12.31 12.87
N GLY D 169 31.99 -13.43 13.37
CA GLY D 169 32.22 -13.84 14.74
C GLY D 169 33.17 -15.03 14.79
N ASN D 170 34.26 -14.86 15.51
CA ASN D 170 35.29 -15.88 15.63
C ASN D 170 35.47 -16.29 17.07
N ASN D 171 35.68 -17.58 17.27
CA ASN D 171 36.01 -18.14 18.58
C ASN D 171 37.51 -18.12 18.88
N GLY D 172 38.33 -17.77 17.90
CA GLY D 172 39.76 -17.68 18.06
C GLY D 172 40.50 -18.64 17.15
N GLN D 173 39.76 -19.39 16.33
CA GLN D 173 40.33 -20.40 15.46
C GLN D 173 40.11 -20.11 13.99
N ILE D 174 39.52 -18.97 13.65
CA ILE D 174 39.25 -18.61 12.25
C ILE D 174 40.22 -17.52 11.85
N HIS D 175 41.05 -17.81 10.85
CA HIS D 175 41.99 -16.84 10.31
C HIS D 175 41.24 -15.93 9.34
N TYR D 176 41.34 -14.62 9.57
CA TYR D 176 40.68 -13.67 8.68
C TYR D 176 41.55 -13.47 7.44
N ASP D 177 41.12 -14.04 6.33
CA ASP D 177 41.72 -13.74 5.04
C ASP D 177 41.10 -12.49 4.41
N HIS D 178 41.95 -11.50 4.18
CA HIS D 178 41.50 -10.24 3.60
C HIS D 178 41.52 -10.27 2.08
N GLN D 179 42.07 -11.33 1.48
CA GLN D 179 42.19 -11.40 0.03
C GLN D 179 40.82 -11.54 -0.62
N ASN D 180 39.91 -12.27 0.02
CA ASN D 180 38.51 -12.24 -0.38
C ASN D 180 37.71 -11.24 0.44
N ASP D 181 38.40 -10.43 1.25
CA ASP D 181 37.82 -9.51 2.22
C ASP D 181 36.94 -10.25 3.23
N GLY D 182 37.34 -11.47 3.57
CA GLY D 182 36.63 -12.28 4.55
C GLY D 182 35.23 -12.66 4.15
N ALA D 183 34.97 -12.82 2.85
CA ALA D 183 33.63 -13.21 2.42
C ALA D 183 33.34 -14.67 2.74
N SER D 184 34.39 -15.49 2.88
CA SER D 184 34.19 -16.90 3.21
C SER D 184 33.67 -17.07 4.63
N GLN D 185 34.29 -16.40 5.59
CA GLN D 185 33.86 -16.47 6.98
C GLN D 185 32.86 -15.38 7.33
N ALA D 186 32.28 -14.72 6.33
CA ALA D 186 31.32 -13.64 6.55
C ALA D 186 30.00 -14.23 7.04
N LEU D 187 29.64 -13.90 8.29
CA LEU D 187 28.35 -14.34 8.81
C LEU D 187 27.21 -13.55 8.19
N ALA D 188 27.36 -12.24 8.09
CA ALA D 188 26.39 -11.39 7.43
C ALA D 188 27.10 -10.15 6.88
N SER D 189 26.50 -9.54 5.87
CA SER D 189 27.11 -8.36 5.26
C SER D 189 26.03 -7.49 4.62
N CYS D 190 26.34 -6.21 4.51
CA CYS D 190 25.52 -5.26 3.76
C CYS D 190 26.44 -4.36 2.94
N GLN D 191 26.24 -4.37 1.63
CA GLN D 191 27.12 -3.66 0.70
C GLN D 191 26.72 -2.20 0.68
N ARG D 192 27.40 -1.39 1.49
CA ARG D 192 27.07 0.02 1.58
C ARG D 192 28.34 0.85 1.65
N ASP D 193 28.37 1.92 0.86
CA ASP D 193 29.44 2.89 0.93
C ASP D 193 29.30 3.70 2.22
N PHE D 194 30.43 3.97 2.85
CA PHE D 194 30.47 4.75 4.07
C PHE D 194 31.56 5.81 4.07
N ARG D 195 32.30 5.96 2.97
CA ARG D 195 33.34 6.96 2.88
C ARG D 195 32.79 8.27 2.33
N ASN D 196 33.46 9.37 2.69
CA ASN D 196 33.25 10.69 2.11
C ASN D 196 31.80 11.16 2.31
N LYS D 197 31.42 11.32 3.55
CA LYS D 197 30.05 11.74 3.77
C LYS D 197 30.02 13.18 4.30
N PRO D 198 29.01 13.96 3.90
CA PRO D 198 28.91 15.35 4.40
C PRO D 198 28.72 15.42 5.90
N TYR D 199 28.04 14.46 6.48
CA TYR D 199 27.80 14.36 7.89
C TYR D 199 28.41 13.05 8.41
N PRO D 200 28.84 13.00 9.67
CA PRO D 200 29.49 11.78 10.16
C PRO D 200 28.54 10.59 10.21
N VAL D 201 29.09 9.42 9.88
CA VAL D 201 28.29 8.21 9.77
C VAL D 201 27.99 7.68 11.17
N ARG D 202 26.74 7.29 11.40
CA ARG D 202 26.32 6.74 12.67
C ARG D 202 25.75 5.34 12.47
N ALA D 203 26.08 4.44 13.39
CA ALA D 203 25.66 3.05 13.29
C ALA D 203 25.06 2.59 14.62
N LYS D 204 24.10 1.68 14.54
CA LYS D 204 23.47 1.09 15.71
C LYS D 204 23.75 -0.41 15.70
N ILE D 205 24.55 -0.87 16.67
CA ILE D 205 24.86 -2.28 16.84
C ILE D 205 24.05 -2.78 18.02
N THR D 206 23.21 -3.78 17.79
CA THR D 206 22.20 -4.18 18.76
C THR D 206 22.29 -5.69 18.98
N TYR D 207 23.03 -6.10 20.00
CA TYR D 207 23.01 -7.48 20.47
C TYR D 207 21.96 -7.59 21.56
N TYR D 208 20.90 -8.34 21.28
CA TYR D 208 19.78 -8.44 22.19
C TYR D 208 19.03 -9.71 21.85
N GLN D 209 18.82 -10.57 22.87
CA GLN D 209 18.22 -11.89 22.69
C GLN D 209 19.00 -12.72 21.68
N ASN D 210 20.34 -12.61 21.74
CA ASN D 210 21.28 -13.37 20.93
C ASN D 210 21.15 -13.09 19.43
N THR D 211 20.52 -11.99 19.04
CA THR D 211 20.60 -11.54 17.67
C THR D 211 21.34 -10.20 17.64
N LEU D 212 22.17 -10.03 16.62
CA LEU D 212 23.05 -8.88 16.47
C LEU D 212 22.55 -8.05 15.29
N THR D 213 21.82 -6.98 15.59
CA THR D 213 21.15 -6.19 14.57
C THR D 213 21.96 -4.92 14.28
N VAL D 214 22.15 -4.63 13.00
CA VAL D 214 22.94 -3.49 12.55
C VAL D 214 22.01 -2.50 11.88
N MET D 215 21.98 -1.28 12.39
CA MET D 215 21.21 -0.18 11.81
C MET D 215 22.13 1.00 11.60
N ILE D 216 22.10 1.57 10.40
CA ILE D 216 23.10 2.56 10.02
C ILE D 216 22.43 3.86 9.60
N ASN D 217 22.99 4.97 10.08
CA ASN D 217 22.70 6.30 9.55
C ASN D 217 23.71 6.60 8.46
N ASN D 218 23.22 7.07 7.31
CA ASN D 218 24.05 7.15 6.11
C ASN D 218 25.14 8.21 6.19
N GLY D 219 24.96 9.25 7.01
CA GLY D 219 25.84 10.39 6.96
C GLY D 219 25.54 11.37 5.84
N PHE D 220 24.49 11.12 5.05
CA PHE D 220 23.99 12.09 4.10
C PHE D 220 22.99 13.04 4.72
N THR D 221 22.67 12.85 5.99
CA THR D 221 21.75 13.71 6.72
C THR D 221 22.39 14.12 8.03
N PRO D 222 22.08 15.32 8.53
CA PRO D 222 22.52 15.71 9.87
C PRO D 222 21.69 15.09 10.98
N ASP D 223 20.60 14.39 10.64
CA ASP D 223 19.84 13.65 11.64
C ASP D 223 20.68 12.52 12.20
N LYS D 224 20.72 12.43 13.53
CA LYS D 224 21.50 11.39 14.18
C LYS D 224 20.79 10.04 14.11
N ASN D 225 19.47 10.04 14.26
CA ASN D 225 18.70 8.83 14.52
C ASN D 225 18.19 8.16 13.26
N ASP D 226 18.59 8.62 12.08
CA ASP D 226 18.11 8.05 10.82
C ASP D 226 18.83 6.75 10.51
N TYR D 227 18.67 5.78 11.41
CA TYR D 227 19.34 4.51 11.29
C TYR D 227 18.56 3.57 10.38
N GLU D 228 19.29 2.85 9.54
CA GLU D 228 18.67 1.95 8.57
C GLU D 228 19.30 0.57 8.68
N PHE D 229 18.44 -0.44 8.74
CA PHE D 229 18.91 -1.82 8.83
C PHE D 229 19.53 -2.25 7.51
N CYS D 230 20.66 -2.97 7.59
CA CYS D 230 21.26 -3.55 6.40
C CYS D 230 21.58 -5.02 6.52
N ALA D 231 22.02 -5.49 7.69
CA ALA D 231 22.34 -6.89 7.89
C ALA D 231 22.26 -7.23 9.37
N LYS D 232 22.11 -8.52 9.66
CA LYS D 232 22.11 -9.00 11.04
C LYS D 232 22.36 -10.50 11.06
N VAL D 233 22.60 -11.02 12.27
CA VAL D 233 22.69 -12.44 12.54
C VAL D 233 21.84 -12.75 13.76
N GLU D 234 21.54 -14.03 13.93
CA GLU D 234 20.76 -14.52 15.07
C GLU D 234 21.51 -15.68 15.72
N ASN D 235 21.15 -15.94 16.99
CA ASN D 235 21.78 -16.97 17.82
C ASN D 235 23.29 -16.75 17.92
N MET D 236 23.69 -15.48 18.00
CA MET D 236 25.09 -15.12 17.96
C MET D 236 25.78 -15.45 19.28
N ILE D 237 26.95 -16.05 19.20
CA ILE D 237 27.71 -16.50 20.36
C ILE D 237 28.93 -15.62 20.53
N ILE D 238 29.05 -15.01 21.72
CA ILE D 238 30.20 -14.19 22.07
C ILE D 238 30.58 -14.47 23.51
N PRO D 239 31.84 -14.21 23.87
CA PRO D 239 32.20 -14.17 25.29
C PRO D 239 31.46 -13.02 25.96
N ALA D 240 30.55 -13.37 26.88
CA ALA D 240 29.73 -12.38 27.57
C ALA D 240 30.58 -11.44 28.40
N GLN D 241 31.72 -11.91 28.89
CA GLN D 241 32.80 -11.05 29.34
C GLN D 241 33.76 -10.86 28.18
N GLY D 242 33.89 -9.62 27.74
CA GLY D 242 34.78 -9.32 26.64
C GLY D 242 35.10 -7.85 26.64
N HIS D 243 36.03 -7.48 25.76
CA HIS D 243 36.45 -6.10 25.62
C HIS D 243 35.89 -5.53 24.33
N PHE D 244 35.22 -4.39 24.45
CA PHE D 244 34.88 -3.64 23.26
C PHE D 244 36.11 -2.91 22.74
N GLY D 245 36.22 -2.86 21.42
CA GLY D 245 37.39 -2.24 20.82
C GLY D 245 37.07 -1.74 19.44
N ILE D 246 37.84 -0.75 19.01
CA ILE D 246 37.76 -0.20 17.67
C ILE D 246 39.16 -0.25 17.08
N SER D 247 39.24 -0.58 15.79
CA SER D 247 40.53 -0.62 15.11
C SER D 247 40.32 -0.36 13.62
N ALA D 248 41.32 0.26 13.01
CA ALA D 248 41.27 0.59 11.60
C ALA D 248 42.65 0.38 10.99
N ALA D 249 42.67 0.05 9.70
CA ALA D 249 43.91 -0.11 8.98
C ALA D 249 43.88 0.76 7.73
N THR D 250 45.07 1.17 7.30
CA THR D 250 45.24 1.92 6.06
C THR D 250 46.32 1.24 5.26
N GLY D 251 45.99 0.86 4.02
CA GLY D 251 46.94 0.13 3.20
C GLY D 251 47.75 1.05 2.31
N GLY D 252 47.95 0.64 1.06
CA GLY D 252 48.59 1.52 0.10
C GLY D 252 47.76 2.75 -0.19
N LEU D 253 46.46 2.55 -0.43
CA LEU D 253 45.55 3.68 -0.55
C LEU D 253 45.22 4.22 0.85
N ALA D 254 45.00 5.51 0.92
CA ALA D 254 44.99 6.24 2.19
C ALA D 254 43.58 6.67 2.56
N ASP D 255 43.20 6.42 3.80
CA ASP D 255 41.98 6.94 4.40
C ASP D 255 42.31 7.50 5.78
N ASP D 256 41.54 8.49 6.20
CA ASP D 256 41.55 8.94 7.58
C ASP D 256 40.33 8.35 8.28
N HIS D 257 40.56 7.46 9.21
CA HIS D 257 39.51 6.80 9.97
C HIS D 257 39.37 7.53 11.29
N ASP D 258 38.35 8.37 11.38
CA ASP D 258 38.16 9.27 12.52
C ASP D 258 36.83 8.95 13.19
N VAL D 259 36.88 8.65 14.49
CA VAL D 259 35.70 8.28 15.25
C VAL D 259 35.38 9.41 16.21
N LEU D 260 34.24 10.06 15.98
CA LEU D 260 33.87 11.22 16.78
C LEU D 260 33.32 10.82 18.14
N SER D 261 32.40 9.87 18.18
CA SER D 261 31.81 9.47 19.44
C SER D 261 31.64 7.96 19.48
N PHE D 262 31.63 7.42 20.70
CA PHE D 262 31.37 6.00 20.94
C PHE D 262 30.48 5.96 22.15
N LEU D 263 29.24 5.49 21.98
CA LEU D 263 28.26 5.50 23.06
C LEU D 263 27.73 4.10 23.29
N THR D 264 27.79 3.64 24.53
CA THR D 264 27.46 2.27 24.89
C THR D 264 26.24 2.28 25.81
N PHE D 265 25.28 1.40 25.51
CA PHE D 265 24.06 1.27 26.31
C PHE D 265 23.75 -0.21 26.51
N GLN D 266 23.75 -0.65 27.77
CA GLN D 266 23.37 -2.02 28.05
C GLN D 266 21.87 -2.19 27.89
N LEU D 267 21.47 -3.23 27.16
CA LEU D 267 20.08 -3.54 26.94
C LEU D 267 19.63 -4.54 27.99
N THR D 268 18.67 -4.15 28.81
CA THR D 268 17.98 -5.07 29.68
C THR D 268 16.55 -5.23 29.17
N GLU D 269 16.06 -6.46 29.20
CA GLU D 269 14.74 -6.74 28.64
C GLU D 269 13.67 -6.08 29.48
N PRO D 270 12.60 -5.58 28.85
CA PRO D 270 11.57 -4.84 29.61
C PRO D 270 10.86 -5.67 30.67
N GLY D 271 10.70 -6.96 30.43
CA GLY D 271 10.12 -7.84 31.44
C GLY D 271 11.08 -8.32 32.49
N LYS D 272 12.37 -8.02 32.35
CA LYS D 272 13.39 -8.39 33.31
C LYS D 272 13.99 -7.16 33.99
N GLU D 273 13.17 -6.12 34.13
CA GLU D 273 13.59 -4.90 34.81
C GLU D 273 13.35 -5.06 36.29
N PRO D 274 14.38 -4.95 37.13
CA PRO D 274 14.19 -5.04 38.58
C PRO D 274 13.38 -3.86 39.10
N PRO D 275 12.44 -4.10 40.00
CA PRO D 275 11.67 -3.00 40.57
C PRO D 275 12.53 -2.14 41.48
N THR D 276 12.21 -0.84 41.54
CA THR D 276 13.05 0.09 42.35
C THR D 276 12.17 1.13 43.04
N PRO D 277 11.72 0.90 44.28
CA PRO D 277 10.94 1.89 45.02
C PRO D 277 11.86 2.91 45.72
N ASP D 278 11.27 3.88 46.43
CA ASP D 278 12.06 4.88 47.19
C ASP D 278 13.05 5.59 46.25
N LYS D 279 12.63 5.89 45.02
CA LYS D 279 13.49 6.64 44.07
C LYS D 279 12.94 8.06 43.93
N GLU D 280 11.79 8.21 43.27
CA GLU D 280 11.18 9.52 43.11
C GLU D 280 10.76 10.04 44.49
N ILE D 281 10.88 11.36 44.66
CA ILE D 281 10.46 11.94 45.93
C ILE D 281 8.97 12.24 45.78
N SER D 282 8.17 11.18 45.92
CA SER D 282 6.71 11.13 45.72
C SER D 282 6.26 11.50 44.32
N GLU D 283 7.21 11.78 43.41
CA GLU D 283 7.04 12.22 42.03
C GLU D 283 6.38 13.61 41.96
N LYS D 284 6.07 14.21 43.11
CA LYS D 284 5.42 15.53 43.13
C LYS D 284 6.42 16.67 43.25
N GLU D 285 7.45 16.49 44.10
CA GLU D 285 8.49 17.51 44.16
C GLU D 285 9.28 17.59 42.87
N LYS D 286 9.34 16.48 42.10
CA LYS D 286 9.89 16.56 40.75
C LYS D 286 9.04 17.43 39.85
N GLU D 287 7.71 17.33 39.95
CA GLU D 287 6.84 18.23 39.23
C GLU D 287 6.98 19.66 39.72
N LYS D 288 7.13 19.84 41.03
CA LYS D 288 7.26 21.18 41.58
C LYS D 288 8.58 21.83 41.18
N TYR D 289 9.63 21.03 41.03
CA TYR D 289 10.94 21.58 40.69
C TYR D 289 11.02 22.02 39.22
N GLN D 290 10.46 21.22 38.30
CA GLN D 290 10.83 21.31 36.90
C GLN D 290 10.40 22.64 36.27
N GLU D 291 9.19 23.12 36.58
CA GLU D 291 8.67 24.29 35.87
C GLU D 291 9.41 25.55 36.26
N GLU D 292 10.10 25.54 37.40
CA GLU D 292 11.03 26.62 37.73
C GLU D 292 12.20 26.62 36.75
N PHE D 293 12.83 25.45 36.57
CA PHE D 293 13.99 25.33 35.70
C PHE D 293 13.62 25.45 34.23
N GLU D 294 12.46 24.91 33.83
CA GLU D 294 11.99 25.12 32.46
C GLU D 294 11.77 26.59 32.18
N HIS D 295 11.14 27.31 33.13
CA HIS D 295 11.07 28.76 33.05
C HIS D 295 12.45 29.39 33.05
N PHE D 296 13.33 28.90 33.92
CA PHE D 296 14.62 29.54 34.06
C PHE D 296 15.51 29.30 32.85
N GLN D 297 15.47 28.10 32.26
CA GLN D 297 16.28 27.84 31.09
C GLN D 297 15.77 28.61 29.88
N GLN D 298 14.49 29.00 29.87
CA GLN D 298 13.99 29.87 28.81
C GLN D 298 14.63 31.24 28.88
N GLU D 299 14.66 31.84 30.07
CA GLU D 299 15.23 33.18 30.17
C GLU D 299 16.76 33.14 30.16
N LEU D 300 17.36 32.00 30.53
CA LEU D 300 18.79 31.83 30.35
C LEU D 300 19.17 31.89 28.88
N ASP D 301 18.32 31.35 28.01
CA ASP D 301 18.49 31.55 26.58
C ASP D 301 18.36 33.03 26.22
N LYS D 302 17.42 33.73 26.88
CA LYS D 302 17.27 35.15 26.63
C LYS D 302 18.45 35.95 27.19
N LYS D 303 19.09 35.42 28.24
CA LYS D 303 20.30 36.07 28.74
C LYS D 303 21.46 35.91 27.77
N LYS D 304 21.47 34.81 27.02
CA LYS D 304 22.52 34.59 26.03
C LYS D 304 22.26 35.38 24.75
N GLU D 305 21.05 35.92 24.59
CA GLU D 305 20.64 36.45 23.29
C GLU D 305 21.32 37.76 22.97
N GLU D 306 21.11 38.79 23.80
CA GLU D 306 21.62 40.12 23.49
C GLU D 306 23.07 40.33 23.92
N PHE D 307 23.92 39.34 23.68
CA PHE D 307 25.36 39.52 23.84
C PHE D 307 26.17 38.86 22.73
N GLN D 308 25.64 37.86 22.06
CA GLN D 308 26.19 37.46 20.77
C GLN D 308 26.01 38.58 19.76
N LYS D 309 24.83 39.22 19.76
CA LYS D 309 24.60 40.42 18.99
C LYS D 309 24.98 41.68 19.76
N GLY D 310 25.13 41.59 21.09
CA GLY D 310 25.58 42.73 21.86
C GLY D 310 27.00 43.12 21.53
N HIS D 311 27.87 42.14 21.34
CA HIS D 311 29.24 42.35 20.86
C HIS D 311 29.51 41.36 19.74
N PRO D 312 29.42 41.80 18.48
CA PRO D 312 29.64 40.90 17.34
C PRO D 312 31.11 40.59 17.10
N GLU D 324 28.89 31.46 7.88
CA GLU D 324 28.52 30.40 6.94
C GLU D 324 28.81 30.81 5.51
N SER D 325 29.52 29.93 4.79
CA SER D 325 29.83 30.21 3.39
C SER D 325 28.60 29.98 2.52
N VAL D 326 28.40 30.89 1.58
CA VAL D 326 27.37 30.73 0.58
C VAL D 326 27.77 29.58 -0.35
N GLY D 327 26.78 28.82 -0.81
CA GLY D 327 27.06 27.63 -1.57
C GLY D 327 27.09 26.40 -0.68
N ASP D 328 27.96 26.42 0.33
CA ASP D 328 27.88 25.43 1.39
C ASP D 328 26.52 25.50 2.09
N ARG D 329 26.03 26.72 2.29
CA ARG D 329 24.70 26.93 2.85
C ARG D 329 23.62 26.30 1.97
N GLU D 330 23.69 26.53 0.66
CA GLU D 330 22.68 25.96 -0.23
C GLU D 330 22.96 24.49 -0.50
N LEU D 331 24.21 24.04 -0.36
CA LEU D 331 24.49 22.61 -0.40
C LEU D 331 23.81 21.89 0.75
N ARG D 332 23.81 22.52 1.93
CA ARG D 332 23.03 22.02 3.05
C ARG D 332 21.55 22.04 2.73
N GLN D 333 21.09 23.08 2.04
CA GLN D 333 19.69 23.16 1.62
C GLN D 333 19.36 22.04 0.64
N VAL D 334 20.32 21.67 -0.21
CA VAL D 334 20.11 20.59 -1.17
C VAL D 334 19.89 19.28 -0.45
N PHE D 335 20.75 18.98 0.52
CA PHE D 335 20.58 17.75 1.29
C PHE D 335 19.37 17.84 2.20
N GLU D 336 19.00 19.06 2.62
CA GLU D 336 17.71 19.23 3.25
C GLU D 336 16.59 18.89 2.28
N GLY D 337 16.71 19.35 1.03
CA GLY D 337 15.72 19.01 0.03
C GLY D 337 15.72 17.54 -0.30
N GLN D 338 16.90 16.93 -0.36
CA GLN D 338 17.00 15.48 -0.58
C GLN D 338 16.34 14.72 0.57
N ASN D 339 16.57 15.17 1.79
CA ASN D 339 16.05 14.44 2.94
C ASN D 339 14.55 14.63 3.09
N ARG D 340 14.06 15.87 2.92
CA ARG D 340 12.64 16.14 3.16
C ARG D 340 11.77 15.41 2.15
N ILE D 341 12.21 15.31 0.91
CA ILE D 341 11.50 14.51 -0.08
C ILE D 341 11.56 13.05 0.31
N HIS D 342 12.72 12.61 0.80
CA HIS D 342 12.87 11.23 1.25
C HIS D 342 12.00 10.97 2.47
N LEU D 343 11.77 11.99 3.30
CA LEU D 343 10.82 11.84 4.40
C LEU D 343 9.38 11.82 3.89
N GLU D 344 9.05 12.74 2.98
CA GLU D 344 7.68 12.82 2.46
C GLU D 344 7.30 11.56 1.70
N ILE D 345 8.25 11.02 0.93
CA ILE D 345 7.99 9.80 0.19
C ILE D 345 7.86 8.59 1.11
N LYS D 346 8.41 8.66 2.32
CA LYS D 346 8.19 7.60 3.30
C LYS D 346 6.80 7.73 3.92
N GLN D 347 6.31 8.96 4.08
CA GLN D 347 4.93 9.16 4.49
C GLN D 347 3.98 8.61 3.43
N LEU D 348 4.35 8.74 2.15
CA LEU D 348 3.61 8.12 1.07
C LEU D 348 3.56 6.60 1.25
N ASN D 349 4.70 5.99 1.57
CA ASN D 349 4.75 4.54 1.77
C ASN D 349 3.86 4.13 2.92
N ARG D 350 3.89 4.89 4.02
CA ARG D 350 3.00 4.62 5.15
C ARG D 350 1.54 4.80 4.75
N GLN D 351 1.26 5.84 3.97
CA GLN D 351 -0.11 6.07 3.52
C GLN D 351 -0.53 5.04 2.49
N LEU D 352 0.42 4.59 1.66
CA LEU D 352 0.10 3.58 0.66
C LEU D 352 -0.10 2.22 1.30
N ASP D 353 0.72 1.87 2.29
CA ASP D 353 0.65 0.54 2.87
C ASP D 353 -0.57 0.41 3.78
N MET D 354 -1.00 1.50 4.42
CA MET D 354 -2.20 1.43 5.23
C MET D 354 -3.44 1.24 4.37
N ILE D 355 -3.44 1.79 3.15
CA ILE D 355 -4.56 1.61 2.23
C ILE D 355 -4.67 0.15 1.81
N LEU D 356 -3.53 -0.53 1.67
CA LEU D 356 -3.52 -1.97 1.46
C LEU D 356 -4.26 -2.69 2.59
N ASP D 357 -3.87 -2.41 3.84
CA ASP D 357 -4.43 -3.13 4.98
C ASP D 357 -5.89 -2.73 5.22
N GLU D 358 -6.23 -1.46 5.01
CA GLU D 358 -7.63 -1.04 5.17
C GLU D 358 -8.52 -1.69 4.12
N GLN D 359 -7.95 -2.14 3.01
CA GLN D 359 -8.75 -2.84 2.00
C GLN D 359 -8.90 -4.32 2.33
N ARG D 360 -7.97 -4.90 3.11
CA ARG D 360 -8.00 -6.34 3.32
C ARG D 360 -9.16 -6.75 4.21
N ARG D 361 -9.33 -6.06 5.34
CA ARG D 361 -10.49 -6.33 6.19
C ARG D 361 -11.76 -5.73 5.59
N TYR D 362 -11.63 -4.76 4.69
CA TYR D 362 -12.78 -4.29 3.92
C TYR D 362 -13.36 -5.42 3.08
N VAL D 363 -12.50 -6.12 2.34
CA VAL D 363 -12.96 -7.25 1.55
C VAL D 363 -13.42 -8.38 2.47
N SER D 364 -12.68 -8.61 3.56
CA SER D 364 -12.99 -9.70 4.47
C SER D 364 -14.33 -9.49 5.18
N SER D 365 -14.58 -8.27 5.67
CA SER D 365 -15.84 -8.01 6.37
C SER D 365 -17.01 -7.99 5.39
N LEU D 366 -16.82 -7.42 4.20
CA LEU D 366 -17.91 -7.36 3.24
C LEU D 366 -18.19 -8.72 2.62
N THR D 367 -17.18 -9.58 2.46
CA THR D 367 -17.44 -10.97 2.13
C THR D 367 -18.22 -11.64 3.25
N GLU D 368 -17.85 -11.36 4.50
CA GLU D 368 -18.58 -11.90 5.65
C GLU D 368 -20.00 -11.36 5.71
N GLU D 369 -20.19 -10.10 5.30
CA GLU D 369 -21.54 -9.54 5.22
C GLU D 369 -22.37 -10.29 4.19
N ILE D 370 -21.76 -10.62 3.04
CA ILE D 370 -22.44 -11.45 2.06
C ILE D 370 -22.57 -12.88 2.55
N SER D 371 -21.53 -13.40 3.22
CA SER D 371 -21.53 -14.79 3.66
C SER D 371 -22.58 -15.05 4.72
N LYS D 372 -22.75 -14.10 5.65
CA LYS D 372 -23.79 -14.24 6.66
C LYS D 372 -25.19 -14.16 6.06
N ARG D 373 -25.34 -13.47 4.93
CA ARG D 373 -26.59 -13.49 4.18
C ARG D 373 -26.58 -14.50 3.05
N GLY D 374 -25.50 -15.26 2.89
CA GLY D 374 -25.40 -16.23 1.83
C GLY D 374 -24.95 -17.60 2.29
N ALA D 375 -25.13 -17.91 3.57
CA ALA D 375 -24.78 -19.22 4.09
C ALA D 375 -25.99 -20.16 4.03
N GLY D 376 -26.60 -20.29 2.85
CA GLY D 376 -27.78 -21.09 2.70
C GLY D 376 -29.04 -20.34 3.09
N MET D 377 -29.15 -20.02 4.37
CA MET D 377 -30.16 -19.12 4.85
C MET D 377 -29.92 -17.71 4.31
N PRO D 378 -30.98 -16.96 4.04
CA PRO D 378 -30.82 -15.57 3.58
C PRO D 378 -30.40 -14.63 4.69
N GLY D 379 -30.42 -13.32 4.41
CA GLY D 379 -30.04 -12.30 5.38
C GLY D 379 -30.89 -12.34 6.64
N GLN D 380 -32.17 -12.65 6.50
CA GLN D 380 -32.99 -12.92 7.66
C GLN D 380 -32.77 -14.34 8.15
N HIS D 381 -32.81 -14.51 9.47
CA HIS D 381 -32.56 -15.79 10.09
C HIS D 381 -33.84 -16.64 10.08
N GLY D 382 -33.66 -17.95 10.17
CA GLY D 382 -34.79 -18.86 10.15
C GLY D 382 -35.46 -18.97 8.80
N GLN D 383 -34.72 -19.48 7.81
CA GLN D 383 -35.26 -19.75 6.48
C GLN D 383 -36.31 -20.86 6.54
N ILE D 384 -37.32 -20.75 5.68
CA ILE D 384 -38.18 -21.88 5.40
C ILE D 384 -37.28 -23.00 4.90
N THR D 385 -37.21 -24.09 5.64
CA THR D 385 -36.40 -25.21 5.19
C THR D 385 -37.21 -26.08 4.24
N GLN D 386 -36.52 -26.61 3.23
CA GLN D 386 -37.18 -27.52 2.29
C GLN D 386 -37.64 -28.79 3.00
N GLN D 387 -36.92 -29.20 4.05
CA GLN D 387 -37.32 -30.36 4.84
C GLN D 387 -38.67 -30.14 5.52
N GLU D 388 -38.87 -28.98 6.14
CA GLU D 388 -40.16 -28.68 6.74
C GLU D 388 -41.23 -28.52 5.67
N LEU D 389 -40.88 -27.91 4.54
CA LEU D 389 -41.80 -27.81 3.42
C LEU D 389 -42.14 -29.18 2.85
N ASP D 390 -41.16 -30.08 2.76
CA ASP D 390 -41.46 -31.45 2.36
C ASP D 390 -42.20 -32.19 3.46
N THR D 391 -41.91 -31.88 4.72
CA THR D 391 -42.74 -32.38 5.82
C THR D 391 -44.16 -31.85 5.70
N VAL D 392 -44.29 -30.59 5.30
CA VAL D 392 -45.61 -30.01 5.04
C VAL D 392 -46.30 -30.73 3.89
N VAL D 393 -45.57 -31.00 2.81
CA VAL D 393 -46.15 -31.67 1.65
C VAL D 393 -46.58 -33.09 2.01
N LYS D 394 -45.71 -33.81 2.73
CA LYS D 394 -46.00 -35.21 3.05
C LYS D 394 -47.11 -35.33 4.10
N THR D 395 -47.20 -34.36 5.02
CA THR D 395 -48.27 -34.40 6.01
C THR D 395 -49.64 -34.24 5.36
N GLN D 396 -49.75 -33.32 4.40
CA GLN D 396 -51.02 -33.08 3.72
C GLN D 396 -51.47 -34.30 2.93
N HIS D 397 -50.54 -34.94 2.22
CA HIS D 397 -50.89 -36.10 1.41
C HIS D 397 -51.28 -37.28 2.28
N GLU D 398 -50.62 -37.41 3.44
CA GLU D 398 -51.06 -38.40 4.42
C GLU D 398 -52.43 -38.05 4.99
N ILE D 399 -52.67 -36.76 5.24
CA ILE D 399 -53.99 -36.31 5.68
C ILE D 399 -55.02 -36.58 4.59
N LEU D 400 -54.69 -36.23 3.35
CA LEU D 400 -55.63 -36.37 2.24
C LEU D 400 -55.98 -37.84 1.98
N ARG D 401 -55.01 -38.73 2.19
CA ARG D 401 -55.27 -40.15 2.02
C ARG D 401 -56.22 -40.67 3.08
N GLN D 402 -55.97 -40.33 4.35
CA GLN D 402 -56.83 -40.79 5.44
C GLN D 402 -58.22 -40.17 5.33
N VAL D 403 -58.30 -38.90 4.94
CA VAL D 403 -59.58 -38.25 4.71
C VAL D 403 -60.33 -38.94 3.58
N ASN D 404 -59.63 -39.28 2.49
CA ASN D 404 -60.27 -39.98 1.38
C ASN D 404 -60.74 -41.37 1.78
N GLU D 405 -59.93 -42.10 2.57
CA GLU D 405 -60.35 -43.42 3.04
C GLU D 405 -61.50 -43.30 4.05
N MET D 406 -61.50 -42.22 4.83
CA MET D 406 -62.65 -41.96 5.70
C MET D 406 -63.90 -41.69 4.88
N LYS D 407 -63.77 -40.91 3.81
CA LYS D 407 -64.92 -40.53 2.99
C LYS D 407 -65.55 -41.74 2.31
N ASN D 408 -64.71 -42.66 1.83
CA ASN D 408 -65.22 -43.92 1.30
C ASN D 408 -65.88 -44.74 2.41
N SER D 409 -65.28 -44.74 3.60
CA SER D 409 -65.88 -45.42 4.74
C SER D 409 -67.10 -44.66 5.25
N MET D 410 -67.11 -43.33 5.15
CA MET D 410 -68.29 -42.56 5.53
C MET D 410 -69.46 -42.84 4.60
N SER D 411 -69.20 -42.91 3.28
CA SER D 411 -70.26 -43.21 2.33
C SER D 411 -70.79 -44.63 2.51
N GLU D 412 -69.94 -45.54 2.99
CA GLU D 412 -70.42 -46.84 3.46
C GLU D 412 -71.36 -46.68 4.64
N THR D 413 -71.01 -45.81 5.58
CA THR D 413 -71.83 -45.64 6.77
C THR D 413 -73.12 -44.88 6.45
N VAL D 414 -73.06 -43.96 5.48
CA VAL D 414 -74.26 -43.24 5.04
C VAL D 414 -75.25 -44.20 4.40
N ARG D 415 -74.76 -45.07 3.51
CA ARG D 415 -75.64 -45.95 2.76
C ARG D 415 -76.27 -47.01 3.65
N LEU D 416 -75.52 -47.53 4.62
CA LEU D 416 -75.98 -48.69 5.38
C LEU D 416 -77.09 -48.34 6.36
N VAL D 417 -76.96 -47.21 7.06
CA VAL D 417 -78.00 -46.84 8.02
C VAL D 417 -79.27 -46.38 7.27
N SER D 418 -79.11 -45.96 6.01
CA SER D 418 -80.24 -45.64 5.15
C SER D 418 -81.07 -46.86 4.76
N GLY D 419 -80.57 -48.07 5.02
CA GLY D 419 -81.07 -49.32 4.47
C GLY D 419 -82.57 -49.58 4.48
N MET D 420 -83.17 -49.64 3.29
CA MET D 420 -82.46 -49.53 2.01
C MET D 420 -82.44 -48.09 1.52
N GLN D 421 -83.62 -47.52 1.25
CA GLN D 421 -83.73 -46.09 1.02
C GLN D 421 -84.68 -45.44 2.01
N HIS D 422 -85.92 -45.93 2.11
CA HIS D 422 -86.90 -45.43 3.07
C HIS D 422 -87.78 -46.60 3.47
N PRO D 423 -87.49 -47.25 4.60
CA PRO D 423 -88.25 -48.46 4.97
C PRO D 423 -89.68 -48.18 5.37
N GLY D 424 -90.62 -48.51 4.48
CA GLY D 424 -92.03 -48.37 4.75
C GLY D 424 -92.71 -49.64 5.23
N SER D 425 -92.00 -50.76 5.19
CA SER D 425 -92.57 -52.04 5.62
C SER D 425 -92.37 -52.21 7.12
N ALA D 426 -93.45 -52.03 7.88
CA ALA D 426 -93.47 -52.26 9.32
C ALA D 426 -94.49 -53.33 9.66
N GLY D 427 -94.50 -54.40 8.87
CA GLY D 427 -95.50 -55.45 9.05
C GLY D 427 -95.32 -56.23 10.34
N GLY D 428 -94.08 -56.49 10.72
CA GLY D 428 -93.86 -57.41 11.83
C GLY D 428 -93.92 -56.78 13.22
N VAL D 429 -94.83 -55.83 13.41
CA VAL D 429 -95.22 -55.37 14.75
C VAL D 429 -96.74 -55.47 14.77
N TYR D 430 -97.36 -55.40 13.59
CA TYR D 430 -98.81 -55.53 13.49
C TYR D 430 -99.21 -56.98 13.25
N GLU D 431 -98.48 -57.68 12.38
CA GLU D 431 -98.73 -59.09 12.14
C GLU D 431 -98.50 -59.91 13.40
N THR D 432 -97.49 -59.54 14.18
CA THR D 432 -97.25 -60.17 15.48
C THR D 432 -98.44 -59.98 16.40
N THR D 433 -98.95 -58.75 16.48
CA THR D 433 -100.10 -58.47 17.34
C THR D 433 -101.37 -59.14 16.80
N GLN D 434 -101.55 -59.11 15.48
CA GLN D 434 -102.74 -59.71 14.87
C GLN D 434 -102.78 -61.21 15.05
N HIS D 435 -101.62 -61.88 14.93
CA HIS D 435 -101.57 -63.31 15.20
C HIS D 435 -101.84 -63.60 16.67
N PHE D 436 -101.30 -62.79 17.57
CA PHE D 436 -101.53 -62.97 19.00
C PHE D 436 -102.99 -62.75 19.36
N ILE D 437 -103.65 -61.80 18.69
CA ILE D 437 -105.09 -61.60 18.89
C ILE D 437 -105.86 -62.83 18.39
N ASP D 438 -105.43 -63.40 17.27
CA ASP D 438 -106.08 -64.58 16.71
C ASP D 438 -105.96 -65.79 17.64
N ILE D 439 -104.85 -65.90 18.36
CA ILE D 439 -104.70 -66.96 19.34
C ILE D 439 -105.64 -66.73 20.53
N LYS D 440 -105.71 -65.48 21.00
CA LYS D 440 -106.57 -65.16 22.14
C LYS D 440 -108.05 -65.31 21.79
N GLU D 441 -108.43 -64.92 20.56
CA GLU D 441 -109.81 -65.09 20.12
C GLU D 441 -110.16 -66.57 19.99
N HIS D 442 -109.24 -67.37 19.46
CA HIS D 442 -109.47 -68.82 19.37
C HIS D 442 -109.53 -69.44 20.77
N LEU D 443 -108.66 -69.00 21.68
CA LEU D 443 -108.65 -69.53 23.03
C LEU D 443 -109.90 -69.13 23.80
N HIS D 444 -110.48 -67.97 23.48
CA HIS D 444 -111.75 -67.59 24.10
C HIS D 444 -112.89 -68.46 23.60
N ILE D 445 -112.86 -68.85 22.32
CA ILE D 445 -113.85 -69.78 21.79
C ILE D 445 -113.68 -71.16 22.41
N VAL D 446 -112.42 -71.57 22.62
CA VAL D 446 -112.13 -72.86 23.26
C VAL D 446 -112.62 -72.86 24.70
N LYS D 447 -112.35 -71.77 25.42
CA LYS D 447 -112.76 -71.67 26.82
C LYS D 447 -114.28 -71.60 26.96
N ARG D 448 -114.95 -70.92 26.03
CA ARG D 448 -116.41 -70.81 26.09
C ARG D 448 -117.09 -72.14 25.84
N ASP D 449 -116.59 -72.91 24.87
CA ASP D 449 -117.25 -74.17 24.51
C ASP D 449 -117.04 -75.24 25.58
N ILE D 450 -115.85 -75.28 26.19
CA ILE D 450 -115.60 -76.23 27.28
C ILE D 450 -116.44 -75.86 28.50
N ASP D 451 -116.59 -74.55 28.77
CA ASP D 451 -117.45 -74.10 29.86
C ASP D 451 -118.91 -74.48 29.61
N ASN D 452 -119.36 -74.39 28.36
CA ASN D 452 -120.71 -74.83 28.02
C ASN D 452 -120.88 -76.33 28.20
N LEU D 453 -119.85 -77.10 27.85
CA LEU D 453 -119.92 -78.56 28.00
C LEU D 453 -119.89 -78.97 29.46
N VAL D 454 -119.06 -78.31 30.27
CA VAL D 454 -119.03 -78.58 31.70
C VAL D 454 -120.36 -78.19 32.35
N GLN D 455 -120.93 -77.06 31.93
CA GLN D 455 -122.25 -76.65 32.42
C GLN D 455 -123.34 -77.61 31.98
N ARG D 456 -123.17 -78.27 30.82
CA ARG D 456 -124.09 -79.32 30.42
C ARG D 456 -123.79 -80.66 31.09
N ASN D 457 -122.62 -80.79 31.72
CA ASN D 457 -122.20 -82.00 32.42
C ASN D 457 -122.28 -81.85 33.92
N MET D 458 -123.34 -81.22 34.42
CA MET D 458 -123.51 -80.94 35.85
C MET D 458 -123.55 -82.24 36.66
N PRO D 459 -122.71 -82.39 37.67
CA PRO D 459 -122.74 -83.60 38.50
C PRO D 459 -123.98 -83.64 39.37
N SER D 460 -124.51 -84.84 39.57
CA SER D 460 -125.70 -85.05 40.39
C SER D 460 -125.73 -86.51 40.82
N ASN D 461 -126.66 -86.83 41.73
CA ASN D 461 -126.88 -88.19 42.19
C ASN D 461 -127.84 -88.96 41.30
N GLU D 462 -128.07 -88.50 40.07
CA GLU D 462 -128.98 -89.15 39.14
C GLU D 462 -128.24 -90.27 38.40
N LYS D 463 -128.04 -91.37 39.11
CA LYS D 463 -127.49 -92.58 38.52
C LYS D 463 -128.52 -93.19 37.55
N PRO D 464 -128.06 -94.05 36.60
CA PRO D 464 -128.99 -94.68 35.64
C PRO D 464 -130.16 -95.42 36.30
N LYS D 465 -131.37 -94.90 36.09
CA LYS D 465 -132.57 -95.40 36.73
C LYS D 465 -133.26 -96.40 35.80
N CYS D 466 -133.03 -97.68 36.06
CA CYS D 466 -133.82 -98.72 35.41
C CYS D 466 -135.26 -98.66 35.93
N PRO D 467 -136.25 -99.07 35.14
CA PRO D 467 -137.64 -99.06 35.62
C PRO D 467 -137.84 -100.00 36.80
N GLU D 468 -138.55 -99.52 37.82
CA GLU D 468 -138.74 -100.27 39.04
C GLU D 468 -139.64 -101.48 38.80
N LEU D 469 -139.32 -102.59 39.47
CA LEU D 469 -140.15 -103.77 39.38
C LEU D 469 -141.46 -103.53 40.12
N PRO D 470 -142.61 -103.79 39.50
CA PRO D 470 -143.87 -103.65 40.22
C PRO D 470 -143.99 -104.71 41.29
N PRO D 471 -144.82 -104.48 42.32
CA PRO D 471 -145.04 -105.52 43.34
C PRO D 471 -145.63 -106.77 42.73
N PHE D 472 -145.17 -107.92 43.23
CA PHE D 472 -145.51 -109.19 42.62
C PHE D 472 -147.01 -109.49 42.79
N PRO D 473 -147.73 -109.76 41.71
CA PRO D 473 -149.13 -110.16 41.85
C PRO D 473 -149.24 -111.52 42.53
N SER D 474 -150.35 -111.70 43.25
CA SER D 474 -150.50 -112.88 44.09
C SER D 474 -150.81 -114.13 43.28
N CYS D 475 -149.84 -114.62 42.51
CA CYS D 475 -149.98 -115.93 41.89
C CYS D 475 -149.93 -117.01 42.95
N LEU D 476 -150.68 -118.08 42.74
CA LEU D 476 -150.85 -119.10 43.77
C LEU D 476 -149.56 -119.87 44.03
N SER D 477 -149.26 -120.09 45.31
CA SER D 477 -148.09 -120.83 45.72
C SER D 477 -148.42 -122.32 45.88
N THR D 478 -147.36 -123.14 45.87
CA THR D 478 -147.54 -124.57 46.06
C THR D 478 -147.97 -124.91 47.48
N VAL D 479 -147.38 -124.21 48.48
CA VAL D 479 -147.62 -124.55 49.88
C VAL D 479 -149.07 -124.28 50.27
N HIS D 480 -149.60 -123.12 49.87
CA HIS D 480 -150.99 -122.79 50.20
C HIS D 480 -151.96 -123.67 49.43
N PHE D 481 -151.58 -124.13 48.23
CA PHE D 481 -152.44 -125.03 47.48
C PHE D 481 -152.59 -126.38 48.17
N ILE D 482 -151.47 -126.92 48.68
CA ILE D 482 -151.49 -128.23 49.34
C ILE D 482 -152.31 -128.16 50.62
N ILE D 483 -152.23 -127.04 51.34
CA ILE D 483 -153.00 -126.86 52.57
C ILE D 483 -154.49 -126.87 52.27
N PHE D 484 -154.92 -126.15 51.22
CA PHE D 484 -156.36 -125.99 50.98
C PHE D 484 -156.98 -127.25 50.39
N VAL D 485 -156.20 -128.04 49.64
CA VAL D 485 -156.71 -129.32 49.13
C VAL D 485 -156.89 -130.32 50.25
N VAL D 486 -155.92 -130.38 51.18
CA VAL D 486 -156.03 -131.27 52.33
C VAL D 486 -157.18 -130.85 53.23
N VAL D 487 -157.36 -129.55 53.43
CA VAL D 487 -158.48 -129.04 54.22
C VAL D 487 -159.81 -129.35 53.55
N GLN D 488 -159.88 -129.18 52.23
CA GLN D 488 -161.09 -129.54 51.49
C GLN D 488 -161.36 -131.03 51.57
N THR D 489 -160.30 -131.85 51.52
CA THR D 489 -160.47 -133.30 51.63
C THR D 489 -160.91 -133.70 53.04
N VAL D 490 -160.27 -133.12 54.07
CA VAL D 490 -160.58 -133.50 55.45
C VAL D 490 -161.98 -133.03 55.84
N LEU D 491 -162.37 -131.82 55.41
CA LEU D 491 -163.72 -131.31 55.72
C LEU D 491 -164.80 -132.09 55.01
N PHE D 492 -164.51 -132.65 53.82
CA PHE D 492 -165.53 -133.39 53.09
C PHE D 492 -165.61 -134.84 53.57
N ILE D 493 -164.47 -135.43 53.95
CA ILE D 493 -164.46 -136.78 54.49
C ILE D 493 -165.17 -136.82 55.85
N GLY D 494 -164.90 -135.84 56.71
CA GLY D 494 -165.63 -135.74 57.96
C GLY D 494 -167.11 -135.48 57.74
N TYR D 495 -167.44 -134.76 56.67
CA TYR D 495 -168.84 -134.59 56.29
C TYR D 495 -169.45 -135.91 55.83
N ILE D 496 -168.65 -136.74 55.14
CA ILE D 496 -169.14 -138.05 54.70
C ILE D 496 -169.37 -138.96 55.90
N MET D 497 -168.42 -138.98 56.85
CA MET D 497 -168.57 -139.79 58.05
C MET D 497 -169.74 -139.30 58.90
N TYR D 498 -169.92 -137.97 58.96
CA TYR D 498 -171.03 -137.42 59.74
C TYR D 498 -172.37 -137.69 59.06
N ARG D 499 -172.39 -137.72 57.72
CA ARG D 499 -173.61 -138.08 57.00
C ARG D 499 -173.85 -139.58 57.06
N SER D 500 -172.79 -140.38 57.02
CA SER D 500 -172.93 -141.83 57.14
C SER D 500 -173.45 -142.22 58.51
N GLN D 501 -173.07 -141.46 59.54
CA GLN D 501 -173.56 -141.76 60.88
C GLN D 501 -175.02 -141.34 61.06
N GLN D 502 -175.45 -140.29 60.36
CA GLN D 502 -176.87 -139.93 60.39
C GLN D 502 -177.74 -140.98 59.69
N GLU D 503 -177.29 -141.47 58.53
CA GLU D 503 -178.08 -142.45 57.80
C GLU D 503 -178.11 -143.78 58.52
N ALA D 504 -177.01 -144.14 59.20
CA ALA D 504 -177.01 -145.35 60.01
C ALA D 504 -177.93 -145.22 61.22
N ALA D 505 -177.93 -144.05 61.86
CA ALA D 505 -178.79 -143.85 63.02
C ALA D 505 -180.26 -143.76 62.64
N ALA D 506 -180.55 -143.17 61.48
CA ALA D 506 -181.94 -143.08 61.02
C ALA D 506 -182.49 -144.45 60.64
N LYS D 507 -181.66 -145.31 60.07
CA LYS D 507 -182.11 -146.64 59.70
C LYS D 507 -182.28 -147.54 60.92
N LYS D 508 -181.60 -147.22 62.03
CA LYS D 508 -181.74 -148.01 63.25
C LYS D 508 -183.10 -147.81 63.91
N PHE D 509 -183.72 -146.65 63.71
CA PHE D 509 -185.03 -146.38 64.31
C PHE D 509 -186.18 -146.99 63.53
N PHE D 510 -185.94 -147.45 62.30
CA PHE D 510 -186.99 -148.07 61.50
C PHE D 510 -186.90 -149.59 61.55
N MET E 17 41.23 78.52 -29.48
CA MET E 17 40.55 79.26 -28.43
C MET E 17 40.50 78.47 -27.14
N GLY E 18 40.36 79.16 -26.01
CA GLY E 18 40.21 78.50 -24.74
C GLY E 18 38.78 78.57 -24.25
N LEU E 19 38.55 78.21 -22.99
CA LEU E 19 37.21 78.32 -22.41
C LEU E 19 36.85 79.78 -22.23
N ASP E 20 35.80 80.23 -22.89
CA ASP E 20 35.38 81.61 -22.77
C ASP E 20 34.77 81.86 -21.40
N LYS E 21 35.01 83.06 -20.87
CA LYS E 21 34.58 83.36 -19.50
C LYS E 21 33.07 83.46 -19.40
N ASN E 22 32.41 83.98 -20.44
CA ASN E 22 30.95 84.14 -20.41
C ASN E 22 30.24 82.80 -20.42
N THR E 23 30.87 81.76 -20.99
CA THR E 23 30.29 80.43 -20.98
C THR E 23 30.16 79.88 -19.57
N VAL E 24 31.03 80.30 -18.67
CA VAL E 24 30.86 79.99 -17.26
C VAL E 24 29.61 80.66 -16.71
N HIS E 25 29.39 81.92 -17.09
CA HIS E 25 28.28 82.73 -16.55
C HIS E 25 26.93 82.35 -17.12
N ASP E 26 26.75 81.28 -17.88
CA ASP E 26 25.43 80.91 -18.36
C ASP E 26 24.61 80.33 -17.22
N GLN E 27 23.84 81.20 -16.55
CA GLN E 27 23.14 80.83 -15.32
C GLN E 27 22.08 79.76 -15.57
N GLU E 28 21.33 79.88 -16.67
CA GLU E 28 20.28 78.91 -16.98
C GLU E 28 20.87 77.55 -17.31
N HIS E 29 22.01 77.56 -18.00
CA HIS E 29 22.76 76.33 -18.26
C HIS E 29 23.22 75.67 -16.97
N ILE E 30 23.42 76.46 -15.91
CA ILE E 30 23.68 75.86 -14.61
C ILE E 30 22.41 75.23 -14.04
N MET E 31 21.27 75.92 -14.14
CA MET E 31 20.02 75.28 -13.75
C MET E 31 19.65 74.15 -14.72
N GLU E 32 20.14 74.22 -15.97
CA GLU E 32 20.07 73.05 -16.83
C GLU E 32 20.86 71.90 -16.24
N HIS E 33 22.05 72.20 -15.70
CA HIS E 33 22.91 71.14 -15.23
C HIS E 33 22.65 70.77 -13.77
N LEU E 34 22.26 71.73 -12.92
CA LEU E 34 21.98 71.37 -11.54
C LEU E 34 20.60 70.72 -11.37
N GLU E 35 19.78 70.72 -12.42
CA GLU E 35 18.49 70.06 -12.37
C GLU E 35 18.67 68.55 -12.20
N GLY E 36 17.85 67.96 -11.33
CA GLY E 36 17.86 66.53 -11.11
C GLY E 36 18.55 66.15 -9.82
N VAL E 37 19.71 66.74 -9.55
CA VAL E 37 20.42 66.44 -8.31
C VAL E 37 19.98 67.37 -7.18
N ILE E 38 19.65 68.63 -7.50
CA ILE E 38 19.24 69.60 -6.50
C ILE E 38 17.87 70.12 -6.90
N ASN E 39 16.92 70.04 -5.97
CA ASN E 39 15.53 70.40 -6.24
C ASN E 39 15.16 71.77 -5.69
N LYS E 40 16.12 72.56 -5.23
CA LYS E 40 15.82 73.95 -4.89
C LYS E 40 16.44 74.88 -5.94
N PRO E 41 15.65 75.47 -6.81
CA PRO E 41 16.21 76.44 -7.76
C PRO E 41 16.17 77.86 -7.21
N GLU E 42 17.30 78.54 -7.26
CA GLU E 42 17.40 79.94 -6.86
C GLU E 42 18.17 80.70 -7.93
N ALA E 43 17.58 81.78 -8.44
CA ALA E 43 18.22 82.60 -9.45
C ALA E 43 18.63 83.91 -8.79
N GLU E 44 19.76 83.87 -8.08
CA GLU E 44 20.46 85.05 -7.60
C GLU E 44 21.96 84.84 -7.61
N MET E 45 22.44 83.76 -8.25
CA MET E 45 23.79 83.28 -8.05
C MET E 45 24.82 84.23 -8.64
N SER E 46 25.81 84.58 -7.84
CA SER E 46 26.97 85.28 -8.36
C SER E 46 27.81 84.31 -9.17
N PRO E 47 28.69 84.82 -10.05
CA PRO E 47 29.58 83.93 -10.81
C PRO E 47 30.49 83.05 -9.95
N GLN E 48 30.67 83.38 -8.67
CA GLN E 48 31.48 82.56 -7.78
C GLN E 48 30.88 81.17 -7.62
N GLU E 49 29.70 81.08 -7.00
CA GLU E 49 29.18 79.79 -6.59
C GLU E 49 28.83 78.90 -7.78
N LEU E 50 28.40 79.48 -8.89
CA LEU E 50 28.10 78.67 -10.06
C LEU E 50 29.38 78.09 -10.67
N GLN E 51 30.49 78.83 -10.63
CA GLN E 51 31.72 78.27 -11.16
C GLN E 51 32.29 77.23 -10.20
N LEU E 52 32.01 77.37 -8.90
CA LEU E 52 32.25 76.27 -7.98
C LEU E 52 31.40 75.07 -8.32
N HIS E 53 30.12 75.31 -8.63
CA HIS E 53 29.25 74.22 -9.04
C HIS E 53 29.75 73.59 -10.33
N TYR E 54 30.12 74.43 -11.31
CA TYR E 54 30.56 73.93 -12.60
C TYR E 54 31.85 73.13 -12.47
N PHE E 55 32.79 73.62 -11.66
CA PHE E 55 34.05 72.91 -11.49
C PHE E 55 33.83 71.57 -10.78
N LYS E 56 33.00 71.56 -9.74
CA LYS E 56 32.76 70.33 -9.01
C LYS E 56 31.92 69.34 -9.83
N MET E 57 30.82 69.81 -10.41
CA MET E 57 29.90 68.89 -11.06
C MET E 57 30.49 68.32 -12.34
N HIS E 58 31.43 69.02 -12.95
CA HIS E 58 32.09 68.46 -14.12
C HIS E 58 33.33 67.67 -13.73
N ASP E 59 33.68 67.66 -12.46
CA ASP E 59 34.60 66.67 -11.91
C ASP E 59 33.78 65.44 -11.58
N TYR E 60 33.41 64.71 -12.64
CA TYR E 60 32.58 63.51 -12.49
C TYR E 60 33.31 62.43 -11.70
N ASP E 61 34.62 62.36 -11.83
CA ASP E 61 35.44 61.37 -11.14
C ASP E 61 35.53 61.63 -9.64
N GLY E 62 35.16 62.81 -9.17
CA GLY E 62 35.17 63.09 -7.74
C GLY E 62 36.53 63.42 -7.17
N ASN E 63 37.54 63.66 -8.00
CA ASN E 63 38.89 63.91 -7.52
C ASN E 63 39.19 65.40 -7.34
N ASN E 64 38.21 66.28 -7.60
CA ASN E 64 38.37 67.73 -7.61
C ASN E 64 39.45 68.22 -8.56
N LEU E 65 39.79 67.40 -9.55
CA LEU E 65 40.75 67.74 -10.58
C LEU E 65 40.12 67.46 -11.93
N LEU E 66 40.21 68.43 -12.83
CA LEU E 66 39.67 68.27 -14.17
C LEU E 66 40.81 67.85 -15.10
N ASP E 67 40.54 66.89 -15.97
CA ASP E 67 41.46 66.57 -17.05
C ASP E 67 40.85 66.98 -18.38
N GLY E 68 41.63 66.80 -19.45
CA GLY E 68 41.16 67.21 -20.78
C GLY E 68 39.96 66.40 -21.25
N LEU E 69 39.79 65.19 -20.72
CA LEU E 69 38.62 64.40 -21.05
C LEU E 69 37.37 64.97 -20.41
N GLU E 70 37.44 65.31 -19.11
CA GLU E 70 36.31 65.93 -18.43
C GLU E 70 35.99 67.29 -19.02
N LEU E 71 37.04 68.05 -19.36
CA LEU E 71 36.84 69.36 -19.98
C LEU E 71 36.15 69.25 -21.32
N SER E 72 36.56 68.27 -22.13
CA SER E 72 35.96 68.08 -23.45
C SER E 72 34.48 67.74 -23.34
N THR E 73 34.12 66.92 -22.37
CA THR E 73 32.70 66.68 -22.09
C THR E 73 32.00 67.96 -21.64
N ALA E 74 32.70 68.78 -20.85
CA ALA E 74 32.13 70.04 -20.41
C ALA E 74 31.94 71.01 -21.57
N ILE E 75 32.84 70.98 -22.56
CA ILE E 75 32.66 71.78 -23.76
C ILE E 75 31.46 71.27 -24.57
N THR E 76 31.37 69.96 -24.76
CA THR E 76 30.46 69.43 -25.75
C THR E 76 29.03 69.36 -25.25
N HIS E 77 28.78 68.52 -24.22
CA HIS E 77 27.46 68.14 -23.73
C HIS E 77 26.58 67.49 -24.81
N VAL E 78 25.36 67.16 -24.42
CA VAL E 78 24.26 66.90 -25.35
C VAL E 78 23.12 67.79 -24.86
N HIS E 79 23.11 69.04 -25.29
CA HIS E 79 22.12 70.01 -24.85
C HIS E 79 20.93 69.99 -25.82
N LYS E 80 20.17 68.91 -25.74
CA LYS E 80 19.06 68.68 -26.65
C LYS E 80 17.80 69.39 -26.17
N GLN E 86 21.45 67.48 -34.09
CA GLN E 86 21.25 68.84 -33.62
C GLN E 86 22.38 69.75 -34.09
N ALA E 87 23.22 70.19 -33.16
CA ALA E 87 24.35 71.02 -33.52
C ALA E 87 25.46 70.15 -34.13
N PRO E 88 26.18 70.67 -35.13
CA PRO E 88 27.31 69.91 -35.69
C PRO E 88 28.46 69.84 -34.70
N LEU E 89 29.12 68.69 -34.67
CA LEU E 89 30.24 68.49 -33.77
C LEU E 89 31.47 69.24 -34.27
N MET E 90 32.18 69.87 -33.34
CA MET E 90 33.42 70.53 -33.69
C MET E 90 34.50 69.51 -34.01
N SER E 91 35.54 69.97 -34.69
CA SER E 91 36.64 69.10 -35.07
C SER E 91 37.42 68.65 -33.83
N GLU E 92 37.93 67.42 -33.90
CA GLU E 92 38.68 66.88 -32.78
C GLU E 92 39.99 67.63 -32.58
N ASP E 93 40.68 68.00 -33.67
CA ASP E 93 41.90 68.78 -33.54
C ASP E 93 41.60 70.21 -33.10
N GLU E 94 40.43 70.73 -33.47
CA GLU E 94 39.96 71.99 -32.91
C GLU E 94 39.82 71.88 -31.40
N LEU E 95 39.19 70.81 -30.93
CA LEU E 95 39.06 70.60 -29.49
C LEU E 95 40.41 70.29 -28.84
N ILE E 96 41.33 69.69 -29.59
CA ILE E 96 42.71 69.49 -29.11
C ILE E 96 43.35 70.83 -28.77
N ASN E 97 43.21 71.81 -29.68
CA ASN E 97 43.74 73.14 -29.43
C ASN E 97 42.97 73.83 -28.31
N ILE E 98 41.69 73.49 -28.16
CA ILE E 98 40.91 74.03 -27.04
C ILE E 98 41.45 73.49 -25.72
N ILE E 99 41.68 72.18 -25.65
CA ILE E 99 42.24 71.60 -24.44
C ILE E 99 43.67 72.06 -24.23
N ASP E 100 44.48 72.04 -25.29
CA ASP E 100 45.87 72.46 -25.17
C ASP E 100 45.97 73.95 -24.87
N GLY E 101 45.08 74.76 -25.45
CA GLY E 101 45.08 76.18 -25.13
C GLY E 101 44.68 76.46 -23.70
N VAL E 102 43.72 75.69 -23.17
CA VAL E 102 43.31 75.84 -21.78
C VAL E 102 44.41 75.38 -20.85
N LEU E 103 45.02 74.21 -21.15
CA LEU E 103 46.09 73.67 -20.34
C LEU E 103 47.30 74.59 -20.32
N ARG E 104 47.59 75.25 -21.44
CA ARG E 104 48.67 76.23 -21.51
C ARG E 104 48.35 77.51 -20.76
N ASP E 105 47.07 77.78 -20.50
CA ASP E 105 46.66 79.04 -19.90
C ASP E 105 46.13 78.92 -18.48
N ASP E 106 45.82 77.71 -18.01
CA ASP E 106 45.14 77.55 -16.75
C ASP E 106 45.81 76.58 -15.79
N ASP E 107 46.33 75.46 -16.26
CA ASP E 107 46.98 74.49 -15.39
C ASP E 107 48.41 74.96 -15.15
N LYS E 108 48.69 75.40 -13.92
CA LYS E 108 49.97 76.01 -13.59
C LYS E 108 50.96 75.00 -13.04
N ASN E 109 50.47 74.06 -12.22
CA ASN E 109 51.30 73.03 -11.61
C ASN E 109 51.73 71.93 -12.58
N ASN E 110 51.17 71.93 -13.80
CA ASN E 110 51.52 70.97 -14.86
C ASN E 110 51.30 69.53 -14.42
N ASP E 111 50.22 69.30 -13.69
CA ASP E 111 49.90 67.98 -13.16
C ASP E 111 49.17 67.10 -14.15
N GLY E 112 48.83 67.63 -15.33
CA GLY E 112 47.82 67.00 -16.14
C GLY E 112 46.42 67.18 -15.60
N TYR E 113 46.25 68.10 -14.64
CA TYR E 113 44.98 68.33 -13.98
C TYR E 113 44.87 69.81 -13.63
N ILE E 114 43.64 70.23 -13.34
CA ILE E 114 43.34 71.62 -13.05
C ILE E 114 42.78 71.71 -11.64
N ASP E 115 43.39 72.57 -10.82
CA ASP E 115 42.89 72.90 -9.51
C ASP E 115 41.75 73.93 -9.63
N TYR E 116 40.94 74.03 -8.59
CA TYR E 116 39.99 75.14 -8.55
C TYR E 116 40.74 76.47 -8.47
N ALA E 117 41.83 76.50 -7.70
CA ALA E 117 42.69 77.67 -7.68
C ALA E 117 43.25 77.96 -9.06
N GLU E 118 43.67 76.93 -9.78
CA GLU E 118 44.03 77.10 -11.18
C GLU E 118 42.81 77.52 -11.99
N PHE E 119 41.65 76.93 -11.70
CA PHE E 119 40.40 77.30 -12.38
C PHE E 119 40.03 78.75 -12.13
N ALA E 120 40.18 79.22 -10.89
CA ALA E 120 39.78 80.57 -10.54
C ALA E 120 40.70 81.63 -11.12
N LYS E 121 41.82 81.24 -11.72
CA LYS E 121 42.64 82.17 -12.48
C LYS E 121 41.87 82.77 -13.64
N SER E 122 41.16 81.92 -14.39
CA SER E 122 40.38 82.38 -15.53
C SER E 122 38.90 82.33 -15.24
N MET F 17 85.45 3.23 9.05
CA MET F 17 85.62 2.15 8.08
C MET F 17 84.63 2.30 6.92
N GLY F 18 85.08 1.91 5.72
CA GLY F 18 84.21 1.89 4.56
C GLY F 18 83.42 0.60 4.47
N LEU F 19 82.70 0.47 3.36
CA LEU F 19 81.97 -0.77 3.10
C LEU F 19 82.93 -1.90 2.82
N ASP F 20 82.74 -3.02 3.50
CA ASP F 20 83.61 -4.17 3.29
C ASP F 20 83.31 -4.83 1.96
N LYS F 21 84.36 -5.31 1.30
CA LYS F 21 84.21 -5.84 -0.06
C LYS F 21 83.51 -7.20 -0.05
N ASN F 22 83.75 -8.01 0.98
CA ASN F 22 83.13 -9.34 1.04
C ASN F 22 81.64 -9.25 1.29
N THR F 23 81.18 -8.16 1.91
CA THR F 23 79.75 -7.93 2.08
C THR F 23 79.05 -7.81 0.74
N VAL F 24 79.74 -7.26 -0.25
CA VAL F 24 79.24 -7.31 -1.63
C VAL F 24 79.19 -8.75 -2.12
N HIS F 25 80.23 -9.53 -1.82
CA HIS F 25 80.32 -10.91 -2.30
C HIS F 25 79.40 -11.87 -1.56
N ASP F 26 78.56 -11.39 -0.64
CA ASP F 26 77.64 -12.28 0.05
C ASP F 26 76.55 -12.73 -0.90
N GLN F 27 76.79 -13.87 -1.56
CA GLN F 27 75.94 -14.33 -2.65
C GLN F 27 74.53 -14.66 -2.16
N GLU F 28 74.41 -15.29 -0.99
CA GLU F 28 73.09 -15.67 -0.47
C GLU F 28 72.30 -14.44 -0.06
N HIS F 29 72.98 -13.42 0.44
CA HIS F 29 72.35 -12.13 0.70
C HIS F 29 71.84 -11.50 -0.59
N ILE F 30 72.49 -11.80 -1.72
CA ILE F 30 71.94 -11.37 -3.00
C ILE F 30 70.68 -12.16 -3.33
N MET F 31 70.68 -13.48 -3.13
CA MET F 31 69.44 -14.22 -3.30
C MET F 31 68.43 -13.87 -2.22
N GLU F 32 68.90 -13.45 -1.04
CA GLU F 32 67.98 -12.89 -0.05
C GLU F 32 67.31 -11.63 -0.60
N HIS F 33 68.06 -10.80 -1.31
CA HIS F 33 67.51 -9.55 -1.78
C HIS F 33 66.84 -9.68 -3.15
N LEU F 34 67.36 -10.51 -4.05
CA LEU F 34 66.71 -10.64 -5.35
C LEU F 34 65.46 -11.49 -5.30
N GLU F 35 65.17 -12.12 -4.17
CA GLU F 35 63.99 -12.95 -4.03
C GLU F 35 62.73 -12.09 -4.14
N GLY F 36 61.72 -12.64 -4.82
CA GLY F 36 60.43 -11.98 -4.92
C GLY F 36 60.26 -11.24 -6.23
N VAL F 37 61.29 -10.50 -6.64
CA VAL F 37 61.21 -9.74 -7.88
C VAL F 37 61.69 -10.57 -9.07
N ILE F 38 62.72 -11.38 -8.89
CA ILE F 38 63.25 -12.25 -9.94
C ILE F 38 63.18 -13.68 -9.43
N ASN F 39 62.55 -14.55 -10.20
CA ASN F 39 62.22 -15.89 -9.72
C ASN F 39 63.12 -16.96 -10.30
N LYS F 40 64.30 -16.60 -10.80
CA LYS F 40 65.27 -17.61 -11.21
C LYS F 40 66.40 -17.67 -10.19
N PRO F 41 66.50 -18.74 -9.42
CA PRO F 41 67.67 -18.91 -8.54
C PRO F 41 68.80 -19.62 -9.24
N GLU F 42 69.95 -18.96 -9.35
CA GLU F 42 71.13 -19.54 -10.00
C GLU F 42 72.35 -19.19 -9.18
N ALA F 43 73.11 -20.20 -8.76
CA ALA F 43 74.32 -19.97 -7.99
C ALA F 43 75.52 -20.27 -8.87
N GLU F 44 75.86 -19.29 -9.71
CA GLU F 44 77.12 -19.29 -10.46
C GLU F 44 77.65 -17.87 -10.61
N MET F 45 77.07 -16.89 -9.93
CA MET F 45 77.33 -15.50 -10.20
C MET F 45 78.75 -15.12 -9.81
N SER F 46 79.51 -14.62 -10.78
CA SER F 46 80.80 -14.04 -10.46
C SER F 46 80.56 -12.72 -9.71
N PRO F 47 81.58 -12.23 -8.98
CA PRO F 47 81.42 -10.94 -8.29
C PRO F 47 81.06 -9.77 -9.19
N GLN F 48 81.24 -9.89 -10.50
CA GLN F 48 80.78 -8.87 -11.41
C GLN F 48 79.26 -8.70 -11.35
N GLU F 49 78.51 -9.72 -11.78
CA GLU F 49 77.09 -9.54 -12.01
C GLU F 49 76.31 -9.32 -10.71
N LEU F 50 76.75 -9.94 -9.61
CA LEU F 50 76.05 -9.74 -8.34
C LEU F 50 76.22 -8.31 -7.83
N GLN F 51 77.39 -7.71 -8.07
CA GLN F 51 77.57 -6.32 -7.64
C GLN F 51 76.85 -5.37 -8.57
N LEU F 52 76.69 -5.74 -9.84
CA LEU F 52 75.81 -4.98 -10.73
C LEU F 52 74.36 -5.11 -10.28
N HIS F 53 73.98 -6.29 -9.79
CA HIS F 53 72.66 -6.43 -9.17
C HIS F 53 72.56 -5.56 -7.94
N TYR F 54 73.58 -5.60 -7.08
CA TYR F 54 73.55 -4.88 -5.82
C TYR F 54 73.50 -3.38 -6.04
N PHE F 55 74.28 -2.87 -7.00
CA PHE F 55 74.28 -1.44 -7.27
C PHE F 55 72.91 -0.97 -7.76
N LYS F 56 72.32 -1.71 -8.68
CA LYS F 56 71.07 -1.27 -9.27
C LYS F 56 69.89 -1.44 -8.32
N MET F 57 69.83 -2.59 -7.64
CA MET F 57 68.67 -2.86 -6.79
C MET F 57 68.65 -1.97 -5.56
N HIS F 58 69.81 -1.47 -5.12
CA HIS F 58 69.84 -0.55 -4.02
C HIS F 58 69.79 0.89 -4.49
N ASP F 59 69.73 1.11 -5.80
CA ASP F 59 69.34 2.40 -6.37
C ASP F 59 67.82 2.42 -6.49
N TYR F 60 67.17 2.49 -5.31
CA TYR F 60 65.72 2.43 -5.24
C TYR F 60 65.08 3.63 -5.94
N ASP F 61 65.74 4.78 -5.88
CA ASP F 61 65.27 5.98 -6.56
C ASP F 61 65.36 5.88 -8.07
N GLY F 62 66.05 4.88 -8.61
CA GLY F 62 66.07 4.66 -10.05
C GLY F 62 66.93 5.61 -10.84
N ASN F 63 67.81 6.37 -10.17
CA ASN F 63 68.62 7.39 -10.83
C ASN F 63 70.00 6.89 -11.23
N ASN F 64 70.31 5.61 -10.98
CA ASN F 64 71.63 5.00 -11.17
C ASN F 64 72.72 5.71 -10.37
N LEU F 65 72.32 6.47 -9.36
CA LEU F 65 73.22 7.20 -8.48
C LEU F 65 72.91 6.78 -7.06
N LEU F 66 73.94 6.50 -6.29
CA LEU F 66 73.77 6.10 -4.90
C LEU F 66 74.15 7.27 -4.01
N ASP F 67 73.27 7.63 -3.09
CA ASP F 67 73.61 8.59 -2.05
C ASP F 67 73.78 7.87 -0.72
N GLY F 68 74.29 8.60 0.28
CA GLY F 68 74.51 8.01 1.58
C GLY F 68 73.23 7.60 2.28
N LEU F 69 72.11 8.21 1.90
CA LEU F 69 70.81 7.79 2.41
C LEU F 69 70.48 6.38 1.95
N GLU F 70 70.65 6.10 0.65
CA GLU F 70 70.48 4.75 0.14
C GLU F 70 71.51 3.79 0.72
N LEU F 71 72.74 4.26 0.88
CA LEU F 71 73.82 3.42 1.39
C LEU F 71 73.55 2.99 2.82
N SER F 72 73.07 3.92 3.65
CA SER F 72 72.76 3.61 5.04
C SER F 72 71.67 2.55 5.12
N THR F 73 70.63 2.66 4.30
CA THR F 73 69.62 1.62 4.23
C THR F 73 70.22 0.33 3.70
N ALA F 74 71.13 0.43 2.73
CA ALA F 74 71.86 -0.75 2.26
C ALA F 74 72.73 -1.33 3.36
N ILE F 75 73.28 -0.48 4.22
CA ILE F 75 74.03 -0.97 5.37
C ILE F 75 73.09 -1.67 6.36
N THR F 76 71.98 -1.01 6.69
CA THR F 76 71.16 -1.47 7.82
C THR F 76 70.29 -2.66 7.45
N HIS F 77 69.34 -2.45 6.53
CA HIS F 77 68.25 -3.37 6.22
C HIS F 77 67.40 -3.72 7.43
N VAL F 78 66.48 -4.66 7.22
CA VAL F 78 65.82 -5.40 8.29
C VAL F 78 65.92 -6.87 7.89
N HIS F 79 67.03 -7.51 8.26
CA HIS F 79 67.27 -8.91 7.90
C HIS F 79 66.82 -9.81 9.04
N LYS F 80 65.50 -9.93 9.18
CA LYS F 80 64.92 -10.75 10.24
C LYS F 80 64.89 -12.22 9.83
N GLN F 86 66.49 -7.32 17.29
CA GLN F 86 67.42 -8.34 16.84
C GLN F 86 68.87 -7.88 17.05
N ALA F 87 69.53 -7.50 15.97
CA ALA F 87 70.88 -6.98 16.09
C ALA F 87 70.85 -5.58 16.67
N PRO F 88 71.83 -5.21 17.48
CA PRO F 88 71.88 -3.83 17.99
C PRO F 88 72.23 -2.85 16.87
N LEU F 89 71.50 -1.75 16.82
CA LEU F 89 71.77 -0.72 15.84
C LEU F 89 73.10 -0.05 16.13
N MET F 90 73.89 0.15 15.08
CA MET F 90 75.13 0.89 15.23
C MET F 90 74.85 2.36 15.46
N SER F 91 75.85 3.08 15.96
CA SER F 91 75.69 4.49 16.25
C SER F 91 75.50 5.28 14.96
N GLU F 92 74.74 6.37 15.07
CA GLU F 92 74.44 7.20 13.91
C GLU F 92 75.70 7.85 13.36
N ASP F 93 76.49 8.48 14.23
CA ASP F 93 77.74 9.10 13.80
C ASP F 93 78.74 8.05 13.31
N GLU F 94 78.73 6.87 13.95
CA GLU F 94 79.50 5.74 13.44
C GLU F 94 79.11 5.41 12.01
N LEU F 95 77.81 5.36 11.73
CA LEU F 95 77.34 5.20 10.37
C LEU F 95 77.74 6.38 9.50
N ILE F 96 77.69 7.59 10.07
CA ILE F 96 78.09 8.80 9.34
C ILE F 96 79.57 8.72 8.96
N ASN F 97 80.41 8.27 9.89
CA ASN F 97 81.83 8.07 9.57
C ASN F 97 82.01 6.99 8.53
N ILE F 98 81.15 5.97 8.53
CA ILE F 98 81.21 4.94 7.50
C ILE F 98 80.88 5.53 6.14
N ILE F 99 79.78 6.30 6.06
CA ILE F 99 79.38 6.91 4.79
C ILE F 99 80.40 7.94 4.34
N ASP F 100 80.88 8.77 5.28
CA ASP F 100 81.94 9.72 4.95
C ASP F 100 83.22 9.01 4.56
N GLY F 101 83.49 7.85 5.17
CA GLY F 101 84.63 7.06 4.76
C GLY F 101 84.47 6.51 3.36
N VAL F 102 83.26 6.08 3.01
CA VAL F 102 82.99 5.62 1.65
C VAL F 102 83.02 6.80 0.68
N LEU F 103 82.43 7.93 1.07
CA LEU F 103 82.38 9.10 0.20
C LEU F 103 83.77 9.63 -0.12
N ARG F 104 84.65 9.66 0.88
CA ARG F 104 86.01 10.12 0.67
C ARG F 104 86.83 9.16 -0.17
N ASP F 105 86.40 7.90 -0.27
CA ASP F 105 87.15 6.89 -0.99
C ASP F 105 86.57 6.56 -2.35
N ASP F 106 85.31 6.87 -2.61
CA ASP F 106 84.66 6.34 -3.79
C ASP F 106 84.07 7.40 -4.71
N ASP F 107 83.40 8.43 -4.18
CA ASP F 107 82.82 9.44 -5.05
C ASP F 107 83.91 10.40 -5.51
N LYS F 108 84.29 10.29 -6.78
CA LYS F 108 85.40 11.07 -7.31
C LYS F 108 84.95 12.33 -8.01
N ASN F 109 83.75 12.30 -8.59
CA ASN F 109 83.18 13.43 -9.28
C ASN F 109 82.68 14.52 -8.35
N ASN F 110 82.65 14.26 -7.04
CA ASN F 110 82.17 15.20 -6.01
C ASN F 110 80.73 15.63 -6.30
N ASP F 111 79.95 14.70 -6.85
CA ASP F 111 78.54 14.92 -7.16
C ASP F 111 77.60 14.73 -5.97
N GLY F 112 78.09 14.19 -4.86
CA GLY F 112 77.21 13.75 -3.80
C GLY F 112 76.51 12.45 -4.10
N TYR F 113 76.95 11.73 -5.14
CA TYR F 113 76.33 10.49 -5.59
C TYR F 113 77.43 9.58 -6.11
N ILE F 114 77.09 8.29 -6.26
CA ILE F 114 78.06 7.27 -6.66
C ILE F 114 77.56 6.54 -7.89
N ASP F 115 78.43 6.50 -8.90
CA ASP F 115 78.26 5.77 -10.15
C ASP F 115 78.67 4.32 -9.94
N TYR F 116 78.28 3.46 -10.88
CA TYR F 116 78.82 2.10 -10.86
C TYR F 116 80.30 2.12 -11.21
N ALA F 117 80.72 3.02 -12.10
CA ALA F 117 82.14 3.19 -12.39
C ALA F 117 82.87 3.64 -11.13
N GLU F 118 82.26 4.54 -10.36
CA GLU F 118 82.79 4.85 -9.03
C GLU F 118 82.70 3.63 -8.12
N PHE F 119 81.58 2.90 -8.20
CA PHE F 119 81.41 1.68 -7.40
C PHE F 119 82.43 0.61 -7.79
N ALA F 120 82.75 0.49 -9.07
CA ALA F 120 83.68 -0.53 -9.54
C ALA F 120 85.12 -0.25 -9.13
N LYS F 121 85.41 0.93 -8.58
CA LYS F 121 86.78 1.27 -8.19
C LYS F 121 87.28 0.35 -7.08
N SER F 122 86.45 0.07 -6.10
CA SER F 122 86.84 -0.80 -4.99
C SER F 122 86.22 -2.18 -5.14
N LEU G 19 17.28 22.73 -57.97
CA LEU G 19 18.47 21.89 -57.98
C LEU G 19 18.60 21.09 -59.25
N ASP G 20 19.48 21.53 -60.13
CA ASP G 20 19.87 20.70 -61.26
C ASP G 20 20.69 19.52 -60.77
N LYS G 21 20.69 18.44 -61.55
CA LYS G 21 21.38 17.23 -61.15
C LYS G 21 22.89 17.44 -61.08
N ASN G 22 23.47 18.05 -62.12
CA ASN G 22 24.91 18.29 -62.15
C ASN G 22 25.35 19.28 -61.10
N THR G 23 24.44 20.14 -60.63
CA THR G 23 24.73 20.97 -59.47
C THR G 23 24.97 20.13 -58.24
N VAL G 24 24.22 19.04 -58.10
CA VAL G 24 24.44 18.09 -57.03
C VAL G 24 25.62 17.16 -57.36
N HIS G 25 25.96 17.01 -58.64
CA HIS G 25 26.91 16.00 -59.07
C HIS G 25 28.33 16.52 -59.17
N ASP G 26 28.74 17.40 -58.26
CA ASP G 26 30.11 17.88 -58.14
C ASP G 26 30.85 17.12 -57.03
N GLN G 27 31.35 15.93 -57.39
CA GLN G 27 31.94 15.05 -56.39
C GLN G 27 33.25 15.59 -55.85
N GLU G 28 33.98 16.37 -56.65
CA GLU G 28 35.20 17.00 -56.14
C GLU G 28 34.89 18.12 -55.16
N HIS G 29 33.73 18.77 -55.31
CA HIS G 29 33.32 19.77 -54.33
C HIS G 29 32.89 19.13 -53.03
N ILE G 30 32.14 18.03 -53.10
CA ILE G 30 31.78 17.36 -51.85
C ILE G 30 32.99 16.65 -51.28
N MET G 31 33.98 16.34 -52.12
CA MET G 31 35.27 15.92 -51.61
C MET G 31 35.92 17.04 -50.80
N GLU G 32 35.69 18.29 -51.22
CA GLU G 32 36.10 19.43 -50.41
C GLU G 32 35.21 19.61 -49.19
N HIS G 33 34.06 18.91 -49.15
CA HIS G 33 33.23 18.93 -47.96
C HIS G 33 33.67 17.88 -46.95
N LEU G 34 34.03 16.68 -47.43
CA LEU G 34 34.05 15.49 -46.58
C LEU G 34 35.41 15.18 -45.96
N GLU G 35 36.46 15.95 -46.24
CA GLU G 35 37.78 15.58 -45.73
C GLU G 35 37.86 15.75 -44.22
N GLY G 36 38.71 14.94 -43.59
CA GLY G 36 38.75 14.89 -42.12
C GLY G 36 37.64 14.07 -41.52
N VAL G 37 36.39 14.35 -41.92
CA VAL G 37 35.27 13.47 -41.65
C VAL G 37 35.55 12.07 -42.20
N ILE G 38 36.03 12.03 -43.43
CA ILE G 38 36.51 10.81 -44.09
C ILE G 38 37.49 11.23 -45.17
N ASN G 39 38.61 10.51 -45.26
CA ASN G 39 39.69 10.97 -46.13
C ASN G 39 40.17 9.91 -47.12
N LYS G 40 39.40 8.85 -47.34
CA LYS G 40 39.79 7.85 -48.32
C LYS G 40 39.34 8.27 -49.71
N PRO G 41 40.23 8.31 -50.69
CA PRO G 41 39.80 8.68 -52.05
C PRO G 41 39.06 7.55 -52.73
N GLU G 42 37.93 7.89 -53.35
CA GLU G 42 37.06 6.91 -54.01
C GLU G 42 36.56 7.55 -55.29
N ALA G 43 37.30 7.33 -56.38
CA ALA G 43 36.97 7.92 -57.68
C ALA G 43 36.11 6.98 -58.51
N GLU G 44 35.04 6.47 -57.89
CA GLU G 44 34.00 5.73 -58.59
C GLU G 44 32.64 6.11 -58.02
N MET G 45 32.53 7.30 -57.45
CA MET G 45 31.34 7.75 -56.74
C MET G 45 30.22 7.98 -57.74
N SER G 46 29.20 7.12 -57.71
CA SER G 46 28.06 7.25 -58.60
C SER G 46 27.25 8.48 -58.21
N PRO G 47 26.54 9.10 -59.17
CA PRO G 47 25.76 10.30 -58.84
C PRO G 47 24.72 10.11 -57.76
N GLN G 48 24.05 8.95 -57.71
CA GLN G 48 23.14 8.68 -56.61
C GLN G 48 23.89 8.42 -55.31
N GLU G 49 25.13 7.91 -55.40
CA GLU G 49 25.93 7.68 -54.20
C GLU G 49 26.38 9.00 -53.59
N LEU G 50 26.40 10.07 -54.37
CA LEU G 50 26.81 11.36 -53.88
C LEU G 50 25.66 12.36 -53.76
N GLN G 51 24.49 12.05 -54.33
CA GLN G 51 23.29 12.80 -53.99
C GLN G 51 23.00 12.69 -52.49
N LEU G 52 23.09 11.48 -51.97
CA LEU G 52 22.90 11.25 -50.55
C LEU G 52 24.04 11.85 -49.72
N HIS G 53 25.24 11.97 -50.30
CA HIS G 53 26.28 12.78 -49.65
C HIS G 53 25.81 14.21 -49.51
N TYR G 54 25.30 14.79 -50.61
CA TYR G 54 24.81 16.16 -50.62
C TYR G 54 23.67 16.34 -49.65
N PHE G 55 22.84 15.31 -49.49
CA PHE G 55 21.83 15.30 -48.44
C PHE G 55 22.48 15.28 -47.06
N LYS G 56 23.52 14.47 -46.89
CA LYS G 56 24.11 14.27 -45.57
C LYS G 56 24.89 15.50 -45.10
N MET G 57 25.75 16.05 -45.96
CA MET G 57 26.64 17.12 -45.52
C MET G 57 25.91 18.45 -45.33
N HIS G 58 24.68 18.56 -45.82
CA HIS G 58 23.91 19.78 -45.68
C HIS G 58 22.75 19.64 -44.70
N ASP G 59 22.61 18.48 -44.05
CA ASP G 59 21.64 18.32 -42.97
C ASP G 59 22.33 18.63 -41.63
N TYR G 60 22.56 19.93 -41.41
CA TYR G 60 23.26 20.37 -40.22
C TYR G 60 22.42 20.15 -38.97
N ASP G 61 21.09 20.24 -39.11
CA ASP G 61 20.19 20.07 -37.98
C ASP G 61 20.18 18.64 -37.46
N GLY G 62 20.59 17.67 -38.27
CA GLY G 62 20.62 16.29 -37.84
C GLY G 62 19.27 15.60 -37.89
N ASN G 63 18.23 16.28 -38.35
CA ASN G 63 16.92 15.67 -38.47
C ASN G 63 16.80 14.72 -39.65
N ASN G 64 17.82 14.69 -40.52
CA ASN G 64 17.77 14.00 -41.81
C ASN G 64 16.57 14.45 -42.62
N LEU G 65 16.29 15.75 -42.55
CA LEU G 65 15.10 16.35 -43.16
C LEU G 65 15.53 17.75 -43.61
N LEU G 66 15.85 17.86 -44.90
CA LEU G 66 16.35 19.11 -45.43
C LEU G 66 15.24 20.14 -45.55
N ASP G 67 15.51 21.36 -45.08
CA ASP G 67 14.62 22.49 -45.27
C ASP G 67 15.28 23.50 -46.20
N GLY G 68 14.53 24.56 -46.52
CA GLY G 68 15.05 25.60 -47.38
C GLY G 68 16.20 26.36 -46.77
N LEU G 69 16.26 26.42 -45.43
CA LEU G 69 17.35 27.13 -44.77
C LEU G 69 18.68 26.42 -44.98
N GLU G 70 18.72 25.11 -44.72
CA GLU G 70 19.93 24.33 -44.97
C GLU G 70 20.29 24.34 -46.45
N LEU G 71 19.28 24.20 -47.32
CA LEU G 71 19.53 24.19 -48.74
C LEU G 71 19.94 25.56 -49.26
N SER G 72 19.55 26.63 -48.57
CA SER G 72 20.06 27.95 -48.91
C SER G 72 21.56 28.01 -48.72
N THR G 73 22.05 27.48 -47.60
CA THR G 73 23.49 27.39 -47.38
C THR G 73 24.14 26.43 -48.37
N ALA G 74 23.40 25.41 -48.81
CA ALA G 74 23.91 24.49 -49.81
C ALA G 74 24.19 25.22 -51.13
N ILE G 75 23.30 26.11 -51.52
CA ILE G 75 23.47 26.78 -52.81
C ILE G 75 24.24 28.08 -52.70
N THR G 76 24.15 28.79 -51.57
CA THR G 76 24.92 30.03 -51.43
C THR G 76 26.40 29.74 -51.24
N HIS G 77 26.73 28.78 -50.36
CA HIS G 77 28.10 28.35 -50.08
C HIS G 77 29.06 29.43 -49.58
N VAL G 78 30.26 28.99 -49.22
CA VAL G 78 31.35 29.87 -48.84
C VAL G 78 32.67 29.35 -49.41
N HIS G 79 32.63 28.84 -50.64
CA HIS G 79 33.82 28.24 -51.24
C HIS G 79 34.50 29.21 -52.20
N GLN G 86 34.67 37.28 -53.89
CA GLN G 86 34.73 36.18 -54.85
C GLN G 86 33.51 36.19 -55.76
N ALA G 87 32.71 35.14 -55.69
CA ALA G 87 31.48 35.09 -56.47
C ALA G 87 30.44 36.05 -55.89
N PRO G 88 29.69 36.75 -56.74
CA PRO G 88 28.65 37.65 -56.23
C PRO G 88 27.49 36.88 -55.61
N LEU G 89 27.01 37.36 -54.46
CA LEU G 89 25.90 36.72 -53.78
C LEU G 89 24.59 37.06 -54.50
N MET G 90 23.78 36.04 -54.79
CA MET G 90 22.60 36.21 -55.61
C MET G 90 21.53 37.04 -54.89
N SER G 91 20.66 37.65 -55.68
CA SER G 91 19.64 38.52 -55.12
C SER G 91 18.60 37.71 -54.36
N GLU G 92 17.92 38.40 -53.43
CA GLU G 92 17.03 37.74 -52.50
C GLU G 92 15.82 37.13 -53.21
N ASP G 93 15.19 37.90 -54.11
CA ASP G 93 13.97 37.42 -54.76
C ASP G 93 14.27 36.32 -55.76
N GLU G 94 15.40 36.41 -56.47
CA GLU G 94 15.83 35.29 -57.31
C GLU G 94 16.13 34.07 -56.45
N LEU G 95 16.75 34.29 -55.29
CA LEU G 95 16.98 33.20 -54.36
C LEU G 95 15.66 32.64 -53.86
N ILE G 96 14.64 33.51 -53.73
CA ILE G 96 13.29 33.04 -53.41
C ILE G 96 12.75 32.18 -54.54
N ASN G 97 12.91 32.63 -55.79
CA ASN G 97 12.30 31.98 -56.94
C ASN G 97 12.79 30.55 -57.09
N ILE G 98 14.09 30.32 -56.90
CA ILE G 98 14.58 28.96 -56.95
C ILE G 98 14.14 28.17 -55.72
N ILE G 99 14.15 28.80 -54.54
CA ILE G 99 13.83 28.03 -53.33
C ILE G 99 12.32 27.81 -53.22
N ASP G 100 11.51 28.70 -53.81
CA ASP G 100 10.07 28.46 -53.82
C ASP G 100 9.73 27.41 -54.87
N GLY G 101 10.40 27.45 -56.02
CA GLY G 101 10.14 26.48 -57.06
C GLY G 101 10.55 25.07 -56.68
N VAL G 102 11.71 24.93 -56.02
CA VAL G 102 12.17 23.63 -55.57
C VAL G 102 11.25 23.09 -54.49
N LEU G 103 10.86 23.95 -53.55
CA LEU G 103 9.86 23.58 -52.55
C LEU G 103 8.53 23.19 -53.18
N ARG G 104 8.18 23.81 -54.31
CA ARG G 104 6.91 23.53 -54.96
C ARG G 104 6.87 22.14 -55.60
N ASP G 105 7.93 21.74 -56.29
CA ASP G 105 7.88 20.53 -57.11
C ASP G 105 8.56 19.32 -56.49
N ASP G 106 9.63 19.51 -55.72
CA ASP G 106 10.46 18.39 -55.31
C ASP G 106 9.78 17.53 -54.26
N ASP G 107 9.11 18.16 -53.29
CA ASP G 107 8.52 17.34 -52.25
C ASP G 107 7.02 17.26 -52.45
N LYS G 108 6.42 16.18 -51.94
CA LYS G 108 5.05 15.86 -52.25
C LYS G 108 4.21 15.61 -51.00
N ASN G 109 4.86 15.48 -49.84
CA ASN G 109 4.14 15.25 -48.60
C ASN G 109 3.76 16.56 -47.93
N ASN G 110 4.11 17.70 -48.55
CA ASN G 110 3.73 19.04 -48.10
C ASN G 110 4.20 19.31 -46.68
N ASP G 111 5.40 18.83 -46.38
CA ASP G 111 6.04 18.91 -45.08
C ASP G 111 6.71 20.24 -44.80
N GLY G 112 7.02 21.01 -45.85
CA GLY G 112 8.01 22.05 -45.69
C GLY G 112 9.41 21.50 -45.61
N TYR G 113 9.63 20.31 -46.14
CA TYR G 113 10.88 19.59 -46.00
C TYR G 113 11.09 18.64 -47.17
N ILE G 114 12.36 18.52 -47.54
CA ILE G 114 12.81 17.61 -48.59
C ILE G 114 13.37 16.38 -47.90
N ASP G 115 12.95 15.20 -48.35
CA ASP G 115 13.32 13.95 -47.70
C ASP G 115 13.97 13.02 -48.71
N TYR G 116 14.50 11.91 -48.20
CA TYR G 116 14.99 10.82 -49.05
C TYR G 116 13.91 10.32 -50.00
N ALA G 117 12.67 10.26 -49.51
CA ALA G 117 11.53 9.97 -50.38
C ALA G 117 11.35 11.03 -51.44
N GLU G 118 11.82 12.25 -51.18
CA GLU G 118 11.56 13.40 -52.03
C GLU G 118 12.79 13.88 -52.79
N PHE G 119 13.96 13.91 -52.14
CA PHE G 119 15.17 14.45 -52.76
C PHE G 119 15.66 13.57 -53.91
N ALA G 120 16.06 12.33 -53.59
CA ALA G 120 16.66 11.48 -54.60
C ALA G 120 15.66 11.05 -55.65
N LYS G 121 14.38 11.03 -55.30
CA LYS G 121 13.34 10.73 -56.28
C LYS G 121 13.19 11.87 -57.29
N SER G 122 13.21 13.11 -56.82
CA SER G 122 13.11 14.26 -57.70
C SER G 122 14.47 14.94 -57.86
N LEU H 19 29.81 15.83 45.33
CA LEU H 19 29.94 17.25 44.99
C LEU H 19 29.55 18.15 46.15
N ASP H 20 30.54 18.84 46.70
CA ASP H 20 30.27 19.83 47.74
C ASP H 20 29.64 21.08 47.13
N LYS H 21 28.91 21.82 47.96
CA LYS H 21 28.24 23.01 47.47
C LYS H 21 29.23 24.12 47.15
N ASN H 22 30.21 24.35 48.03
CA ASN H 22 31.21 25.39 47.81
C ASN H 22 32.07 25.10 46.60
N THR H 23 32.20 23.83 46.22
CA THR H 23 32.84 23.48 44.96
C THR H 23 32.10 24.09 43.79
N VAL H 24 30.77 24.05 43.83
CA VAL H 24 29.95 24.75 42.86
C VAL H 24 29.91 26.25 43.14
N HIS H 25 30.03 26.66 44.40
CA HIS H 25 29.84 28.05 44.78
C HIS H 25 31.09 28.90 44.59
N ASP H 26 31.92 28.53 43.62
CA ASP H 26 33.06 29.33 43.16
C ASP H 26 32.61 30.32 42.08
N GLN H 27 32.03 31.44 42.53
CA GLN H 27 31.51 32.43 41.59
C GLN H 27 32.62 33.10 40.80
N GLU H 28 33.81 33.22 41.38
CA GLU H 28 34.94 33.78 40.64
C GLU H 28 35.47 32.81 39.58
N HIS H 29 35.38 31.50 39.84
CA HIS H 29 35.80 30.53 38.83
C HIS H 29 34.80 30.47 37.68
N ILE H 30 33.50 30.46 37.98
CA ILE H 30 32.54 30.48 36.89
C ILE H 30 32.55 31.86 36.22
N MET H 31 33.02 32.89 36.93
CA MET H 31 33.28 34.17 36.30
C MET H 31 34.42 34.06 35.30
N GLU H 32 35.47 33.32 35.65
CA GLU H 32 36.53 32.98 34.70
C GLU H 32 36.00 32.12 33.56
N HIS H 33 34.92 31.37 33.80
CA HIS H 33 34.30 30.64 32.70
C HIS H 33 33.56 31.58 31.76
N LEU H 34 32.68 32.44 32.27
CA LEU H 34 31.77 33.23 31.37
C LEU H 34 32.46 34.12 30.32
N GLU H 35 33.54 34.83 30.64
CA GLU H 35 34.16 35.79 29.68
C GLU H 35 33.98 35.34 28.22
N GLY H 36 33.46 36.23 27.35
CA GLY H 36 33.32 35.89 25.94
C GLY H 36 31.87 35.82 25.53
N VAL H 37 31.03 35.24 26.38
CA VAL H 37 29.60 35.20 26.12
C VAL H 37 28.90 36.36 26.83
N ILE H 38 28.98 36.37 28.15
CA ILE H 38 28.45 37.45 28.98
C ILE H 38 29.61 38.21 29.57
N ASN H 39 29.57 39.53 29.43
CA ASN H 39 30.63 40.42 29.89
C ASN H 39 30.18 41.32 31.05
N LYS H 40 29.26 40.82 31.88
CA LYS H 40 28.74 41.59 32.99
C LYS H 40 29.27 41.03 34.30
N PRO H 41 30.00 41.82 35.08
CA PRO H 41 30.33 41.39 36.45
C PRO H 41 29.20 41.74 37.40
N GLU H 42 28.76 40.74 38.16
CA GLU H 42 27.59 40.86 39.02
C GLU H 42 27.96 40.28 40.39
N ALA H 43 28.39 41.15 41.30
CA ALA H 43 28.85 40.72 42.63
C ALA H 43 27.71 40.78 43.66
N GLU H 44 26.57 40.18 43.31
CA GLU H 44 25.47 40.00 44.26
C GLU H 44 24.81 38.64 44.07
N MET H 45 25.56 37.66 43.59
CA MET H 45 24.98 36.40 43.14
C MET H 45 24.54 35.55 44.32
N SER H 46 23.29 35.06 44.25
CA SER H 46 22.96 34.04 45.23
C SER H 46 23.54 32.70 44.75
N PRO H 47 23.90 31.79 45.67
CA PRO H 47 24.56 30.55 45.23
C PRO H 47 23.68 29.66 44.36
N GLN H 48 22.36 29.66 44.55
CA GLN H 48 21.49 28.94 43.63
C GLN H 48 21.50 29.57 42.25
N GLU H 49 21.65 30.90 42.18
CA GLU H 49 21.70 31.65 40.93
C GLU H 49 22.97 31.40 40.14
N LEU H 50 23.97 30.76 40.75
CA LEU H 50 25.21 30.40 40.07
C LEU H 50 25.39 28.89 39.93
N GLN H 51 24.69 28.10 40.74
CA GLN H 51 24.65 26.65 40.53
C GLN H 51 24.16 26.35 39.12
N LEU H 52 23.12 27.05 38.71
CA LEU H 52 22.58 26.92 37.37
C LEU H 52 23.57 27.37 36.31
N HIS H 53 24.38 28.39 36.60
CA HIS H 53 25.44 28.78 35.69
C HIS H 53 26.49 27.68 35.55
N TYR H 54 26.86 27.06 36.67
CA TYR H 54 27.82 25.97 36.65
C TYR H 54 27.27 24.78 35.87
N PHE H 55 25.96 24.56 35.98
CA PHE H 55 25.28 23.57 35.15
C PHE H 55 25.41 23.92 33.67
N LYS H 56 25.15 25.17 33.32
CA LYS H 56 25.06 25.54 31.90
C LYS H 56 26.42 25.54 31.23
N MET H 57 27.46 26.05 31.92
CA MET H 57 28.78 26.13 31.33
C MET H 57 29.43 24.77 31.16
N HIS H 58 28.96 23.75 31.89
CA HIS H 58 29.48 22.40 31.74
C HIS H 58 28.51 21.48 31.02
N ASP H 59 27.37 21.99 30.58
CA ASP H 59 26.48 21.25 29.69
C ASP H 59 26.91 21.50 28.24
N TYR H 60 28.10 20.98 27.93
CA TYR H 60 28.67 21.15 26.59
C TYR H 60 27.82 20.47 25.53
N ASP H 61 27.16 19.37 25.90
CA ASP H 61 26.32 18.65 24.97
C ASP H 61 25.09 19.43 24.56
N GLY H 62 24.70 20.45 25.33
CA GLY H 62 23.55 21.26 24.98
C GLY H 62 22.22 20.63 25.27
N ASN H 63 22.19 19.45 25.88
CA ASN H 63 20.93 18.78 26.19
C ASN H 63 20.30 19.27 27.48
N ASN H 64 20.94 20.23 28.18
CA ASN H 64 20.55 20.69 29.51
C ASN H 64 20.53 19.53 30.49
N LEU H 65 21.45 18.59 30.32
CA LEU H 65 21.37 17.30 31.00
C LEU H 65 22.80 16.79 31.14
N LEU H 66 23.40 17.03 32.30
CA LEU H 66 24.75 16.57 32.57
C LEU H 66 24.81 15.06 32.65
N ASP H 67 25.98 14.51 32.32
CA ASP H 67 26.32 13.11 32.51
C ASP H 67 27.61 13.01 33.30
N GLY H 68 28.01 11.78 33.61
CA GLY H 68 29.24 11.58 34.37
C GLY H 68 30.47 12.07 33.64
N LEU H 69 30.45 12.05 32.30
CA LEU H 69 31.59 12.54 31.54
C LEU H 69 31.72 14.05 31.64
N GLU H 70 30.63 14.79 31.43
CA GLU H 70 30.70 16.24 31.55
C GLU H 70 30.93 16.69 32.98
N LEU H 71 30.38 15.96 33.95
CA LEU H 71 30.70 16.25 35.35
C LEU H 71 32.16 15.97 35.64
N SER H 72 32.73 14.94 35.01
CA SER H 72 34.14 14.68 35.14
C SER H 72 34.96 15.83 34.56
N THR H 73 34.51 16.39 33.44
CA THR H 73 35.17 17.58 32.90
C THR H 73 35.04 18.76 33.85
N ALA H 74 33.87 18.90 34.49
CA ALA H 74 33.64 19.98 35.43
C ALA H 74 34.58 19.89 36.63
N ILE H 75 34.77 18.68 37.16
CA ILE H 75 35.58 18.53 38.35
C ILE H 75 37.07 18.47 38.03
N THR H 76 37.45 17.92 36.87
CA THR H 76 38.86 17.81 36.53
C THR H 76 39.47 19.16 36.20
N HIS H 77 38.77 19.95 35.37
CA HIS H 77 39.19 21.30 34.98
C HIS H 77 40.54 21.42 34.29
N VAL H 78 40.84 22.62 33.80
CA VAL H 78 42.13 22.94 33.21
C VAL H 78 42.57 24.33 33.64
N HIS H 79 42.34 24.68 34.90
CA HIS H 79 42.59 26.04 35.36
C HIS H 79 43.83 26.08 36.25
N GLN H 86 50.82 22.02 37.18
CA GLN H 86 50.12 22.67 38.28
C GLN H 86 49.71 21.64 39.34
N ALA H 87 48.40 21.41 39.47
CA ALA H 87 47.89 20.45 40.43
C ALA H 87 48.14 19.02 39.94
N PRO H 88 48.39 18.09 40.85
CA PRO H 88 48.47 16.68 40.45
C PRO H 88 47.11 16.16 40.00
N LEU H 89 47.09 15.54 38.82
CA LEU H 89 45.85 14.98 38.31
C LEU H 89 45.43 13.80 39.18
N MET H 90 44.16 13.80 39.57
CA MET H 90 43.68 12.84 40.55
C MET H 90 43.70 11.43 39.97
N SER H 91 43.75 10.44 40.86
CA SER H 91 43.77 9.07 40.41
C SER H 91 42.43 8.72 39.76
N GLU H 92 42.52 7.86 38.74
CA GLU H 92 41.34 7.50 37.96
C GLU H 92 40.31 6.78 38.82
N ASP H 93 40.78 5.96 39.76
CA ASP H 93 39.85 5.17 40.56
C ASP H 93 39.16 6.03 41.61
N GLU H 94 39.87 6.98 42.20
CA GLU H 94 39.20 7.93 43.10
C GLU H 94 38.24 8.83 42.34
N LEU H 95 38.61 9.19 41.11
CA LEU H 95 37.69 9.92 40.24
C LEU H 95 36.44 9.10 39.96
N ILE H 96 36.61 7.79 39.74
CA ILE H 96 35.49 6.89 39.57
C ILE H 96 34.67 6.81 40.85
N ASN H 97 35.34 6.79 42.00
CA ASN H 97 34.63 6.73 43.28
C ASN H 97 33.73 7.93 43.48
N ILE H 98 34.28 9.13 43.25
CA ILE H 98 33.48 10.34 43.48
C ILE H 98 32.38 10.47 42.42
N ILE H 99 32.67 10.14 41.17
CA ILE H 99 31.64 10.27 40.13
C ILE H 99 30.55 9.21 40.32
N ASP H 100 30.92 8.03 40.83
CA ASP H 100 29.92 6.98 41.03
C ASP H 100 29.09 7.26 42.27
N GLY H 101 29.70 7.87 43.29
CA GLY H 101 28.92 8.31 44.44
C GLY H 101 27.92 9.39 44.08
N VAL H 102 28.37 10.38 43.30
CA VAL H 102 27.47 11.45 42.86
C VAL H 102 26.38 10.89 41.97
N LEU H 103 26.72 9.97 41.07
CA LEU H 103 25.74 9.26 40.26
C LEU H 103 24.75 8.47 41.12
N ARG H 104 25.21 7.91 42.22
CA ARG H 104 24.38 7.05 43.06
C ARG H 104 23.39 7.86 43.88
N ASP H 105 23.81 8.98 44.48
CA ASP H 105 22.92 9.70 45.37
C ASP H 105 22.07 10.77 44.69
N ASP H 106 22.41 11.18 43.47
CA ASP H 106 21.71 12.29 42.85
C ASP H 106 20.84 11.90 41.66
N ASP H 107 21.12 10.77 41.00
CA ASP H 107 20.36 10.35 39.84
C ASP H 107 19.21 9.47 40.33
N LYS H 108 18.09 10.12 40.66
CA LYS H 108 16.90 9.38 41.05
C LYS H 108 16.13 8.87 39.83
N ASN H 109 16.42 9.40 38.65
CA ASN H 109 15.69 8.94 37.46
C ASN H 109 16.20 7.60 36.97
N ASN H 110 17.45 7.25 37.32
CA ASN H 110 18.19 6.13 36.73
C ASN H 110 18.24 6.24 35.21
N ASP H 111 18.25 7.48 34.72
CA ASP H 111 18.46 7.79 33.32
C ASP H 111 19.91 7.71 32.91
N GLY H 112 20.83 7.55 33.86
CA GLY H 112 22.23 7.75 33.57
C GLY H 112 22.60 9.20 33.39
N TYR H 113 21.80 10.10 33.94
CA TYR H 113 21.95 11.53 33.71
C TYR H 113 21.46 12.33 34.91
N ILE H 114 21.96 13.55 35.01
CA ILE H 114 21.53 14.50 36.03
C ILE H 114 20.84 15.66 35.34
N ASP H 115 19.62 15.94 35.75
CA ASP H 115 18.91 17.12 35.31
C ASP H 115 18.90 18.15 36.44
N TYR H 116 18.36 19.32 36.15
CA TYR H 116 18.22 20.38 37.15
C TYR H 116 17.43 19.92 38.36
N ALA H 117 16.35 19.16 38.14
CA ALA H 117 15.57 18.63 39.24
C ALA H 117 16.38 17.62 40.06
N GLU H 118 17.38 17.01 39.44
CA GLU H 118 18.35 16.23 40.20
C GLU H 118 19.55 17.07 40.62
N PHE H 119 19.84 18.14 39.89
CA PHE H 119 21.00 18.97 40.23
C PHE H 119 20.68 19.96 41.34
N ALA H 120 19.70 20.85 41.10
CA ALA H 120 19.42 21.92 42.07
C ALA H 120 18.80 21.38 43.35
N LYS H 121 18.26 20.16 43.31
CA LYS H 121 17.81 19.51 44.53
C LYS H 121 18.99 19.14 45.42
N SER H 122 20.03 18.55 44.84
CA SER H 122 21.19 18.12 45.59
C SER H 122 22.48 18.59 44.93
CA CA I . 45.69 30.37 -25.34
CA CA J . 49.86 28.03 -22.78
CA CA K . 9.51 44.94 -15.08
CA CA L . 5.96 42.85 -12.03
CA CA M . 46.60 32.20 8.20
CA CA N . 47.28 36.75 5.01
CA CA O . 39.80 -4.90 1.52
CA CA P . 35.59 -7.97 -1.04
CA CA Q . 46.65 71.50 -11.76
CA CA R . 38.47 64.86 -12.57
ZN ZN S . 26.25 72.03 -20.30
CA CA T . 79.59 10.21 -8.23
CA CA U . 70.04 6.53 -5.92
ZN ZN V . 70.55 -6.75 2.69
CA CA W . 8.23 17.42 -48.95
CA CA X . 17.74 19.13 -42.12
ZN ZN Y . 30.09 23.50 -51.00
CA CA Z . 18.41 11.61 36.12
CA CA AA . 24.67 17.62 29.50
ZN ZN BA . 36.66 25.70 35.82
#